data_4HCY
#
_entry.id   4HCY
#
_cell.length_a   104.09
_cell.length_b   201.86
_cell.length_c   305.24
_cell.angle_alpha   90.00
_cell.angle_beta   90.00
_cell.angle_gamma   90.00
#
_symmetry.space_group_name_H-M   'C 2 2 21'
#
loop_
_entity.id
_entity.type
_entity.pdbx_description
1 polymer thiaminase-I
2 non-polymer 2-{4-[(4-amino-2-methylpyrimidin-5-yl)methyl]-3-methylthiophen-2-yl}ethanol
#
_entity_poly.entity_id   1
_entity_poly.type   'polypeptide(L)'
_entity_poly.pdbx_seq_one_letter_code
;HMSTQPKTLTVGLFPYLPSWNENGNEVKLINLIKDVLPTQVSGYNIEYTEFDCYSDASLQSLPDVFSTDSIFLPYLVSLG
GVKSLDESLVRGVTGDLHSFVSSSASVNGSVYGFPQYLCSNFLLSSPNATQQASSLLELAQKVGYEQIVYPDVASSSSFT
VFGLYQQLLQSSSSAAVDIKASDLPQSGDQVNKDITQKYRTILDSTVVASQREYINSVKQGKPISNYYVGYSESMCEIKD
IIRDQQYNVQLIGTSDKPYVYTDVLALNSNLCDEKQKVAVEVIKNLLTNTLVLDLLGLGLTLPANKNGIAHLAKSSNFYA
QLSQQFDAKESEVRVLRCVDFANKEVKNCAGVLRPFL
;
_entity_poly.pdbx_strand_id   A,B,C,D,E,F
#
# COMPACT_ATOMS: atom_id res chain seq x y z
N PRO A 6 -17.24 2.27 33.27
CA PRO A 6 -17.89 1.76 34.48
C PRO A 6 -16.88 1.48 35.58
N LYS A 7 -16.30 0.28 35.59
CA LYS A 7 -15.30 -0.08 36.58
C LYS A 7 -13.89 -0.05 35.99
N THR A 8 -13.22 1.09 36.11
CA THR A 8 -11.88 1.25 35.58
C THR A 8 -10.87 1.54 36.68
N LEU A 9 -9.66 1.02 36.52
CA LEU A 9 -8.58 1.25 37.48
C LEU A 9 -7.50 2.13 36.87
N THR A 10 -7.36 3.34 37.39
CA THR A 10 -6.33 4.26 36.91
C THR A 10 -4.98 3.98 37.56
N VAL A 11 -3.99 3.66 36.73
CA VAL A 11 -2.66 3.35 37.23
C VAL A 11 -1.64 4.39 36.77
N GLY A 12 -1.00 5.04 37.74
CA GLY A 12 0.03 6.02 37.45
C GLY A 12 1.42 5.43 37.55
N LEU A 13 2.13 5.38 36.43
CA LEU A 13 3.45 4.78 36.39
C LEU A 13 4.57 5.80 36.48
N PHE A 14 5.71 5.38 37.02
CA PHE A 14 6.90 6.21 37.06
C PHE A 14 7.43 6.37 35.63
N PRO A 15 7.39 7.60 35.10
CA PRO A 15 7.66 7.86 33.69
C PRO A 15 9.13 8.09 33.36
N TYR A 16 9.97 8.24 34.38
CA TYR A 16 11.38 8.56 34.14
C TYR A 16 12.24 7.31 33.97
N LEU A 17 12.01 6.61 32.86
CA LEU A 17 12.77 5.42 32.51
C LEU A 17 13.69 5.74 31.34
N PRO A 18 14.70 4.88 31.08
CA PRO A 18 15.65 5.11 29.99
C PRO A 18 15.00 5.33 28.62
N SER A 19 15.76 5.91 27.70
CA SER A 19 15.29 6.13 26.34
C SER A 19 16.44 5.94 25.35
N TRP A 20 16.25 5.04 24.39
CA TRP A 20 17.23 4.83 23.34
C TRP A 20 16.96 5.80 22.19
N ASN A 21 18.03 6.21 21.51
CA ASN A 21 17.89 7.15 20.41
C ASN A 21 19.06 7.07 19.43
N GLU A 22 18.74 6.83 18.16
CA GLU A 22 19.75 6.79 17.11
C GLU A 22 19.42 7.83 16.05
N ASN A 23 19.35 9.09 16.48
CA ASN A 23 18.99 10.22 15.62
C ASN A 23 17.57 10.15 15.06
N GLY A 24 16.69 11.00 15.58
CA GLY A 24 15.32 11.07 15.10
C GLY A 24 14.39 10.12 15.85
N ASN A 25 14.60 8.82 15.66
CA ASN A 25 13.78 7.80 16.31
C ASN A 25 14.10 7.68 17.79
N GLU A 26 13.09 7.89 18.62
CA GLU A 26 13.25 7.77 20.07
C GLU A 26 12.39 6.65 20.63
N VAL A 27 13.03 5.68 21.27
CA VAL A 27 12.32 4.56 21.89
C VAL A 27 12.36 4.71 23.41
N LYS A 28 11.18 4.79 24.02
CA LYS A 28 11.07 4.95 25.47
C LYS A 28 10.75 3.62 26.14
N LEU A 29 11.54 3.26 27.14
CA LEU A 29 11.37 1.99 27.85
C LEU A 29 10.01 1.91 28.54
N ILE A 30 9.47 3.07 28.93
CA ILE A 30 8.17 3.12 29.58
C ILE A 30 7.05 2.72 28.61
N ASN A 31 7.28 2.95 27.32
CA ASN A 31 6.34 2.52 26.29
C ASN A 31 6.40 1.01 26.07
N LEU A 32 7.59 0.45 26.18
CA LEU A 32 7.77 -0.99 26.02
C LEU A 32 7.08 -1.75 27.15
N ILE A 33 7.25 -1.27 28.38
CA ILE A 33 6.61 -1.88 29.53
C ILE A 33 5.09 -1.72 29.48
N LYS A 34 4.64 -0.55 29.05
CA LYS A 34 3.21 -0.27 28.94
C LYS A 34 2.52 -1.22 27.95
N ASP A 35 3.20 -1.49 26.83
CA ASP A 35 2.65 -2.38 25.81
C ASP A 35 2.88 -3.85 26.13
N VAL A 36 2.91 -4.16 27.43
CA VAL A 36 3.12 -5.52 27.90
C VAL A 36 2.13 -5.81 29.03
N LEU A 37 1.78 -4.76 29.77
CA LEU A 37 0.83 -4.85 30.87
C LEU A 37 -0.60 -5.05 30.36
N PRO A 38 -1.36 -5.93 31.01
CA PRO A 38 -2.74 -6.24 30.63
C PRO A 38 -3.69 -5.07 30.87
N THR A 39 -4.56 -4.81 29.90
CA THR A 39 -5.54 -3.73 30.02
C THR A 39 -6.86 -4.26 30.59
N GLN A 40 -6.90 -5.56 30.84
CA GLN A 40 -8.10 -6.19 31.37
C GLN A 40 -7.75 -7.17 32.50
N VAL A 41 -8.08 -6.80 33.72
CA VAL A 41 -7.78 -7.63 34.89
C VAL A 41 -8.98 -7.74 35.83
N SER A 42 -9.42 -8.98 36.06
CA SER A 42 -10.51 -9.27 36.99
C SER A 42 -11.80 -8.49 36.68
N GLY A 43 -12.07 -8.29 35.40
CA GLY A 43 -13.26 -7.58 34.98
C GLY A 43 -13.06 -6.08 34.88
N TYR A 44 -12.06 -5.57 35.59
CA TYR A 44 -11.77 -4.14 35.59
C TYR A 44 -10.94 -3.73 34.38
N ASN A 45 -11.23 -2.54 33.86
CA ASN A 45 -10.43 -1.95 32.79
C ASN A 45 -9.26 -1.19 33.40
N ILE A 46 -8.06 -1.44 32.89
CA ILE A 46 -6.86 -0.88 33.49
C ILE A 46 -6.23 0.22 32.61
N GLU A 47 -6.18 1.43 33.14
CA GLU A 47 -5.59 2.56 32.42
C GLU A 47 -4.20 2.89 32.96
N TYR A 48 -3.18 2.67 32.14
CA TYR A 48 -1.82 3.01 32.52
C TYR A 48 -1.43 4.37 31.95
N THR A 49 -1.14 5.31 32.84
CA THR A 49 -0.68 6.64 32.42
C THR A 49 0.56 7.04 33.19
N GLU A 50 1.31 7.99 32.64
CA GLU A 50 2.52 8.48 33.29
C GLU A 50 2.18 9.43 34.43
N PHE A 51 2.68 9.11 35.63
CA PHE A 51 2.43 9.92 36.81
C PHE A 51 3.70 10.61 37.28
N ASP A 52 3.78 11.91 37.03
CA ASP A 52 4.96 12.68 37.39
C ASP A 52 4.94 13.11 38.85
N CYS A 53 5.58 12.32 39.70
CA CYS A 53 5.64 12.62 41.13
C CYS A 53 6.49 13.87 41.38
N TYR A 54 7.26 14.27 40.39
CA TYR A 54 8.08 15.47 40.49
C TYR A 54 7.30 16.71 40.02
N SER A 55 5.99 16.64 40.15
CA SER A 55 5.11 17.75 39.88
C SER A 55 4.11 17.88 41.03
N ASP A 56 4.10 19.03 41.69
CA ASP A 56 3.21 19.25 42.83
C ASP A 56 1.73 19.14 42.44
N ALA A 57 1.44 19.47 41.19
CA ALA A 57 0.07 19.39 40.69
C ALA A 57 -0.42 17.94 40.63
N SER A 58 0.50 17.03 40.31
CA SER A 58 0.16 15.62 40.23
C SER A 58 0.02 14.98 41.61
N LEU A 59 0.78 15.50 42.58
CA LEU A 59 0.71 15.01 43.94
C LEU A 59 -0.60 15.46 44.60
N GLN A 60 -1.25 16.44 44.00
CA GLN A 60 -2.47 17.01 44.55
C GLN A 60 -3.71 16.22 44.10
N SER A 61 -3.57 15.50 43.00
CA SER A 61 -4.67 14.69 42.48
C SER A 61 -4.21 13.27 42.15
N LEU A 62 -4.23 12.40 43.16
CA LEU A 62 -3.74 11.04 43.02
C LEU A 62 -4.72 10.13 42.29
N PRO A 63 -4.20 9.20 41.47
CA PRO A 63 -5.01 8.17 40.82
C PRO A 63 -5.33 7.04 41.78
N ASP A 64 -5.89 5.95 41.28
CA ASP A 64 -6.19 4.79 42.11
C ASP A 64 -4.90 4.18 42.67
N VAL A 65 -3.93 3.97 41.80
CA VAL A 65 -2.60 3.51 42.20
C VAL A 65 -1.53 4.28 41.43
N PHE A 66 -0.50 4.71 42.14
CA PHE A 66 0.54 5.54 41.55
C PHE A 66 1.94 5.13 42.00
N SER A 67 2.93 5.39 41.17
CA SER A 67 4.32 5.11 41.50
C SER A 67 5.05 6.42 41.81
N THR A 68 5.32 6.65 43.09
CA THR A 68 5.98 7.88 43.51
C THR A 68 7.37 7.61 44.07
N ASP A 69 8.24 8.60 43.93
CA ASP A 69 9.54 8.58 44.59
C ASP A 69 9.27 8.68 46.09
N SER A 70 9.94 7.84 46.88
CA SER A 70 9.73 7.81 48.32
C SER A 70 10.18 9.11 48.99
N ILE A 71 10.89 9.95 48.24
CA ILE A 71 11.38 11.23 48.75
C ILE A 71 10.22 12.14 49.15
N PHE A 72 9.05 11.92 48.59
CA PHE A 72 7.87 12.72 48.89
C PHE A 72 6.83 11.92 49.67
N LEU A 73 7.17 10.67 49.99
CA LEU A 73 6.23 9.77 50.64
C LEU A 73 5.70 10.23 52.01
N PRO A 74 6.60 10.62 52.94
CA PRO A 74 6.08 11.07 54.23
C PRO A 74 5.17 12.30 54.10
N TYR A 75 5.52 13.21 53.21
CA TYR A 75 4.70 14.38 52.94
C TYR A 75 3.38 13.98 52.28
N LEU A 76 3.45 12.93 51.46
CA LEU A 76 2.27 12.44 50.77
C LEU A 76 1.32 11.76 51.75
N VAL A 77 1.89 11.12 52.77
CA VAL A 77 1.10 10.47 53.81
C VAL A 77 0.41 11.52 54.68
N SER A 78 1.10 12.62 54.94
CA SER A 78 0.56 13.70 55.76
C SER A 78 -0.69 14.31 55.15
N LEU A 79 -0.78 14.29 53.83
CA LEU A 79 -1.96 14.79 53.13
C LEU A 79 -3.12 13.81 53.27
N GLY A 80 -2.80 12.57 53.64
CA GLY A 80 -3.80 11.55 53.89
C GLY A 80 -4.33 10.88 52.63
N GLY A 81 -3.77 11.26 51.48
CA GLY A 81 -4.24 10.74 50.20
C GLY A 81 -3.81 9.32 49.91
N VAL A 82 -3.07 8.70 50.83
CA VAL A 82 -2.60 7.34 50.65
C VAL A 82 -3.20 6.38 51.68
N LYS A 83 -3.29 5.12 51.32
CA LYS A 83 -3.84 4.11 52.21
C LYS A 83 -2.75 3.28 52.89
N SER A 84 -2.90 3.06 54.19
CA SER A 84 -1.98 2.22 54.93
C SER A 84 -2.18 0.75 54.56
N LEU A 85 -1.09 0.00 54.50
CA LEU A 85 -1.15 -1.39 54.07
C LEU A 85 -0.68 -2.35 55.16
N ASP A 86 -1.24 -3.56 55.16
CA ASP A 86 -0.83 -4.59 56.11
C ASP A 86 0.56 -5.11 55.75
N GLU A 87 1.34 -5.46 56.76
CA GLU A 87 2.71 -5.92 56.56
C GLU A 87 2.74 -7.22 55.76
N SER A 88 1.73 -8.07 55.97
CA SER A 88 1.66 -9.36 55.31
C SER A 88 1.29 -9.24 53.83
N LEU A 89 0.40 -8.30 53.51
CA LEU A 89 -0.06 -8.12 52.14
C LEU A 89 1.06 -7.73 51.19
N VAL A 90 1.89 -6.79 51.61
CA VAL A 90 3.01 -6.32 50.80
C VAL A 90 4.09 -7.40 50.71
N ARG A 91 4.33 -8.09 51.82
CA ARG A 91 5.36 -9.12 51.88
C ARG A 91 5.05 -10.29 50.94
N GLY A 92 3.76 -10.59 50.79
CA GLY A 92 3.33 -11.68 49.94
C GLY A 92 3.47 -11.38 48.46
N VAL A 93 3.56 -10.10 48.14
CA VAL A 93 3.69 -9.65 46.75
C VAL A 93 5.15 -9.47 46.35
N THR A 94 5.87 -8.66 47.12
CA THR A 94 7.25 -8.32 46.80
C THR A 94 8.24 -9.40 47.20
N GLY A 95 8.00 -10.02 48.36
CA GLY A 95 8.91 -11.02 48.88
C GLY A 95 9.85 -10.41 49.91
N ASP A 96 11.11 -10.82 49.86
CA ASP A 96 12.11 -10.29 50.79
C ASP A 96 12.60 -8.92 50.35
N LEU A 97 12.56 -7.96 51.26
CA LEU A 97 13.01 -6.60 50.98
C LEU A 97 14.21 -6.26 51.86
N HIS A 98 15.13 -5.46 51.31
CA HIS A 98 16.25 -4.95 52.09
C HIS A 98 15.72 -4.00 53.16
N SER A 99 16.50 -3.79 54.22
CA SER A 99 16.08 -2.95 55.34
C SER A 99 15.79 -1.51 54.90
N PHE A 100 16.65 -0.96 54.06
CA PHE A 100 16.48 0.41 53.58
C PHE A 100 15.31 0.52 52.60
N VAL A 101 15.07 -0.54 51.84
CA VAL A 101 13.95 -0.57 50.91
C VAL A 101 12.62 -0.57 51.63
N SER A 102 12.49 -1.44 52.63
CA SER A 102 11.25 -1.55 53.40
C SER A 102 11.00 -0.31 54.24
N SER A 103 12.08 0.29 54.73
CA SER A 103 11.98 1.50 55.54
C SER A 103 11.59 2.70 54.70
N SER A 104 11.92 2.65 53.41
CA SER A 104 11.62 3.74 52.49
C SER A 104 10.13 3.82 52.20
N ALA A 105 9.42 2.72 52.45
CA ALA A 105 7.98 2.68 52.24
C ALA A 105 7.24 2.81 53.56
N SER A 106 8.00 2.87 54.66
CA SER A 106 7.43 2.94 56.00
C SER A 106 7.34 4.38 56.51
N VAL A 107 6.15 4.77 56.93
CA VAL A 107 5.93 6.09 57.52
C VAL A 107 5.16 5.95 58.83
N ASN A 108 5.78 6.38 59.92
CA ASN A 108 5.19 6.30 61.25
C ASN A 108 4.81 4.88 61.66
N GLY A 109 5.73 3.94 61.41
CA GLY A 109 5.51 2.55 61.77
C GLY A 109 4.40 1.88 60.97
N SER A 110 4.25 2.30 59.72
CA SER A 110 3.22 1.75 58.84
C SER A 110 3.67 1.73 57.39
N VAL A 111 3.38 0.63 56.69
CA VAL A 111 3.73 0.49 55.29
C VAL A 111 2.71 1.20 54.40
N TYR A 112 3.20 2.05 53.49
CA TYR A 112 2.31 2.83 52.64
C TYR A 112 2.53 2.59 51.15
N GLY A 113 2.96 1.40 50.78
CA GLY A 113 3.10 1.07 49.38
C GLY A 113 4.06 -0.06 49.06
N PHE A 114 4.02 -0.51 47.81
CA PHE A 114 4.88 -1.58 47.33
C PHE A 114 6.11 -0.99 46.65
N PRO A 115 7.29 -1.29 47.18
CA PRO A 115 8.56 -0.84 46.57
C PRO A 115 8.72 -1.40 45.16
N GLN A 116 8.90 -0.52 44.18
CA GLN A 116 8.99 -0.94 42.78
C GLN A 116 10.40 -0.80 42.21
N TYR A 117 10.99 0.38 42.36
CA TYR A 117 12.28 0.66 41.75
C TYR A 117 13.39 0.99 42.75
N LEU A 118 14.61 0.62 42.41
CA LEU A 118 15.79 0.97 43.20
C LEU A 118 16.71 1.82 42.35
N CYS A 119 17.30 2.85 42.94
CA CYS A 119 18.26 3.68 42.23
C CYS A 119 19.18 4.45 43.16
N SER A 120 20.32 4.86 42.62
CA SER A 120 21.32 5.61 43.37
C SER A 120 22.33 6.20 42.40
N ASN A 121 23.15 7.13 42.88
CA ASN A 121 24.25 7.63 42.08
C ASN A 121 25.45 6.71 42.21
N PHE A 122 25.45 5.64 41.43
CA PHE A 122 26.50 4.63 41.49
C PHE A 122 27.79 5.12 40.86
N LEU A 123 28.90 4.49 41.22
CA LEU A 123 30.19 4.80 40.63
C LEU A 123 30.57 3.78 39.56
N LEU A 124 30.62 4.22 38.31
CA LEU A 124 31.02 3.34 37.22
C LEU A 124 32.52 3.47 36.97
N SER A 125 33.29 2.55 37.56
CA SER A 125 34.74 2.58 37.44
C SER A 125 35.23 1.75 36.25
N SER A 126 36.15 2.31 35.48
CA SER A 126 36.71 1.66 34.30
C SER A 126 37.60 0.49 34.74
N PRO A 127 37.93 -0.41 33.79
CA PRO A 127 38.93 -1.46 34.08
C PRO A 127 40.24 -0.85 34.55
N ASN A 128 40.66 0.23 33.89
CA ASN A 128 41.86 0.95 34.27
C ASN A 128 41.59 1.93 35.42
N ALA A 129 40.82 1.49 36.40
CA ALA A 129 40.51 2.29 37.58
C ALA A 129 41.78 2.62 38.35
N THR A 130 42.28 3.84 38.15
CA THR A 130 43.50 4.31 38.81
C THR A 130 43.35 4.42 40.32
N GLN A 131 42.11 4.49 40.80
CA GLN A 131 41.87 4.66 42.22
C GLN A 131 40.61 3.94 42.72
N GLN A 132 40.61 3.59 44.00
CA GLN A 132 39.42 3.05 44.67
C GLN A 132 39.04 3.99 45.81
N ALA A 133 37.74 4.02 46.14
CA ALA A 133 37.26 4.91 47.19
C ALA A 133 35.97 4.41 47.84
N SER A 134 35.65 4.94 49.01
CA SER A 134 34.42 4.60 49.72
C SER A 134 33.43 5.76 49.68
N SER A 135 33.93 6.96 49.45
CA SER A 135 33.09 8.14 49.36
C SER A 135 33.54 9.06 48.23
N LEU A 136 32.63 9.88 47.72
CA LEU A 136 32.94 10.79 46.62
C LEU A 136 33.89 11.90 47.05
N LEU A 137 33.93 12.17 48.36
CA LEU A 137 34.89 13.12 48.90
C LEU A 137 36.29 12.53 48.85
N GLU A 138 36.39 11.24 49.19
CA GLU A 138 37.66 10.54 49.17
C GLU A 138 38.19 10.42 47.74
N LEU A 139 37.29 10.15 46.81
CA LEU A 139 37.65 10.01 45.41
C LEU A 139 38.03 11.35 44.80
N ALA A 140 37.52 12.43 45.38
CA ALA A 140 37.81 13.77 44.90
C ALA A 140 39.26 14.17 45.20
N GLN A 141 39.71 13.81 46.39
CA GLN A 141 41.06 14.16 46.83
C GLN A 141 42.12 13.28 46.15
N LYS A 142 41.80 12.00 46.00
CA LYS A 142 42.75 11.04 45.46
C LYS A 142 43.06 11.25 43.97
N VAL A 143 42.04 11.57 43.19
CA VAL A 143 42.21 11.69 41.74
C VAL A 143 42.57 13.10 41.30
N GLY A 144 41.79 14.09 41.73
CA GLY A 144 42.14 15.48 41.48
C GLY A 144 41.13 16.32 40.72
N TYR A 145 41.62 17.45 40.19
CA TYR A 145 40.77 18.44 39.54
C TYR A 145 40.26 17.98 38.16
N GLU A 146 38.94 17.99 38.01
CA GLU A 146 38.28 17.62 36.76
C GLU A 146 38.71 16.25 36.23
N GLN A 147 38.25 15.20 36.90
CA GLN A 147 38.62 13.83 36.53
C GLN A 147 37.42 12.89 36.56
N ILE A 148 36.43 13.24 37.36
CA ILE A 148 35.23 12.43 37.52
C ILE A 148 34.08 13.00 36.69
N VAL A 149 33.37 12.13 35.97
CA VAL A 149 32.19 12.56 35.22
C VAL A 149 30.94 12.44 36.09
N TYR A 150 30.25 13.57 36.27
CA TYR A 150 29.07 13.62 37.11
C TYR A 150 28.15 14.71 36.56
N PRO A 151 27.37 14.37 35.51
CA PRO A 151 26.54 15.31 34.75
C PRO A 151 25.59 16.14 35.61
N ASP A 152 24.89 15.50 36.54
CA ASP A 152 23.91 16.19 37.37
C ASP A 152 24.55 17.20 38.32
N VAL A 153 25.82 16.98 38.65
CA VAL A 153 26.55 17.92 39.51
C VAL A 153 27.17 19.03 38.67
N ALA A 154 27.69 18.66 37.51
CA ALA A 154 28.28 19.64 36.59
C ALA A 154 27.22 20.61 36.07
N SER A 155 26.00 20.12 35.90
CA SER A 155 24.91 20.94 35.39
C SER A 155 24.09 21.57 36.52
N SER A 156 24.43 21.20 37.75
CA SER A 156 23.74 21.69 38.94
C SER A 156 22.23 21.46 38.89
N SER A 157 21.83 20.20 38.70
CA SER A 157 20.42 19.83 38.67
C SER A 157 19.80 20.07 40.04
N SER A 158 18.58 20.59 40.05
CA SER A 158 17.88 20.98 41.27
C SER A 158 17.86 19.90 42.35
N PHE A 159 17.48 18.68 41.96
CA PHE A 159 17.39 17.57 42.90
C PHE A 159 18.76 17.06 43.35
N THR A 160 19.78 17.34 42.56
CA THR A 160 21.14 16.93 42.89
C THR A 160 21.79 17.95 43.82
N VAL A 161 21.59 19.23 43.52
CA VAL A 161 22.08 20.32 44.36
C VAL A 161 21.43 20.23 45.74
N PHE A 162 20.11 20.09 45.75
CA PHE A 162 19.35 19.89 46.98
C PHE A 162 19.74 18.59 47.66
N GLY A 163 19.90 17.54 46.86
CA GLY A 163 20.19 16.21 47.36
C GLY A 163 21.51 16.08 48.08
N LEU A 164 22.61 16.42 47.38
CA LEU A 164 23.94 16.25 47.93
C LEU A 164 24.16 17.09 49.18
N TYR A 165 23.59 18.29 49.18
CA TYR A 165 23.71 19.20 50.32
C TYR A 165 23.13 18.58 51.58
N GLN A 166 22.00 17.90 51.44
CA GLN A 166 21.32 17.31 52.58
C GLN A 166 21.99 16.01 53.02
N GLN A 167 22.64 15.33 52.10
CA GLN A 167 23.36 14.10 52.41
C GLN A 167 24.61 14.41 53.23
N LEU A 168 25.32 15.46 52.83
CA LEU A 168 26.53 15.88 53.55
C LEU A 168 26.17 16.39 54.94
N LEU A 169 25.08 17.13 55.03
CA LEU A 169 24.67 17.76 56.29
C LEU A 169 24.06 16.77 57.28
N GLN A 170 23.01 16.08 56.86
CA GLN A 170 22.26 15.22 57.77
C GLN A 170 22.97 13.91 58.10
N SER A 171 22.57 13.31 59.22
CA SER A 171 23.08 12.02 59.64
C SER A 171 21.98 11.30 60.43
N SER A 172 21.93 9.98 60.30
CA SER A 172 20.88 9.22 60.97
C SER A 172 21.33 7.80 61.34
N SER A 173 20.64 7.21 62.30
CA SER A 173 20.90 5.83 62.70
C SER A 173 20.05 4.87 61.89
N SER A 174 18.80 5.25 61.67
CA SER A 174 17.88 4.47 60.83
C SER A 174 18.13 4.80 59.36
N ALA A 175 17.41 4.11 58.48
CA ALA A 175 17.59 4.27 57.04
C ALA A 175 16.93 5.54 56.51
N ALA A 176 15.81 5.92 57.11
CA ALA A 176 15.03 7.06 56.64
C ALA A 176 15.54 8.38 57.20
N VAL A 177 16.07 9.23 56.32
CA VAL A 177 16.49 10.57 56.69
C VAL A 177 15.38 11.56 56.38
N ASP A 178 14.43 11.69 57.30
CA ASP A 178 13.26 12.53 57.09
C ASP A 178 13.50 13.97 57.53
N ILE A 179 13.44 14.89 56.58
CA ILE A 179 13.72 16.30 56.86
C ILE A 179 12.46 17.16 56.73
N LYS A 180 12.46 18.28 57.45
CA LYS A 180 11.33 19.21 57.41
C LYS A 180 11.68 20.42 56.55
N ALA A 181 10.70 21.29 56.32
CA ALA A 181 10.92 22.48 55.50
C ALA A 181 11.80 23.51 56.21
N SER A 182 11.90 23.37 57.54
CA SER A 182 12.71 24.29 58.33
C SER A 182 14.20 23.98 58.20
N ASP A 183 14.51 22.79 57.70
CA ASP A 183 15.89 22.37 57.52
C ASP A 183 16.46 22.82 56.18
N LEU A 184 15.71 23.67 55.48
CA LEU A 184 16.13 24.15 54.17
C LEU A 184 16.61 25.60 54.24
N PRO A 185 17.78 25.86 53.64
CA PRO A 185 18.32 27.23 53.51
C PRO A 185 17.32 28.13 52.81
N GLN A 186 17.10 29.32 53.35
CA GLN A 186 16.06 30.21 52.85
C GLN A 186 16.63 31.48 52.22
N SER A 187 17.92 31.72 52.42
CA SER A 187 18.52 32.97 52.00
C SER A 187 19.98 32.81 51.57
N GLY A 188 20.86 32.65 52.56
CA GLY A 188 22.28 32.54 52.31
C GLY A 188 23.04 32.52 53.62
N ASP A 189 22.44 33.14 54.64
CA ASP A 189 22.99 33.13 55.98
C ASP A 189 22.67 31.82 56.68
N GLN A 190 21.82 31.00 56.05
CA GLN A 190 21.45 29.70 56.59
C GLN A 190 22.23 28.58 55.90
N VAL A 191 22.96 28.94 54.87
CA VAL A 191 23.77 27.97 54.13
C VAL A 191 25.01 27.58 54.91
N ASN A 192 25.12 26.28 55.25
CA ASN A 192 26.30 25.77 55.95
C ASN A 192 27.51 25.78 55.01
N LYS A 193 28.50 26.60 55.34
CA LYS A 193 29.67 26.75 54.49
C LYS A 193 30.57 25.52 54.47
N ASP A 194 30.63 24.80 55.59
CA ASP A 194 31.42 23.57 55.67
C ASP A 194 30.88 22.54 54.69
N ILE A 195 29.55 22.45 54.61
CA ILE A 195 28.89 21.54 53.67
C ILE A 195 29.13 22.02 52.24
N THR A 196 28.98 23.32 52.03
CA THR A 196 29.18 23.92 50.72
C THR A 196 30.65 23.79 50.27
N GLN A 197 31.55 23.76 51.24
CA GLN A 197 32.97 23.60 50.95
C GLN A 197 33.26 22.19 50.42
N LYS A 198 32.59 21.20 50.99
CA LYS A 198 32.78 19.81 50.58
C LYS A 198 32.14 19.55 49.23
N TYR A 199 31.00 20.18 48.98
CA TYR A 199 30.33 20.06 47.69
C TYR A 199 31.23 20.61 46.60
N ARG A 200 31.92 21.70 46.91
CA ARG A 200 32.82 22.35 45.95
C ARG A 200 33.95 21.42 45.54
N THR A 201 34.46 20.64 46.49
CA THR A 201 35.54 19.71 46.21
C THR A 201 35.10 18.64 45.20
N ILE A 202 33.85 18.21 45.32
CA ILE A 202 33.29 17.24 44.39
C ILE A 202 33.07 17.89 43.03
N LEU A 203 32.56 19.12 43.04
CA LEU A 203 32.33 19.86 41.81
C LEU A 203 33.64 20.18 41.08
N ASP A 204 34.69 20.43 41.86
CA ASP A 204 36.01 20.70 41.29
C ASP A 204 36.59 19.45 40.63
N SER A 205 36.27 18.30 41.19
CA SER A 205 36.73 17.02 40.64
C SER A 205 35.84 16.56 39.49
N THR A 206 34.88 17.38 39.13
CA THR A 206 33.92 17.04 38.07
C THR A 206 34.23 17.71 36.74
N VAL A 207 34.36 16.90 35.69
CA VAL A 207 34.61 17.41 34.35
C VAL A 207 33.35 18.05 33.78
N VAL A 208 33.51 19.13 33.03
CA VAL A 208 32.38 19.79 32.39
C VAL A 208 31.96 19.02 31.15
N ALA A 209 31.20 17.94 31.36
CA ALA A 209 30.75 17.10 30.26
C ALA A 209 29.40 16.46 30.56
N SER A 210 28.52 16.43 29.55
CA SER A 210 27.19 15.87 29.71
C SER A 210 27.23 14.34 29.65
N GLN A 211 26.07 13.72 29.87
CA GLN A 211 25.97 12.25 29.82
C GLN A 211 26.15 11.74 28.40
N ARG A 212 25.56 12.44 27.43
CA ARG A 212 25.65 12.04 26.03
C ARG A 212 27.09 12.04 25.54
N GLU A 213 27.87 13.00 26.01
CA GLU A 213 29.28 13.10 25.64
C GLU A 213 30.09 11.95 26.22
N TYR A 214 29.75 11.53 27.44
CA TYR A 214 30.43 10.42 28.09
C TYR A 214 30.11 9.09 27.42
N ILE A 215 28.84 8.87 27.11
CA ILE A 215 28.40 7.65 26.46
C ILE A 215 29.05 7.48 25.10
N ASN A 216 28.99 8.53 24.29
CA ASN A 216 29.59 8.51 22.96
C ASN A 216 31.10 8.27 22.99
N SER A 217 31.73 8.69 24.08
CA SER A 217 33.17 8.49 24.24
C SER A 217 33.47 7.01 24.51
N VAL A 218 32.66 6.38 25.35
CA VAL A 218 32.84 4.97 25.68
C VAL A 218 32.55 4.09 24.46
N LYS A 219 31.52 4.46 23.70
CA LYS A 219 31.16 3.71 22.50
C LYS A 219 32.27 3.78 21.44
N GLN A 220 32.94 4.92 21.36
CA GLN A 220 34.00 5.11 20.38
C GLN A 220 35.34 4.58 20.88
N GLY A 221 35.33 3.97 22.06
CA GLY A 221 36.53 3.33 22.60
C GLY A 221 37.50 4.27 23.26
N LYS A 222 37.14 5.56 23.33
CA LYS A 222 37.99 6.56 23.94
C LYS A 222 37.27 7.32 25.06
N PRO A 223 37.16 6.70 26.25
CA PRO A 223 36.47 7.29 27.40
C PRO A 223 37.13 8.59 27.85
N ILE A 224 36.31 9.60 28.15
CA ILE A 224 36.83 10.89 28.61
C ILE A 224 37.24 10.83 30.07
N SER A 225 36.90 9.73 30.74
CA SER A 225 37.26 9.52 32.13
C SER A 225 37.07 8.07 32.54
N ASN A 226 37.83 7.64 33.54
CA ASN A 226 37.70 6.29 34.08
C ASN A 226 36.72 6.26 35.26
N TYR A 227 36.06 7.38 35.50
CA TYR A 227 35.12 7.51 36.61
C TYR A 227 33.81 8.12 36.14
N TYR A 228 32.69 7.52 36.54
CA TYR A 228 31.39 8.04 36.19
C TYR A 228 30.38 7.84 37.33
N VAL A 229 29.68 8.92 37.68
CA VAL A 229 28.66 8.85 38.71
C VAL A 229 27.30 9.22 38.13
N GLY A 230 26.29 8.43 38.46
CA GLY A 230 24.95 8.68 37.97
C GLY A 230 24.00 7.53 38.20
N TYR A 231 22.79 7.62 37.65
CA TYR A 231 21.79 6.58 37.78
C TYR A 231 22.23 5.34 36.99
N SER A 232 21.77 4.17 37.44
CA SER A 232 22.07 2.93 36.75
C SER A 232 21.45 2.92 35.36
N GLU A 233 20.31 3.59 35.23
CA GLU A 233 19.59 3.67 33.97
C GLU A 233 20.37 4.46 32.92
N SER A 234 21.21 5.37 33.38
CA SER A 234 21.98 6.23 32.47
C SER A 234 23.14 5.50 31.81
N MET A 235 23.41 4.28 32.27
CA MET A 235 24.52 3.49 31.74
C MET A 235 24.02 2.39 30.81
N CYS A 236 22.73 2.43 30.47
CA CYS A 236 22.12 1.33 29.72
C CYS A 236 22.55 1.26 28.27
N GLU A 237 23.04 2.38 27.74
CA GLU A 237 23.45 2.43 26.33
C GLU A 237 24.84 1.83 26.11
N ILE A 238 25.49 1.44 27.20
CA ILE A 238 26.80 0.81 27.13
C ILE A 238 26.86 -0.43 28.02
N LYS A 239 25.71 -1.06 28.23
CA LYS A 239 25.61 -2.22 29.12
C LYS A 239 26.44 -3.39 28.62
N ASP A 240 26.66 -3.45 27.31
CA ASP A 240 27.46 -4.50 26.71
C ASP A 240 28.95 -4.25 26.96
N ILE A 241 29.35 -2.98 26.84
CA ILE A 241 30.73 -2.59 27.07
C ILE A 241 31.10 -2.75 28.53
N ILE A 242 30.17 -2.42 29.42
CA ILE A 242 30.36 -2.60 30.86
C ILE A 242 30.62 -4.07 31.18
N ARG A 243 29.92 -4.95 30.48
CA ARG A 243 30.06 -6.39 30.66
C ARG A 243 31.36 -6.92 30.05
N ASP A 244 31.59 -6.58 28.80
CA ASP A 244 32.73 -7.11 28.05
C ASP A 244 34.08 -6.61 28.57
N GLN A 245 34.24 -5.30 28.67
CA GLN A 245 35.50 -4.72 29.13
C GLN A 245 35.66 -4.84 30.65
N GLN A 246 34.59 -5.25 31.32
CA GLN A 246 34.58 -5.45 32.77
C GLN A 246 34.68 -4.16 33.57
N TYR A 247 33.69 -3.27 33.41
CA TYR A 247 33.57 -2.09 34.25
C TYR A 247 33.06 -2.49 35.63
N ASN A 248 33.26 -1.62 36.61
CA ASN A 248 32.79 -1.89 37.97
C ASN A 248 31.76 -0.88 38.46
N VAL A 249 30.81 -1.35 39.25
CA VAL A 249 29.80 -0.48 39.85
C VAL A 249 29.70 -0.73 41.35
N GLN A 250 29.44 0.34 42.10
CA GLN A 250 29.36 0.24 43.55
C GLN A 250 28.53 1.36 44.16
N LEU A 251 27.90 1.06 45.29
CA LEU A 251 27.22 2.08 46.08
C LEU A 251 28.25 2.98 46.74
N ILE A 252 28.35 4.21 46.26
CA ILE A 252 29.28 5.16 46.86
C ILE A 252 28.54 6.38 47.40
N GLY A 253 28.84 6.74 48.64
CA GLY A 253 28.24 7.90 49.25
C GLY A 253 29.02 9.14 48.88
N THR A 254 28.38 10.31 48.99
CA THR A 254 29.08 11.56 48.79
C THR A 254 29.99 11.77 50.00
N SER A 255 29.53 11.29 51.14
CA SER A 255 30.31 11.30 52.37
C SER A 255 29.80 10.20 53.30
N ASP A 256 30.70 9.30 53.69
CA ASP A 256 30.37 8.20 54.59
C ASP A 256 29.28 7.29 54.04
N LYS A 257 28.03 7.55 54.45
CA LYS A 257 26.90 6.70 54.08
C LYS A 257 26.48 6.87 52.62
N PRO A 258 26.08 5.78 51.97
CA PRO A 258 25.58 5.81 50.59
C PRO A 258 24.07 6.00 50.53
N TYR A 259 23.62 6.89 49.65
CA TYR A 259 22.19 7.19 49.52
C TYR A 259 21.52 6.45 48.37
N VAL A 260 20.21 6.30 48.46
CA VAL A 260 19.45 5.50 47.51
C VAL A 260 18.05 6.07 47.26
N TYR A 261 17.63 6.07 46.00
CA TYR A 261 16.27 6.42 45.64
C TYR A 261 15.42 5.16 45.54
N THR A 262 14.17 5.24 45.99
CA THR A 262 13.23 4.14 45.79
C THR A 262 11.88 4.66 45.30
N ASP A 263 11.37 4.06 44.24
CA ASP A 263 10.02 4.37 43.77
C ASP A 263 9.04 3.38 44.37
N VAL A 264 7.91 3.87 44.83
CA VAL A 264 6.96 3.05 45.57
C VAL A 264 5.55 3.10 44.98
N LEU A 265 5.00 1.94 44.66
CA LEU A 265 3.63 1.83 44.19
C LEU A 265 2.66 1.90 45.37
N ALA A 266 1.91 3.00 45.45
CA ALA A 266 1.00 3.21 46.57
C ALA A 266 -0.46 3.17 46.13
N LEU A 267 -1.34 2.83 47.07
CA LEU A 267 -2.77 2.79 46.80
C LEU A 267 -3.46 4.04 47.34
N ASN A 268 -4.44 4.52 46.59
CA ASN A 268 -5.21 5.69 47.01
C ASN A 268 -6.04 5.35 48.26
N SER A 269 -6.30 6.36 49.08
CA SER A 269 -7.02 6.15 50.33
C SER A 269 -8.51 5.92 50.11
N ASN A 270 -9.01 6.29 48.93
CA ASN A 270 -10.44 6.16 48.64
C ASN A 270 -10.79 4.93 47.83
N LEU A 271 -10.01 3.87 47.97
CA LEU A 271 -10.25 2.63 47.23
C LEU A 271 -11.15 1.67 48.01
N CYS A 272 -12.19 1.18 47.35
CA CYS A 272 -13.09 0.20 47.94
C CYS A 272 -12.41 -1.16 47.99
N ASP A 273 -13.08 -2.14 48.57
CA ASP A 273 -12.52 -3.47 48.73
C ASP A 273 -12.44 -4.24 47.41
N GLU A 274 -13.32 -3.90 46.47
CA GLU A 274 -13.33 -4.55 45.17
C GLU A 274 -12.21 -4.01 44.29
N LYS A 275 -11.86 -2.75 44.48
CA LYS A 275 -10.78 -2.13 43.72
C LYS A 275 -9.41 -2.44 44.32
N GLN A 276 -9.37 -2.62 45.63
CA GLN A 276 -8.10 -2.87 46.32
C GLN A 276 -7.46 -4.19 45.89
N LYS A 277 -8.29 -5.21 45.70
CA LYS A 277 -7.80 -6.52 45.26
C LYS A 277 -7.30 -6.50 43.82
N VAL A 278 -7.99 -5.73 42.97
CA VAL A 278 -7.60 -5.60 41.57
C VAL A 278 -6.32 -4.81 41.44
N ALA A 279 -6.18 -3.76 42.26
CA ALA A 279 -4.98 -2.94 42.26
C ALA A 279 -3.76 -3.74 42.67
N VAL A 280 -3.90 -4.52 43.74
CA VAL A 280 -2.82 -5.39 44.21
C VAL A 280 -2.42 -6.39 43.13
N GLU A 281 -3.42 -6.90 42.41
CA GLU A 281 -3.19 -7.86 41.35
C GLU A 281 -2.38 -7.24 40.22
N VAL A 282 -2.74 -6.02 39.84
CA VAL A 282 -2.01 -5.27 38.83
C VAL A 282 -0.60 -4.98 39.30
N ILE A 283 -0.49 -4.59 40.57
CA ILE A 283 0.80 -4.31 41.19
C ILE A 283 1.68 -5.54 41.25
N LYS A 284 1.10 -6.67 41.68
CA LYS A 284 1.83 -7.91 41.78
C LYS A 284 2.33 -8.36 40.40
N ASN A 285 1.59 -8.01 39.36
CA ASN A 285 2.02 -8.25 37.99
C ASN A 285 3.24 -7.41 37.66
N LEU A 286 3.16 -6.11 37.92
CA LEU A 286 4.24 -5.17 37.65
C LEU A 286 5.57 -5.58 38.28
N LEU A 287 5.49 -6.15 39.48
CA LEU A 287 6.70 -6.44 40.25
C LEU A 287 7.25 -7.85 40.03
N THR A 288 6.42 -8.74 39.52
CA THR A 288 6.80 -10.15 39.41
C THR A 288 6.84 -10.71 37.98
N ASN A 289 6.21 -10.01 37.04
CA ASN A 289 6.20 -10.46 35.65
C ASN A 289 7.62 -10.50 35.08
N THR A 290 8.03 -11.68 34.65
CA THR A 290 9.40 -11.89 34.17
C THR A 290 9.70 -11.10 32.90
N LEU A 291 8.69 -10.91 32.06
CA LEU A 291 8.86 -10.12 30.84
C LEU A 291 9.10 -8.65 31.17
N VAL A 292 8.41 -8.18 32.21
CA VAL A 292 8.59 -6.81 32.68
C VAL A 292 9.99 -6.63 33.27
N LEU A 293 10.42 -7.61 34.06
CA LEU A 293 11.75 -7.58 34.67
C LEU A 293 12.86 -7.62 33.62
N ASP A 294 12.67 -8.46 32.61
CA ASP A 294 13.64 -8.57 31.52
C ASP A 294 13.78 -7.26 30.76
N LEU A 295 12.67 -6.55 30.59
CA LEU A 295 12.67 -5.27 29.91
C LEU A 295 13.38 -4.21 30.77
N LEU A 296 13.19 -4.31 32.08
CA LEU A 296 13.90 -3.44 33.01
C LEU A 296 15.39 -3.68 32.90
N GLY A 297 15.77 -4.93 32.72
CA GLY A 297 17.17 -5.31 32.58
C GLY A 297 17.82 -4.70 31.36
N LEU A 298 17.02 -4.47 30.32
CA LEU A 298 17.53 -3.88 29.09
C LEU A 298 17.86 -2.40 29.28
N GLY A 299 17.16 -1.77 30.21
CA GLY A 299 17.39 -0.36 30.52
C GLY A 299 18.22 -0.17 31.77
N LEU A 300 18.73 -1.27 32.30
CA LEU A 300 19.56 -1.26 33.51
C LEU A 300 18.92 -0.56 34.71
N THR A 301 17.59 -0.58 34.77
CA THR A 301 16.88 -0.05 35.93
C THR A 301 16.68 -1.17 36.95
N LEU A 302 16.71 -0.83 38.23
CA LEU A 302 16.73 -1.83 39.28
C LEU A 302 15.36 -2.05 39.93
N PRO A 303 14.93 -3.32 40.02
CA PRO A 303 13.77 -3.67 40.84
C PRO A 303 14.09 -3.42 42.31
N ALA A 304 13.06 -3.22 43.13
CA ALA A 304 13.27 -2.88 44.53
C ALA A 304 13.39 -4.12 45.41
N ASN A 305 12.70 -5.19 45.04
CA ASN A 305 12.71 -6.43 45.82
C ASN A 305 13.91 -7.31 45.51
N LYS A 306 14.29 -8.16 46.46
CA LYS A 306 15.43 -9.06 46.29
C LYS A 306 15.20 -10.04 45.15
N ASN A 307 13.95 -10.46 44.96
CA ASN A 307 13.60 -11.40 43.90
C ASN A 307 13.85 -10.84 42.50
N GLY A 308 13.43 -9.59 42.30
CA GLY A 308 13.64 -8.93 41.02
C GLY A 308 15.10 -8.71 40.73
N ILE A 309 15.86 -8.35 41.76
CA ILE A 309 17.30 -8.15 41.62
C ILE A 309 18.00 -9.49 41.34
N ALA A 310 17.60 -10.52 42.06
CA ALA A 310 18.17 -11.85 41.88
C ALA A 310 17.92 -12.40 40.48
N HIS A 311 16.71 -12.17 39.97
CA HIS A 311 16.33 -12.64 38.64
C HIS A 311 17.22 -12.05 37.54
N LEU A 312 17.50 -10.75 37.64
CA LEU A 312 18.33 -10.07 36.66
C LEU A 312 19.81 -10.31 36.91
N ALA A 313 20.15 -10.71 38.13
CA ALA A 313 21.53 -10.99 38.49
C ALA A 313 22.00 -12.34 37.93
N LYS A 314 21.05 -13.15 37.51
CA LYS A 314 21.35 -14.49 36.99
C LYS A 314 21.98 -14.46 35.60
N SER A 315 21.78 -13.35 34.89
CA SER A 315 22.31 -13.24 33.53
C SER A 315 23.08 -11.95 33.29
N SER A 316 23.24 -11.15 34.35
CA SER A 316 23.97 -9.89 34.25
C SER A 316 24.97 -9.72 35.39
N ASN A 317 26.24 -9.54 35.02
CA ASN A 317 27.29 -9.28 36.00
C ASN A 317 27.07 -7.93 36.69
N PHE A 318 26.50 -7.00 35.92
CA PHE A 318 26.16 -5.68 36.43
C PHE A 318 25.23 -5.78 37.63
N TYR A 319 24.13 -6.51 37.46
CA TYR A 319 23.17 -6.70 38.54
C TYR A 319 23.75 -7.52 39.68
N ALA A 320 24.71 -8.37 39.35
CA ALA A 320 25.35 -9.23 40.34
C ALA A 320 26.13 -8.41 41.37
N GLN A 321 26.88 -7.42 40.87
CA GLN A 321 27.66 -6.54 41.74
C GLN A 321 26.76 -5.73 42.67
N LEU A 322 25.69 -5.18 42.11
CA LEU A 322 24.77 -4.36 42.87
C LEU A 322 24.06 -5.18 43.94
N SER A 323 23.66 -6.40 43.60
CA SER A 323 23.02 -7.31 44.55
C SER A 323 23.97 -7.59 45.71
N GLN A 324 25.23 -7.79 45.40
CA GLN A 324 26.27 -7.98 46.41
C GLN A 324 26.45 -6.69 47.20
N GLN A 325 26.30 -5.56 46.51
CA GLN A 325 26.50 -4.25 47.12
C GLN A 325 25.39 -3.92 48.12
N PHE A 326 24.14 -4.12 47.70
CA PHE A 326 23.01 -3.84 48.57
C PHE A 326 23.00 -4.74 49.81
N ASP A 327 23.53 -5.95 49.65
CA ASP A 327 23.60 -6.90 50.76
C ASP A 327 24.73 -6.57 51.73
N ALA A 328 25.88 -6.18 51.19
CA ALA A 328 27.06 -5.89 52.01
C ALA A 328 26.90 -4.60 52.80
N LYS A 329 26.27 -3.60 52.20
CA LYS A 329 26.10 -2.30 52.83
C LYS A 329 24.64 -2.04 53.19
N GLU A 330 23.93 -3.11 53.54
CA GLU A 330 22.50 -3.03 53.81
C GLU A 330 22.16 -2.11 54.98
N SER A 331 22.98 -2.13 56.02
CA SER A 331 22.72 -1.34 57.22
C SER A 331 23.27 0.08 57.11
N GLU A 332 24.02 0.34 56.05
CA GLU A 332 24.67 1.63 55.87
C GLU A 332 23.88 2.57 54.96
N VAL A 333 23.06 2.00 54.08
CA VAL A 333 22.32 2.78 53.10
C VAL A 333 21.27 3.70 53.73
N ARG A 334 21.25 4.96 53.27
CA ARG A 334 20.28 5.95 53.73
C ARG A 334 19.33 6.37 52.62
N VAL A 335 18.13 6.79 52.99
CA VAL A 335 17.15 7.27 52.02
C VAL A 335 16.58 8.62 52.45
N LEU A 336 16.78 9.64 51.62
CA LEU A 336 16.31 10.98 51.91
C LEU A 336 14.82 11.14 51.63
N ARG A 337 14.09 11.62 52.63
CA ARG A 337 12.65 11.83 52.48
C ARG A 337 12.23 13.21 53.02
N CYS A 338 11.09 13.70 52.54
CA CYS A 338 10.60 15.01 52.95
C CYS A 338 9.32 14.89 53.77
N VAL A 339 9.26 15.62 54.87
CA VAL A 339 8.15 15.50 55.82
C VAL A 339 6.96 16.41 55.51
N ASP A 340 7.23 17.67 55.21
CA ASP A 340 6.15 18.63 54.99
C ASP A 340 6.37 19.54 53.78
N PHE A 341 7.08 19.03 52.79
CA PHE A 341 7.33 19.80 51.56
C PHE A 341 7.60 18.87 50.38
N ALA A 342 7.57 19.43 49.17
CA ALA A 342 7.82 18.65 47.97
C ALA A 342 8.65 19.41 46.94
N ASN A 343 8.21 19.36 45.68
CA ASN A 343 8.99 19.86 44.55
C ASN A 343 9.30 21.37 44.58
N LYS A 344 8.30 22.17 44.96
CA LYS A 344 8.47 23.62 44.99
C LYS A 344 9.57 24.03 45.96
N GLU A 345 9.57 23.42 47.14
CA GLU A 345 10.54 23.74 48.17
C GLU A 345 11.92 23.17 47.86
N VAL A 346 11.96 22.13 47.04
CA VAL A 346 13.23 21.54 46.61
C VAL A 346 13.88 22.42 45.55
N LYS A 347 13.09 22.86 44.57
CA LYS A 347 13.59 23.76 43.54
C LYS A 347 14.04 25.10 44.12
N ASN A 348 13.28 25.59 45.10
CA ASN A 348 13.62 26.85 45.76
C ASN A 348 14.90 26.73 46.59
N CYS A 349 15.06 25.61 47.27
CA CYS A 349 16.24 25.37 48.08
C CYS A 349 17.48 25.25 47.20
N ALA A 350 17.33 24.61 46.05
CA ALA A 350 18.42 24.45 45.10
C ALA A 350 18.87 25.80 44.54
N GLY A 351 17.90 26.68 44.33
CA GLY A 351 18.19 28.01 43.82
C GLY A 351 18.97 28.86 44.80
N VAL A 352 18.73 28.61 46.09
CA VAL A 352 19.45 29.31 47.15
C VAL A 352 20.88 28.80 47.24
N LEU A 353 21.04 27.49 47.09
CA LEU A 353 22.34 26.84 47.25
C LEU A 353 23.30 27.09 46.09
N ARG A 354 22.76 27.17 44.88
CA ARG A 354 23.58 27.26 43.66
C ARG A 354 24.70 28.33 43.62
N PRO A 355 24.41 29.57 44.05
CA PRO A 355 25.49 30.57 44.00
C PRO A 355 26.66 30.22 44.92
N PHE A 356 26.38 29.48 46.00
CA PHE A 356 27.41 29.13 46.98
C PHE A 356 28.13 27.84 46.60
N LEU A 357 28.12 27.51 45.32
CA LEU A 357 28.76 26.29 44.83
C LEU A 357 29.80 26.60 43.76
N PRO B 6 -22.86 10.71 33.55
CA PRO B 6 -21.54 11.35 33.47
C PRO B 6 -21.64 12.85 33.21
N LYS B 7 -21.34 13.27 31.99
CA LYS B 7 -21.34 14.69 31.61
C LYS B 7 -20.49 15.56 32.53
N THR B 8 -19.17 15.39 32.44
CA THR B 8 -18.25 16.18 33.24
C THR B 8 -17.22 16.88 32.36
N LEU B 9 -16.93 18.13 32.67
CA LEU B 9 -15.96 18.92 31.91
C LEU B 9 -14.71 19.19 32.74
N THR B 10 -13.63 18.49 32.42
CA THR B 10 -12.37 18.66 33.16
C THR B 10 -11.66 19.96 32.77
N VAL B 11 -11.37 20.77 33.78
CA VAL B 11 -10.71 22.06 33.56
C VAL B 11 -9.33 22.09 34.22
N GLY B 12 -8.30 22.31 33.41
CA GLY B 12 -6.94 22.39 33.91
C GLY B 12 -6.48 23.82 34.07
N LEU B 13 -6.44 24.29 35.31
CA LEU B 13 -6.08 25.67 35.60
C LEU B 13 -4.56 25.85 35.68
N PHE B 14 -4.09 27.04 35.32
CA PHE B 14 -2.70 27.40 35.48
C PHE B 14 -2.45 27.63 36.98
N PRO B 15 -1.61 26.78 37.60
CA PRO B 15 -1.47 26.74 39.05
C PRO B 15 -0.34 27.60 39.61
N TYR B 16 0.48 28.19 38.76
CA TYR B 16 1.61 28.98 39.24
C TYR B 16 1.20 30.43 39.52
N LEU B 17 0.38 30.59 40.54
CA LEU B 17 -0.14 31.89 40.96
C LEU B 17 0.54 32.31 42.25
N PRO B 18 0.51 33.62 42.58
CA PRO B 18 1.15 34.18 43.78
C PRO B 18 0.88 33.40 45.07
N SER B 19 1.78 33.56 46.04
CA SER B 19 1.65 32.89 47.32
C SER B 19 2.06 33.82 48.47
N TRP B 20 1.15 34.02 49.42
CA TRP B 20 1.46 34.77 50.62
C TRP B 20 1.99 33.81 51.69
N ASN B 21 2.83 34.30 52.59
CA ASN B 21 3.45 33.45 53.59
C ASN B 21 3.70 34.17 54.91
N GLU B 22 3.02 33.73 55.96
CA GLU B 22 3.23 34.27 57.30
C GLU B 22 3.93 33.25 58.18
N ASN B 23 4.92 32.56 57.60
CA ASN B 23 5.70 31.54 58.29
C ASN B 23 4.85 30.36 58.80
N GLY B 24 4.84 29.28 58.02
CA GLY B 24 4.06 28.10 58.37
C GLY B 24 2.77 28.04 57.58
N ASN B 25 2.09 29.18 57.48
CA ASN B 25 0.85 29.27 56.73
C ASN B 25 1.05 29.93 55.37
N GLU B 26 1.01 29.13 54.31
CA GLU B 26 1.14 29.65 52.96
C GLU B 26 -0.22 29.74 52.27
N VAL B 27 -0.52 30.92 51.73
CA VAL B 27 -1.80 31.14 51.06
C VAL B 27 -1.62 31.17 49.55
N LYS B 28 -2.05 30.11 48.88
CA LYS B 28 -1.97 30.02 47.43
C LYS B 28 -3.17 30.69 46.77
N LEU B 29 -2.90 31.64 45.88
CA LEU B 29 -3.95 32.40 45.21
C LEU B 29 -4.85 31.48 44.37
N ILE B 30 -4.26 30.41 43.86
CA ILE B 30 -5.01 29.46 43.03
C ILE B 30 -6.12 28.79 43.83
N ASN B 31 -5.91 28.61 45.13
CA ASN B 31 -6.91 28.04 46.00
C ASN B 31 -8.10 28.98 46.19
N LEU B 32 -7.80 30.27 46.31
CA LEU B 32 -8.84 31.28 46.45
C LEU B 32 -9.69 31.36 45.19
N ILE B 33 -9.04 31.32 44.04
CA ILE B 33 -9.73 31.38 42.75
C ILE B 33 -10.59 30.13 42.53
N LYS B 34 -10.08 28.98 42.94
CA LYS B 34 -10.80 27.71 42.81
C LYS B 34 -12.09 27.71 43.63
N ASP B 35 -12.11 28.46 44.73
CA ASP B 35 -13.28 28.52 45.60
C ASP B 35 -14.35 29.46 45.04
N VAL B 36 -14.03 30.13 43.94
CA VAL B 36 -14.94 31.07 43.32
C VAL B 36 -15.60 30.46 42.08
N LEU B 37 -14.84 29.66 41.35
CA LEU B 37 -15.28 29.08 40.09
C LEU B 37 -16.49 28.15 40.26
N PRO B 38 -17.45 28.24 39.31
CA PRO B 38 -18.68 27.45 39.32
C PRO B 38 -18.46 25.97 38.99
N THR B 39 -18.96 25.09 39.84
CA THR B 39 -18.82 23.65 39.63
C THR B 39 -20.03 23.07 38.88
N GLN B 40 -20.92 23.94 38.45
CA GLN B 40 -22.13 23.52 37.74
C GLN B 40 -22.52 24.53 36.68
N VAL B 41 -22.29 24.18 35.42
CA VAL B 41 -22.59 25.06 34.30
C VAL B 41 -23.28 24.33 33.15
N SER B 42 -24.47 24.80 32.79
CA SER B 42 -25.23 24.25 31.66
C SER B 42 -25.48 22.76 31.76
N GLY B 43 -25.76 22.27 32.98
CA GLY B 43 -26.03 20.86 33.19
C GLY B 43 -24.78 20.03 33.36
N TYR B 44 -23.64 20.58 32.94
CA TYR B 44 -22.36 19.88 33.06
C TYR B 44 -21.71 20.08 34.42
N ASN B 45 -21.19 18.99 34.98
CA ASN B 45 -20.45 19.07 36.23
C ASN B 45 -18.98 19.42 35.95
N ILE B 46 -18.53 20.54 36.51
CA ILE B 46 -17.20 21.05 36.20
C ILE B 46 -16.15 20.67 37.24
N GLU B 47 -15.16 19.89 36.83
CA GLU B 47 -14.06 19.52 37.70
C GLU B 47 -12.85 20.42 37.46
N TYR B 48 -12.45 21.16 38.48
CA TYR B 48 -11.28 22.04 38.37
C TYR B 48 -10.04 21.38 38.96
N THR B 49 -8.98 21.31 38.15
CA THR B 49 -7.72 20.70 38.58
C THR B 49 -6.56 21.58 38.14
N GLU B 50 -5.44 21.47 38.84
CA GLU B 50 -4.23 22.19 38.45
C GLU B 50 -3.53 21.45 37.32
N PHE B 51 -3.22 22.18 36.25
CA PHE B 51 -2.57 21.58 35.09
C PHE B 51 -1.14 22.09 34.95
N ASP B 52 -0.18 21.24 35.31
CA ASP B 52 1.22 21.60 35.23
C ASP B 52 1.74 21.48 33.80
N CYS B 53 1.69 22.58 33.06
CA CYS B 53 2.17 22.59 31.68
C CYS B 53 3.68 22.46 31.62
N TYR B 54 4.32 22.57 32.78
CA TYR B 54 5.77 22.42 32.88
C TYR B 54 6.13 20.99 33.24
N SER B 55 5.20 20.08 32.96
CA SER B 55 5.43 18.65 33.12
C SER B 55 5.12 17.96 31.80
N ASP B 56 6.13 17.35 31.19
CA ASP B 56 5.97 16.68 29.90
C ASP B 56 4.95 15.54 29.99
N ALA B 57 4.86 14.93 31.17
CA ALA B 57 3.88 13.87 31.40
C ALA B 57 2.46 14.44 31.35
N SER B 58 2.29 15.64 31.89
CA SER B 58 0.98 16.29 31.91
C SER B 58 0.58 16.79 30.53
N LEU B 59 1.57 17.23 29.74
CA LEU B 59 1.31 17.69 28.38
C LEU B 59 0.94 16.51 27.48
N GLN B 60 1.36 15.31 27.89
CA GLN B 60 1.09 14.10 27.12
C GLN B 60 -0.38 13.68 27.25
N SER B 61 -1.00 14.07 28.37
CA SER B 61 -2.41 13.77 28.59
C SER B 61 -3.20 15.03 28.93
N LEU B 62 -3.85 15.61 27.93
CA LEU B 62 -4.61 16.83 28.09
C LEU B 62 -6.04 16.57 28.54
N PRO B 63 -6.59 17.45 29.39
CA PRO B 63 -7.98 17.34 29.83
C PRO B 63 -8.92 17.98 28.80
N ASP B 64 -10.16 18.23 29.18
CA ASP B 64 -11.13 18.85 28.28
C ASP B 64 -10.69 20.25 27.89
N VAL B 65 -10.41 21.08 28.89
CA VAL B 65 -9.81 22.39 28.64
C VAL B 65 -8.59 22.56 29.56
N PHE B 66 -7.65 23.40 29.16
CA PHE B 66 -6.42 23.57 29.92
C PHE B 66 -5.74 24.91 29.67
N SER B 67 -5.17 25.49 30.72
CA SER B 67 -4.42 26.72 30.62
C SER B 67 -2.93 26.40 30.57
N THR B 68 -2.31 26.70 29.43
CA THR B 68 -0.89 26.40 29.24
C THR B 68 -0.11 27.65 28.87
N ASP B 69 1.19 27.64 29.20
CA ASP B 69 2.09 28.71 28.79
C ASP B 69 2.24 28.63 27.27
N SER B 70 2.21 29.79 26.61
CA SER B 70 2.29 29.84 25.16
C SER B 70 3.65 29.34 24.65
N ILE B 71 4.63 29.27 25.55
CA ILE B 71 5.97 28.82 25.21
C ILE B 71 5.97 27.38 24.67
N PHE B 72 4.93 26.62 24.99
CA PHE B 72 4.82 25.24 24.54
C PHE B 72 3.63 25.06 23.60
N LEU B 73 2.97 26.16 23.26
CA LEU B 73 1.79 26.09 22.40
C LEU B 73 2.04 25.51 20.99
N PRO B 74 3.08 25.99 20.28
CA PRO B 74 3.31 25.40 18.94
C PRO B 74 3.64 23.92 19.02
N TYR B 75 4.43 23.53 20.01
CA TYR B 75 4.77 22.13 20.21
C TYR B 75 3.55 21.31 20.61
N LEU B 76 2.64 21.93 21.34
CA LEU B 76 1.42 21.26 21.79
C LEU B 76 0.44 21.12 20.64
N VAL B 77 0.48 22.08 19.71
CA VAL B 77 -0.38 22.06 18.54
C VAL B 77 0.03 20.95 17.57
N SER B 78 1.34 20.81 17.37
CA SER B 78 1.88 19.82 16.44
C SER B 78 1.53 18.39 16.82
N LEU B 79 1.19 18.18 18.09
CA LEU B 79 0.78 16.86 18.55
C LEU B 79 -0.69 16.60 18.24
N GLY B 80 -1.38 17.63 17.74
CA GLY B 80 -2.76 17.52 17.33
C GLY B 80 -3.75 17.34 18.47
N GLY B 81 -3.32 17.70 19.68
CA GLY B 81 -4.17 17.56 20.85
C GLY B 81 -4.91 18.84 21.18
N VAL B 82 -4.66 19.89 20.40
CA VAL B 82 -5.29 21.18 20.63
C VAL B 82 -6.19 21.58 19.47
N LYS B 83 -7.46 21.82 19.76
CA LYS B 83 -8.43 22.20 18.73
C LYS B 83 -8.29 23.68 18.35
N SER B 84 -8.26 23.93 17.05
CA SER B 84 -8.20 25.30 16.54
C SER B 84 -9.53 26.01 16.78
N LEU B 85 -9.46 27.32 16.97
CA LEU B 85 -10.66 28.09 17.29
C LEU B 85 -10.99 29.12 16.22
N ASP B 86 -12.27 29.46 16.11
CA ASP B 86 -12.71 30.51 15.21
C ASP B 86 -12.21 31.85 15.74
N GLU B 87 -11.74 32.70 14.83
CA GLU B 87 -11.18 34.00 15.20
C GLU B 87 -12.23 34.89 15.84
N SER B 88 -13.48 34.72 15.41
CA SER B 88 -14.58 35.52 15.93
C SER B 88 -15.01 35.10 17.32
N LEU B 89 -14.91 33.81 17.61
CA LEU B 89 -15.33 33.26 18.90
C LEU B 89 -14.46 33.77 20.04
N VAL B 90 -13.18 33.93 19.77
CA VAL B 90 -12.24 34.39 20.79
C VAL B 90 -12.49 35.85 21.17
N ARG B 91 -12.64 36.70 20.17
CA ARG B 91 -12.85 38.13 20.39
C ARG B 91 -14.17 38.38 21.11
N GLY B 92 -15.13 37.49 20.92
CA GLY B 92 -16.44 37.62 21.55
C GLY B 92 -16.43 37.19 23.00
N VAL B 93 -15.25 36.88 23.52
CA VAL B 93 -15.09 36.48 24.91
C VAL B 93 -14.06 37.35 25.61
N THR B 94 -12.94 37.58 24.92
CA THR B 94 -11.84 38.34 25.50
C THR B 94 -11.93 39.83 25.14
N GLY B 95 -12.28 40.11 23.89
CA GLY B 95 -12.34 41.48 23.42
C GLY B 95 -11.03 41.92 22.78
N ASP B 96 -10.71 43.20 22.90
CA ASP B 96 -9.48 43.74 22.34
C ASP B 96 -8.25 43.12 22.98
N LEU B 97 -7.42 42.48 22.16
CA LEU B 97 -6.17 41.88 22.63
C LEU B 97 -5.00 42.64 22.02
N HIS B 98 -3.92 42.74 22.77
CA HIS B 98 -2.69 43.35 22.25
C HIS B 98 -2.15 42.51 21.10
N SER B 99 -1.32 43.13 20.26
CA SER B 99 -0.77 42.46 19.09
C SER B 99 0.01 41.21 19.46
N PHE B 100 0.81 41.30 20.51
CA PHE B 100 1.63 40.18 20.96
C PHE B 100 0.80 39.13 21.70
N VAL B 101 -0.25 39.58 22.37
CA VAL B 101 -1.14 38.68 23.10
C VAL B 101 -1.86 37.73 22.17
N SER B 102 -2.35 38.26 21.05
CA SER B 102 -3.06 37.45 20.07
C SER B 102 -2.10 36.60 19.25
N SER B 103 -0.90 37.12 19.03
CA SER B 103 0.11 36.41 18.25
C SER B 103 0.69 35.23 19.02
N SER B 104 0.71 35.34 20.35
CA SER B 104 1.23 34.29 21.20
C SER B 104 0.28 33.10 21.27
N ALA B 105 -0.98 33.34 20.89
CA ALA B 105 -1.98 32.28 20.88
C ALA B 105 -2.23 31.79 19.45
N SER B 106 -1.40 32.25 18.52
CA SER B 106 -1.55 31.90 17.12
C SER B 106 -0.42 31.00 16.63
N VAL B 107 -0.80 29.82 16.12
CA VAL B 107 0.16 28.89 15.55
C VAL B 107 -0.21 28.55 14.12
N ASN B 108 0.73 28.78 13.20
CA ASN B 108 0.53 28.53 11.77
C ASN B 108 -0.67 29.31 11.19
N GLY B 109 -0.86 30.52 11.68
CA GLY B 109 -1.94 31.37 11.19
C GLY B 109 -3.31 30.96 11.69
N SER B 110 -3.34 30.30 12.85
CA SER B 110 -4.61 29.85 13.43
C SER B 110 -4.61 30.04 14.95
N VAL B 111 -5.74 30.51 15.47
CA VAL B 111 -5.89 30.72 16.91
C VAL B 111 -6.18 29.41 17.61
N TYR B 112 -5.40 29.10 18.66
CA TYR B 112 -5.54 27.83 19.36
C TYR B 112 -5.90 27.97 20.83
N GLY B 113 -6.40 29.14 21.22
CA GLY B 113 -6.82 29.33 22.60
C GLY B 113 -7.16 30.77 23.00
N PHE B 114 -7.85 30.90 24.12
CA PHE B 114 -8.21 32.19 24.68
C PHE B 114 -7.15 32.64 25.68
N PRO B 115 -6.44 33.73 25.37
CA PRO B 115 -5.41 34.28 26.26
C PRO B 115 -5.98 34.62 27.65
N GLN B 116 -5.25 34.25 28.70
CA GLN B 116 -5.73 34.45 30.06
C GLN B 116 -4.82 35.33 30.91
N TYR B 117 -3.56 34.93 31.05
CA TYR B 117 -2.62 35.64 31.91
C TYR B 117 -1.50 36.31 31.15
N LEU B 118 -0.98 37.41 31.71
CA LEU B 118 0.16 38.10 31.17
C LEU B 118 1.23 38.23 32.25
N CYS B 119 2.49 38.09 31.86
CA CYS B 119 3.59 38.18 32.82
C CYS B 119 4.92 38.49 32.15
N SER B 120 5.83 39.06 32.92
CA SER B 120 7.16 39.41 32.42
C SER B 120 8.09 39.72 33.57
N ASN B 121 9.40 39.74 33.29
CA ASN B 121 10.38 40.14 34.29
C ASN B 121 10.50 41.66 34.34
N PHE B 122 9.51 42.31 34.94
CA PHE B 122 9.44 43.76 35.01
C PHE B 122 10.56 44.37 35.84
N LEU B 123 10.78 45.67 35.66
CA LEU B 123 11.74 46.40 36.46
C LEU B 123 11.03 47.25 37.51
N LEU B 124 11.05 46.76 38.76
CA LEU B 124 10.43 47.49 39.86
C LEU B 124 11.49 48.34 40.56
N SER B 125 11.39 49.65 40.38
CA SER B 125 12.38 50.58 40.93
C SER B 125 11.80 51.53 41.97
N SER B 126 12.53 51.71 43.06
CA SER B 126 12.11 52.60 44.14
C SER B 126 12.25 54.06 43.70
N PRO B 127 11.55 54.99 44.39
CA PRO B 127 11.68 56.41 44.10
C PRO B 127 13.12 56.91 44.18
N ASN B 128 13.94 56.23 44.98
CA ASN B 128 15.35 56.60 45.12
C ASN B 128 16.21 56.03 44.00
N ALA B 129 15.59 55.71 42.87
CA ALA B 129 16.30 55.20 41.71
C ALA B 129 17.23 56.26 41.14
N THR B 130 18.53 56.08 41.35
CA THR B 130 19.53 57.03 40.89
C THR B 130 19.88 56.82 39.42
N GLN B 131 19.18 55.89 38.77
CA GLN B 131 19.47 55.57 37.38
C GLN B 131 18.23 55.09 36.62
N GLN B 132 18.25 55.27 35.30
CA GLN B 132 17.20 54.75 34.43
C GLN B 132 17.83 54.05 33.23
N ALA B 133 17.10 53.12 32.63
CA ALA B 133 17.62 52.37 31.49
C ALA B 133 16.52 51.84 30.59
N SER B 134 16.92 51.31 29.43
CA SER B 134 15.98 50.73 28.47
C SER B 134 16.15 49.22 28.40
N SER B 135 17.34 48.75 28.76
CA SER B 135 17.64 47.33 28.79
C SER B 135 18.40 46.95 30.05
N LEU B 136 18.43 45.66 30.37
CA LEU B 136 19.14 45.19 31.56
C LEU B 136 20.65 45.27 31.38
N LEU B 137 21.11 45.19 30.14
CA LEU B 137 22.53 45.37 29.85
C LEU B 137 22.94 46.81 30.07
N GLU B 138 22.12 47.74 29.58
CA GLU B 138 22.36 49.16 29.76
C GLU B 138 22.32 49.52 31.25
N LEU B 139 21.43 48.85 31.98
CA LEU B 139 21.30 49.08 33.41
C LEU B 139 22.49 48.52 34.16
N ALA B 140 22.96 47.35 33.74
CA ALA B 140 24.07 46.68 34.41
C ALA B 140 25.36 47.49 34.34
N GLN B 141 25.53 48.23 33.25
CA GLN B 141 26.73 49.04 33.06
C GLN B 141 26.63 50.33 33.86
N LYS B 142 25.41 50.85 34.00
CA LYS B 142 25.18 52.13 34.67
C LYS B 142 25.28 52.04 36.19
N VAL B 143 24.92 50.90 36.76
CA VAL B 143 24.88 50.76 38.21
C VAL B 143 26.11 50.07 38.81
N GLY B 144 26.47 48.92 38.25
CA GLY B 144 27.70 48.26 38.65
C GLY B 144 27.54 46.86 39.24
N TYR B 145 28.59 46.40 39.93
CA TYR B 145 28.64 45.07 40.50
C TYR B 145 27.68 44.88 41.67
N GLU B 146 26.81 43.88 41.56
CA GLU B 146 25.88 43.51 42.64
C GLU B 146 25.07 44.67 43.19
N GLN B 147 24.12 45.15 42.40
CA GLN B 147 23.29 46.27 42.82
C GLN B 147 21.81 46.05 42.48
N ILE B 148 21.55 45.02 41.67
CA ILE B 148 20.18 44.71 41.26
C ILE B 148 19.73 43.39 41.88
N VAL B 149 18.50 43.34 42.37
CA VAL B 149 17.94 42.10 42.88
C VAL B 149 17.16 41.37 41.79
N TYR B 150 17.75 40.29 41.29
CA TYR B 150 17.13 39.48 40.25
C TYR B 150 17.21 38.02 40.67
N PRO B 151 16.24 37.59 41.50
CA PRO B 151 16.23 36.26 42.15
C PRO B 151 16.36 35.10 41.18
N ASP B 152 15.59 35.10 40.10
CA ASP B 152 15.62 34.00 39.14
C ASP B 152 16.99 33.84 38.48
N VAL B 153 17.63 34.96 38.14
CA VAL B 153 18.95 34.94 37.55
C VAL B 153 20.01 34.56 38.58
N ALA B 154 19.88 35.11 39.79
CA ALA B 154 20.81 34.82 40.87
C ALA B 154 20.75 33.36 41.28
N SER B 155 19.61 32.73 41.06
CA SER B 155 19.43 31.33 41.45
C SER B 155 19.66 30.37 40.28
N SER B 156 19.88 30.95 39.09
CA SER B 156 20.10 30.17 37.88
C SER B 156 18.99 29.16 37.62
N SER B 157 17.76 29.65 37.60
CA SER B 157 16.60 28.80 37.35
C SER B 157 16.65 28.24 35.93
N SER B 158 16.11 27.04 35.76
CA SER B 158 16.15 26.34 34.47
C SER B 158 15.57 27.17 33.34
N PHE B 159 14.37 27.72 33.55
CA PHE B 159 13.70 28.51 32.53
C PHE B 159 14.32 29.89 32.34
N THR B 160 14.90 30.42 33.41
CA THR B 160 15.50 31.75 33.35
C THR B 160 16.84 31.71 32.60
N VAL B 161 17.64 30.69 32.89
CA VAL B 161 18.91 30.50 32.18
C VAL B 161 18.64 30.23 30.70
N PHE B 162 17.73 29.29 30.43
CA PHE B 162 17.31 28.99 29.07
C PHE B 162 16.70 30.20 28.39
N GLY B 163 15.84 30.91 29.13
CA GLY B 163 15.13 32.05 28.60
C GLY B 163 16.02 33.18 28.15
N LEU B 164 16.81 33.72 29.08
CA LEU B 164 17.64 34.90 28.80
C LEU B 164 18.68 34.62 27.73
N TYR B 165 19.18 33.39 27.68
CA TYR B 165 20.16 33.00 26.67
C TYR B 165 19.56 33.12 25.28
N GLN B 166 18.31 32.66 25.15
CA GLN B 166 17.61 32.73 23.87
C GLN B 166 17.24 34.17 23.53
N GLN B 167 16.90 34.95 24.55
CA GLN B 167 16.52 36.35 24.36
C GLN B 167 17.71 37.20 23.93
N LEU B 168 18.89 36.85 24.42
CA LEU B 168 20.12 37.56 24.06
C LEU B 168 20.62 37.15 22.67
N LEU B 169 20.23 35.96 22.24
CA LEU B 169 20.71 35.40 20.98
C LEU B 169 19.74 35.63 19.82
N GLN B 170 18.50 35.20 20.00
CA GLN B 170 17.52 35.26 18.93
C GLN B 170 17.08 36.68 18.58
N SER B 171 16.49 36.83 17.41
CA SER B 171 15.96 38.10 16.94
C SER B 171 14.87 37.85 15.91
N SER B 172 13.81 38.66 15.95
CA SER B 172 12.69 38.46 15.05
C SER B 172 12.04 39.77 14.62
N SER B 173 11.21 39.71 13.59
CA SER B 173 10.47 40.87 13.10
C SER B 173 9.08 40.92 13.71
N SER B 174 8.49 39.74 13.91
CA SER B 174 7.17 39.65 14.52
C SER B 174 7.29 39.41 16.02
N ALA B 175 6.15 39.30 16.69
CA ALA B 175 6.13 39.12 18.15
C ALA B 175 6.53 37.71 18.56
N ALA B 176 6.16 36.73 17.74
CA ALA B 176 6.44 35.33 18.05
C ALA B 176 7.84 34.90 17.65
N VAL B 177 8.64 34.53 18.63
CA VAL B 177 9.99 34.02 18.38
C VAL B 177 10.01 32.51 18.59
N ASP B 178 9.73 31.76 17.54
CA ASP B 178 9.63 30.31 17.62
C ASP B 178 10.93 29.62 17.25
N ILE B 179 11.55 28.97 18.22
CA ILE B 179 12.81 28.27 18.01
C ILE B 179 12.61 26.76 18.02
N LYS B 180 13.60 26.04 17.53
CA LYS B 180 13.55 24.58 17.51
C LYS B 180 14.60 23.97 18.42
N ALA B 181 14.61 22.65 18.52
CA ALA B 181 15.56 21.93 19.36
C ALA B 181 16.98 22.06 18.82
N SER B 182 17.09 22.34 17.52
CA SER B 182 18.39 22.49 16.88
C SER B 182 19.07 23.80 17.27
N ASP B 183 18.28 24.77 17.70
CA ASP B 183 18.81 26.07 18.12
C ASP B 183 19.37 26.01 19.53
N LEU B 184 19.15 24.89 20.21
CA LEU B 184 19.59 24.71 21.58
C LEU B 184 20.96 24.05 21.65
N PRO B 185 21.87 24.63 22.43
CA PRO B 185 23.20 24.05 22.66
C PRO B 185 23.09 22.68 23.32
N GLN B 186 23.88 21.72 22.84
CA GLN B 186 23.79 20.34 23.33
C GLN B 186 25.07 19.90 24.04
N SER B 187 26.14 20.67 23.86
CA SER B 187 27.45 20.28 24.40
C SER B 187 28.13 21.41 25.15
N GLY B 188 28.82 22.26 24.40
CA GLY B 188 29.55 23.37 24.97
C GLY B 188 30.27 24.11 23.86
N ASP B 189 30.47 23.41 22.75
CA ASP B 189 31.04 24.01 21.55
C ASP B 189 29.92 24.67 20.76
N GLN B 190 28.68 24.36 21.13
CA GLN B 190 27.51 24.95 20.51
C GLN B 190 27.00 26.13 21.33
N VAL B 191 27.63 26.34 22.49
CA VAL B 191 27.27 27.46 23.36
C VAL B 191 27.93 28.75 22.89
N ASN B 192 27.11 29.72 22.51
CA ASN B 192 27.61 31.01 22.05
C ASN B 192 28.29 31.76 23.19
N LYS B 193 29.62 31.83 23.13
CA LYS B 193 30.41 32.46 24.19
C LYS B 193 30.18 33.97 24.26
N ASP B 194 29.77 34.56 23.13
CA ASP B 194 29.49 35.99 23.08
C ASP B 194 28.19 36.33 23.80
N ILE B 195 27.32 35.33 23.92
CA ILE B 195 26.04 35.52 24.60
C ILE B 195 26.21 35.32 26.11
N THR B 196 26.99 34.32 26.49
CA THR B 196 27.23 34.03 27.90
C THR B 196 28.02 35.14 28.60
N GLN B 197 28.77 35.91 27.82
CA GLN B 197 29.52 37.03 28.39
C GLN B 197 28.61 38.23 28.61
N LYS B 198 27.49 38.27 27.90
CA LYS B 198 26.49 39.31 28.09
C LYS B 198 25.60 38.96 29.28
N TYR B 199 25.29 37.67 29.40
CA TYR B 199 24.51 37.17 30.53
C TYR B 199 25.31 37.35 31.81
N ARG B 200 26.63 37.20 31.70
CA ARG B 200 27.51 37.28 32.86
C ARG B 200 27.59 38.69 33.42
N THR B 201 27.43 39.69 32.56
CA THR B 201 27.42 41.08 33.01
C THR B 201 26.17 41.38 33.83
N ILE B 202 25.05 40.81 33.42
CA ILE B 202 23.80 40.94 34.17
C ILE B 202 23.92 40.17 35.49
N LEU B 203 24.54 39.00 35.42
CA LEU B 203 24.72 38.15 36.58
C LEU B 203 25.64 38.80 37.62
N ASP B 204 26.68 39.49 37.15
CA ASP B 204 27.60 40.17 38.03
C ASP B 204 26.95 41.40 38.67
N SER B 205 25.99 41.98 37.96
CA SER B 205 25.26 43.14 38.47
C SER B 205 24.05 42.71 39.29
N THR B 206 24.01 41.44 39.67
CA THR B 206 22.89 40.90 40.42
C THR B 206 23.28 40.53 41.85
N VAL B 207 22.56 41.09 42.82
CA VAL B 207 22.82 40.80 44.22
C VAL B 207 22.32 39.41 44.57
N VAL B 208 23.14 38.65 45.30
CA VAL B 208 22.72 37.34 45.79
C VAL B 208 21.73 37.53 46.93
N ALA B 209 20.44 37.56 46.58
CA ALA B 209 19.38 37.76 47.55
C ALA B 209 18.05 37.21 47.07
N SER B 210 17.37 36.45 47.93
CA SER B 210 16.11 35.84 47.57
C SER B 210 14.99 36.86 47.50
N GLN B 211 13.85 36.46 46.96
CA GLN B 211 12.67 37.30 46.91
C GLN B 211 12.20 37.64 48.32
N ARG B 212 12.33 36.65 49.21
CA ARG B 212 11.92 36.81 50.60
C ARG B 212 12.71 37.94 51.28
N GLU B 213 14.02 37.91 51.10
CA GLU B 213 14.90 38.92 51.68
C GLU B 213 14.58 40.32 51.17
N TYR B 214 14.24 40.41 49.89
CA TYR B 214 13.91 41.69 49.28
C TYR B 214 12.59 42.25 49.78
N ILE B 215 11.56 41.41 49.79
CA ILE B 215 10.23 41.82 50.26
C ILE B 215 10.28 42.23 51.72
N ASN B 216 10.94 41.42 52.54
CA ASN B 216 11.09 41.73 53.97
C ASN B 216 11.90 43.00 54.20
N SER B 217 12.75 43.35 53.25
CA SER B 217 13.56 44.56 53.35
C SER B 217 12.71 45.80 53.06
N VAL B 218 11.82 45.68 52.09
CA VAL B 218 10.94 46.79 51.73
C VAL B 218 9.96 47.10 52.84
N LYS B 219 9.43 46.05 53.46
CA LYS B 219 8.48 46.20 54.56
C LYS B 219 9.12 46.85 55.78
N GLN B 220 10.43 46.69 55.93
CA GLN B 220 11.14 47.25 57.07
C GLN B 220 11.77 48.60 56.75
N GLY B 221 11.48 49.12 55.57
CA GLY B 221 11.92 50.46 55.19
C GLY B 221 13.35 50.54 54.67
N LYS B 222 14.05 49.41 54.70
CA LYS B 222 15.43 49.38 54.21
C LYS B 222 15.62 48.38 53.07
N PRO B 223 15.26 48.78 51.84
CA PRO B 223 15.42 47.92 50.67
C PRO B 223 16.89 47.62 50.41
N ILE B 224 17.20 46.37 50.12
CA ILE B 224 18.59 45.97 49.85
C ILE B 224 19.05 46.46 48.47
N SER B 225 18.11 46.96 47.69
CA SER B 225 18.42 47.53 46.38
C SER B 225 17.29 48.43 45.89
N ASN B 226 17.64 49.42 45.09
CA ASN B 226 16.65 50.32 44.50
C ASN B 226 16.08 49.74 43.21
N TYR B 227 16.61 48.59 42.79
CA TYR B 227 16.20 47.96 41.55
C TYR B 227 15.85 46.49 41.76
N TYR B 228 14.65 46.11 41.30
CA TYR B 228 14.21 44.73 41.42
C TYR B 228 13.65 44.22 40.09
N VAL B 229 14.11 43.05 39.67
CA VAL B 229 13.60 42.43 38.46
C VAL B 229 12.96 41.08 38.77
N GLY B 230 11.71 40.93 38.36
CA GLY B 230 10.97 39.70 38.59
C GLY B 230 9.55 39.79 38.07
N TYR B 231 8.77 38.76 38.31
CA TYR B 231 7.38 38.74 37.88
C TYR B 231 6.58 39.80 38.64
N SER B 232 5.46 40.23 38.06
CA SER B 232 4.58 41.18 38.73
C SER B 232 3.90 40.51 39.90
N GLU B 233 3.72 39.19 39.80
CA GLU B 233 3.04 38.41 40.82
C GLU B 233 3.88 38.29 42.10
N SER B 234 5.18 38.48 41.96
CA SER B 234 6.09 38.35 43.11
C SER B 234 6.20 39.67 43.89
N MET B 235 5.34 40.62 43.56
CA MET B 235 5.36 41.92 44.21
C MET B 235 4.09 42.17 45.01
N CYS B 236 3.22 41.17 45.04
CA CYS B 236 1.90 41.32 45.67
C CYS B 236 1.96 41.54 47.17
N GLU B 237 3.05 41.10 47.79
CA GLU B 237 3.20 41.23 49.24
C GLU B 237 3.47 42.66 49.67
N ILE B 238 3.80 43.52 48.71
CA ILE B 238 4.07 44.92 49.00
C ILE B 238 3.30 45.84 48.05
N LYS B 239 2.15 45.38 47.56
CA LYS B 239 1.35 46.14 46.61
C LYS B 239 0.89 47.47 47.19
N ASP B 240 0.71 47.53 48.50
CA ASP B 240 0.29 48.75 49.17
C ASP B 240 1.44 49.76 49.25
N ILE B 241 2.64 49.26 49.53
CA ILE B 241 3.82 50.11 49.62
C ILE B 241 4.19 50.66 48.25
N ILE B 242 3.97 49.87 47.21
CA ILE B 242 4.26 50.26 45.84
C ILE B 242 3.45 51.50 45.42
N ARG B 243 2.21 51.57 45.87
CA ARG B 243 1.34 52.68 45.51
C ARG B 243 1.42 53.83 46.50
N ASP B 244 1.83 53.54 47.73
CA ASP B 244 1.96 54.57 48.76
C ASP B 244 3.22 55.39 48.59
N GLN B 245 4.36 54.71 48.47
CA GLN B 245 5.64 55.38 48.26
C GLN B 245 5.86 55.67 46.79
N GLN B 246 4.94 55.18 45.96
CA GLN B 246 4.99 55.38 44.51
C GLN B 246 6.22 54.78 43.85
N TYR B 247 6.26 53.45 43.78
CA TYR B 247 7.30 52.75 43.04
C TYR B 247 6.98 52.76 41.55
N ASN B 248 7.94 52.37 40.73
CA ASN B 248 7.75 52.38 39.28
C ASN B 248 8.05 51.04 38.62
N VAL B 249 7.07 50.52 37.89
CA VAL B 249 7.25 49.29 37.12
C VAL B 249 7.27 49.59 35.62
N GLN B 250 8.13 48.90 34.89
CA GLN B 250 8.26 49.12 33.45
C GLN B 250 8.67 47.85 32.71
N LEU B 251 8.19 47.72 31.48
CA LEU B 251 8.66 46.65 30.61
C LEU B 251 10.11 46.91 30.23
N ILE B 252 10.98 45.95 30.54
CA ILE B 252 12.38 46.09 30.18
C ILE B 252 12.90 44.77 29.60
N GLY B 253 13.58 44.88 28.47
CA GLY B 253 14.22 43.74 27.87
C GLY B 253 15.58 43.53 28.50
N THR B 254 16.04 42.29 28.48
CA THR B 254 17.38 41.96 28.95
C THR B 254 18.38 42.67 28.05
N SER B 255 18.01 42.76 26.78
CA SER B 255 18.71 43.56 25.78
C SER B 255 17.79 43.79 24.61
N ASP B 256 17.78 45.02 24.12
CA ASP B 256 17.03 45.40 22.93
C ASP B 256 15.51 45.20 23.10
N LYS B 257 15.05 43.96 22.97
CA LYS B 257 13.61 43.68 22.95
C LYS B 257 13.11 43.10 24.27
N PRO B 258 11.93 43.54 24.71
CA PRO B 258 11.28 43.05 25.93
C PRO B 258 10.48 41.76 25.71
N TYR B 259 10.56 40.84 26.66
CA TYR B 259 9.88 39.55 26.55
C TYR B 259 8.80 39.37 27.61
N VAL B 260 7.67 38.80 27.20
CA VAL B 260 6.58 38.51 28.14
C VAL B 260 6.10 37.06 28.02
N TYR B 261 5.45 36.58 29.07
CA TYR B 261 4.83 35.26 29.05
C TYR B 261 3.31 35.43 28.93
N THR B 262 2.67 34.48 28.27
CA THR B 262 1.20 34.47 28.20
C THR B 262 0.66 33.07 28.45
N ASP B 263 -0.25 32.96 29.41
CA ASP B 263 -0.96 31.70 29.66
C ASP B 263 -2.21 31.68 28.82
N VAL B 264 -2.42 30.58 28.10
CA VAL B 264 -3.53 30.49 27.15
C VAL B 264 -4.47 29.34 27.46
N LEU B 265 -5.76 29.64 27.56
CA LEU B 265 -6.79 28.62 27.77
C LEU B 265 -7.16 27.97 26.44
N ALA B 266 -6.82 26.70 26.28
CA ALA B 266 -7.06 25.99 25.03
C ALA B 266 -8.11 24.90 25.18
N LEU B 267 -8.76 24.55 24.06
CA LEU B 267 -9.73 23.47 24.04
C LEU B 267 -9.09 22.20 23.48
N ASN B 268 -9.50 21.05 24.03
CA ASN B 268 -9.01 19.76 23.54
C ASN B 268 -9.52 19.48 22.13
N SER B 269 -8.73 18.72 21.38
CA SER B 269 -9.08 18.41 19.99
C SER B 269 -10.20 17.39 19.89
N ASN B 270 -10.26 16.47 20.85
CA ASN B 270 -11.28 15.43 20.83
C ASN B 270 -12.63 15.90 21.38
N LEU B 271 -12.70 17.16 21.78
CA LEU B 271 -13.92 17.72 22.35
C LEU B 271 -15.18 17.57 21.50
N CYS B 272 -16.29 17.23 22.16
CA CYS B 272 -17.58 17.12 21.50
C CYS B 272 -18.08 18.52 21.20
N ASP B 273 -19.21 18.62 20.51
CA ASP B 273 -19.79 19.91 20.17
C ASP B 273 -20.47 20.57 21.36
N GLU B 274 -21.19 19.77 22.14
CA GLU B 274 -21.92 20.30 23.30
C GLU B 274 -20.96 20.70 24.43
N LYS B 275 -19.90 19.92 24.59
CA LYS B 275 -18.85 20.24 25.56
C LYS B 275 -18.13 21.54 25.22
N GLN B 276 -18.01 21.83 23.92
CA GLN B 276 -17.32 23.04 23.46
C GLN B 276 -18.03 24.31 23.90
N LYS B 277 -19.35 24.35 23.73
CA LYS B 277 -20.12 25.53 24.12
C LYS B 277 -20.11 25.73 25.64
N VAL B 278 -20.06 24.63 26.38
CA VAL B 278 -19.96 24.69 27.83
C VAL B 278 -18.55 25.12 28.23
N ALA B 279 -17.57 24.69 27.45
CA ALA B 279 -16.18 25.07 27.67
C ALA B 279 -16.02 26.57 27.49
N VAL B 280 -16.68 27.12 26.48
CA VAL B 280 -16.64 28.55 26.22
C VAL B 280 -17.23 29.33 27.38
N GLU B 281 -18.31 28.82 27.95
CA GLU B 281 -18.95 29.45 29.11
C GLU B 281 -18.01 29.51 30.31
N VAL B 282 -17.39 28.38 30.63
CA VAL B 282 -16.46 28.29 31.74
C VAL B 282 -15.28 29.23 31.53
N ILE B 283 -14.78 29.28 30.29
CA ILE B 283 -13.67 30.15 29.95
C ILE B 283 -14.08 31.62 29.98
N LYS B 284 -15.27 31.91 29.48
CA LYS B 284 -15.78 33.28 29.48
C LYS B 284 -15.98 33.79 30.91
N ASN B 285 -16.41 32.89 31.79
CA ASN B 285 -16.53 33.22 33.20
C ASN B 285 -15.16 33.41 33.84
N LEU B 286 -14.22 32.57 33.43
CA LEU B 286 -12.87 32.61 33.98
C LEU B 286 -12.12 33.89 33.58
N LEU B 287 -12.59 34.54 32.53
CA LEU B 287 -11.90 35.72 32.00
C LEU B 287 -12.64 37.03 32.28
N THR B 288 -13.93 36.94 32.60
CA THR B 288 -14.74 38.15 32.74
C THR B 288 -15.32 38.36 34.14
N ASN B 289 -15.34 37.31 34.95
CA ASN B 289 -15.86 37.41 36.31
C ASN B 289 -15.09 38.44 37.13
N THR B 290 -15.78 39.49 37.57
CA THR B 290 -15.16 40.58 38.29
C THR B 290 -14.54 40.14 39.61
N LEU B 291 -15.12 39.14 40.25
CA LEU B 291 -14.59 38.62 41.50
C LEU B 291 -13.26 37.90 41.24
N VAL B 292 -13.18 37.19 40.12
CA VAL B 292 -11.96 36.52 39.71
C VAL B 292 -10.89 37.55 39.37
N LEU B 293 -11.29 38.59 38.65
CA LEU B 293 -10.37 39.65 38.24
C LEU B 293 -9.85 40.44 39.44
N ASP B 294 -10.73 40.70 40.41
CA ASP B 294 -10.33 41.41 41.62
C ASP B 294 -9.36 40.60 42.45
N LEU B 295 -9.50 39.28 42.41
CA LEU B 295 -8.57 38.39 43.10
C LEU B 295 -7.21 38.40 42.42
N LEU B 296 -7.22 38.51 41.10
CA LEU B 296 -5.98 38.62 40.34
C LEU B 296 -5.26 39.92 40.68
N GLY B 297 -6.03 40.97 40.94
CA GLY B 297 -5.48 42.25 41.31
C GLY B 297 -4.82 42.22 42.67
N LEU B 298 -5.37 41.45 43.59
CA LEU B 298 -4.80 41.30 44.93
C LEU B 298 -3.45 40.61 44.88
N GLY B 299 -3.27 39.74 43.88
CA GLY B 299 -2.03 39.02 43.71
C GLY B 299 -1.14 39.63 42.65
N LEU B 300 -1.55 40.79 42.14
CA LEU B 300 -0.83 41.49 41.08
C LEU B 300 -0.62 40.61 39.85
N THR B 301 -1.62 39.80 39.52
CA THR B 301 -1.59 38.96 38.33
C THR B 301 -2.26 39.69 37.17
N LEU B 302 -1.59 39.72 36.02
CA LEU B 302 -2.08 40.49 34.88
C LEU B 302 -2.93 39.65 33.95
N PRO B 303 -4.19 40.07 33.74
CA PRO B 303 -5.04 39.47 32.72
C PRO B 303 -4.45 39.72 31.33
N ALA B 304 -4.78 38.87 30.36
CA ALA B 304 -4.21 38.99 29.02
C ALA B 304 -4.98 39.97 28.14
N ASN B 305 -6.30 40.02 28.34
CA ASN B 305 -7.15 40.91 27.56
C ASN B 305 -7.10 42.35 28.06
N LYS B 306 -7.35 43.31 27.17
CA LYS B 306 -7.35 44.72 27.54
C LYS B 306 -8.48 45.06 28.50
N ASN B 307 -9.59 44.33 28.38
CA ASN B 307 -10.72 44.51 29.28
C ASN B 307 -10.34 44.23 30.74
N GLY B 308 -9.68 43.10 30.95
CA GLY B 308 -9.25 42.71 32.28
C GLY B 308 -8.18 43.64 32.85
N ILE B 309 -7.27 44.08 31.98
CA ILE B 309 -6.21 45.00 32.39
C ILE B 309 -6.79 46.34 32.82
N ALA B 310 -7.69 46.88 31.99
CA ALA B 310 -8.31 48.17 32.28
C ALA B 310 -9.17 48.12 33.54
N HIS B 311 -9.81 46.97 33.76
CA HIS B 311 -10.65 46.77 34.93
C HIS B 311 -9.87 46.93 36.23
N LEU B 312 -8.64 46.45 36.23
CA LEU B 312 -7.79 46.55 37.41
C LEU B 312 -6.95 47.83 37.39
N ALA B 313 -6.97 48.52 36.26
CA ALA B 313 -6.24 49.78 36.12
C ALA B 313 -7.07 50.94 36.64
N LYS B 314 -8.37 50.71 36.83
CA LYS B 314 -9.27 51.74 37.32
C LYS B 314 -8.98 52.11 38.76
N SER B 315 -8.49 51.15 39.53
CA SER B 315 -8.28 51.35 40.96
C SER B 315 -6.86 51.03 41.43
N SER B 316 -5.95 50.90 40.47
CA SER B 316 -4.55 50.59 40.81
C SER B 316 -3.58 51.27 39.86
N ASN B 317 -2.67 52.08 40.42
CA ASN B 317 -1.67 52.76 39.62
C ASN B 317 -0.62 51.78 39.11
N PHE B 318 -0.51 50.63 39.77
CA PHE B 318 0.40 49.58 39.34
C PHE B 318 -0.04 49.03 37.99
N TYR B 319 -1.33 48.74 37.87
CA TYR B 319 -1.89 48.24 36.62
C TYR B 319 -1.97 49.35 35.58
N ALA B 320 -1.95 50.59 36.04
CA ALA B 320 -2.02 51.74 35.14
C ALA B 320 -0.73 51.90 34.36
N GLN B 321 0.40 51.81 35.06
CA GLN B 321 1.71 51.94 34.43
C GLN B 321 1.95 50.84 33.41
N LEU B 322 1.45 49.64 33.70
CA LEU B 322 1.64 48.49 32.83
C LEU B 322 0.76 48.58 31.58
N SER B 323 -0.44 49.13 31.73
CA SER B 323 -1.34 49.31 30.60
C SER B 323 -0.76 50.31 29.61
N GLN B 324 -0.16 51.37 30.15
CA GLN B 324 0.51 52.36 29.32
C GLN B 324 1.76 51.76 28.69
N GLN B 325 2.44 50.89 29.46
CA GLN B 325 3.67 50.27 29.01
C GLN B 325 3.41 49.30 27.86
N PHE B 326 2.34 48.53 27.98
CA PHE B 326 1.97 47.57 26.95
C PHE B 326 1.53 48.26 25.66
N ASP B 327 0.91 49.44 25.81
CA ASP B 327 0.43 50.20 24.67
C ASP B 327 1.57 50.88 23.91
N ALA B 328 2.54 51.41 24.65
CA ALA B 328 3.66 52.12 24.05
C ALA B 328 4.63 51.20 23.34
N LYS B 329 4.94 50.07 23.98
CA LYS B 329 5.89 49.11 23.43
C LYS B 329 5.17 47.90 22.83
N GLU B 330 3.97 48.14 22.30
CA GLU B 330 3.15 47.07 21.74
C GLU B 330 3.83 46.36 20.57
N SER B 331 4.56 47.12 19.77
CA SER B 331 5.22 46.56 18.59
C SER B 331 6.60 46.00 18.94
N GLU B 332 7.00 46.17 20.18
CA GLU B 332 8.33 45.76 20.61
C GLU B 332 8.33 44.47 21.43
N VAL B 333 7.17 44.08 21.94
CA VAL B 333 7.08 42.91 22.80
C VAL B 333 7.33 41.60 22.05
N ARG B 334 8.24 40.79 22.59
CA ARG B 334 8.54 39.48 22.03
C ARG B 334 8.03 38.35 22.92
N VAL B 335 7.72 37.22 22.30
CA VAL B 335 7.24 36.04 23.02
C VAL B 335 7.99 34.79 22.58
N LEU B 336 8.80 34.24 23.47
CA LEU B 336 9.57 33.03 23.17
C LEU B 336 8.68 31.80 23.11
N ARG B 337 8.83 31.01 22.05
CA ARG B 337 8.03 29.81 21.85
C ARG B 337 8.85 28.63 21.39
N CYS B 338 8.36 27.42 21.66
CA CYS B 338 9.06 26.20 21.28
C CYS B 338 8.23 25.44 20.25
N VAL B 339 8.90 24.88 19.24
CA VAL B 339 8.20 24.25 18.13
C VAL B 339 8.20 22.72 18.22
N ASP B 340 9.37 22.13 18.44
CA ASP B 340 9.49 20.68 18.45
C ASP B 340 10.08 20.13 19.75
N PHE B 341 9.94 20.89 20.83
CA PHE B 341 10.44 20.44 22.14
C PHE B 341 9.66 21.09 23.28
N ALA B 342 9.88 20.56 24.49
CA ALA B 342 9.17 21.07 25.67
C ALA B 342 10.09 21.16 26.90
N ASN B 343 9.63 20.60 28.01
CA ASN B 343 10.31 20.77 29.29
C ASN B 343 11.64 20.03 29.43
N LYS B 344 11.70 18.80 28.94
CA LYS B 344 12.90 17.98 29.07
C LYS B 344 14.09 18.63 28.37
N GLU B 345 13.84 19.22 27.21
CA GLU B 345 14.89 19.87 26.44
C GLU B 345 15.32 21.19 27.07
N VAL B 346 14.36 21.95 27.58
CA VAL B 346 14.64 23.22 28.24
C VAL B 346 15.52 23.02 29.47
N LYS B 347 15.18 22.02 30.29
CA LYS B 347 15.95 21.72 31.48
C LYS B 347 17.36 21.26 31.11
N ASN B 348 17.48 20.47 30.04
CA ASN B 348 18.78 19.99 29.58
C ASN B 348 19.64 21.12 29.03
N CYS B 349 19.01 22.04 28.30
CA CYS B 349 19.71 23.18 27.73
C CYS B 349 20.25 24.08 28.83
N ALA B 350 19.47 24.24 29.89
CA ALA B 350 19.88 25.05 31.03
C ALA B 350 21.07 24.41 31.75
N GLY B 351 21.10 23.09 31.76
CA GLY B 351 22.19 22.35 32.39
C GLY B 351 23.49 22.49 31.61
N VAL B 352 23.37 22.82 30.32
CA VAL B 352 24.53 23.01 29.47
C VAL B 352 25.12 24.40 29.68
N LEU B 353 24.26 25.39 29.87
CA LEU B 353 24.68 26.78 29.96
C LEU B 353 25.20 27.18 31.34
N ARG B 354 24.64 26.55 32.38
CA ARG B 354 25.01 26.88 33.76
C ARG B 354 26.51 26.87 34.11
N PRO B 355 27.27 25.88 33.61
CA PRO B 355 28.72 25.93 33.87
C PRO B 355 29.40 27.15 33.24
N PHE B 356 28.79 27.70 32.20
CA PHE B 356 29.34 28.87 31.51
C PHE B 356 28.89 30.18 32.19
N LEU B 357 28.21 30.05 33.32
CA LEU B 357 27.69 31.22 34.02
C LEU B 357 28.18 31.24 35.47
N PRO C 6 4.12 11.07 0.72
CA PRO C 6 4.77 11.20 -0.59
C PRO C 6 5.80 10.09 -0.83
N LYS C 7 7.05 10.36 -0.48
CA LYS C 7 8.11 9.37 -0.62
C LYS C 7 8.10 8.41 0.57
N THR C 8 7.47 7.26 0.39
CA THR C 8 7.38 6.27 1.47
C THR C 8 8.01 4.94 1.08
N LEU C 9 8.54 4.23 2.09
CA LEU C 9 9.14 2.93 1.89
C LEU C 9 8.35 1.86 2.63
N THR C 10 7.90 0.84 1.90
CA THR C 10 7.14 -0.25 2.52
C THR C 10 8.04 -1.40 2.93
N VAL C 11 7.95 -1.79 4.20
CA VAL C 11 8.79 -2.85 4.74
C VAL C 11 7.96 -4.02 5.26
N GLY C 12 8.14 -5.19 4.65
CA GLY C 12 7.43 -6.38 5.07
C GLY C 12 8.24 -7.23 6.04
N LEU C 13 7.70 -7.41 7.24
CA LEU C 13 8.41 -8.14 8.29
C LEU C 13 7.90 -9.57 8.45
N PHE C 14 8.83 -10.47 8.76
CA PHE C 14 8.49 -11.85 9.08
C PHE C 14 7.64 -11.86 10.36
N PRO C 15 6.37 -12.29 10.24
CA PRO C 15 5.37 -12.15 11.31
C PRO C 15 5.38 -13.26 12.34
N TYR C 16 5.93 -14.43 11.99
CA TYR C 16 5.86 -15.58 12.88
C TYR C 16 6.93 -15.56 13.97
N LEU C 17 6.71 -14.70 14.96
CA LEU C 17 7.60 -14.57 16.10
C LEU C 17 6.85 -14.99 17.36
N PRO C 18 7.59 -15.29 18.45
CA PRO C 18 6.95 -15.73 19.70
C PRO C 18 5.91 -14.74 20.24
N SER C 19 5.06 -15.23 21.13
CA SER C 19 4.04 -14.38 21.75
C SER C 19 3.68 -14.88 23.14
N TRP C 20 4.03 -14.10 24.16
CA TRP C 20 3.72 -14.45 25.53
C TRP C 20 2.23 -14.22 25.81
N ASN C 21 1.68 -15.00 26.72
CA ASN C 21 0.27 -14.87 27.08
C ASN C 21 -0.03 -15.46 28.46
N GLU C 22 -0.41 -14.60 29.40
CA GLU C 22 -0.76 -15.04 30.75
C GLU C 22 -2.27 -15.13 30.92
N ASN C 23 -2.92 -15.78 29.95
CA ASN C 23 -4.37 -15.94 29.94
C ASN C 23 -5.11 -14.61 29.98
N GLY C 24 -5.21 -13.94 28.82
CA GLY C 24 -5.89 -12.67 28.72
C GLY C 24 -5.21 -11.75 27.72
N ASN C 25 -4.17 -11.05 28.16
CA ASN C 25 -3.42 -10.15 27.30
C ASN C 25 -2.26 -10.86 26.61
N GLU C 26 -2.35 -10.99 25.30
CA GLU C 26 -1.29 -11.62 24.52
C GLU C 26 -0.27 -10.58 24.06
N VAL C 27 1.00 -10.84 24.34
CA VAL C 27 2.06 -9.92 23.96
C VAL C 27 2.88 -10.50 22.80
N LYS C 28 2.78 -9.88 21.63
CA LYS C 28 3.51 -10.35 20.46
C LYS C 28 4.87 -9.68 20.36
N LEU C 29 5.92 -10.48 20.17
CA LEU C 29 7.27 -9.96 20.05
C LEU C 29 7.43 -9.08 18.82
N ILE C 30 6.67 -9.40 17.78
CA ILE C 30 6.72 -8.64 16.52
C ILE C 30 6.28 -7.20 16.74
N ASN C 31 5.41 -6.98 17.72
CA ASN C 31 4.93 -5.63 18.04
C ASN C 31 5.95 -4.84 18.85
N LEU C 32 6.66 -5.53 19.75
CA LEU C 32 7.71 -4.89 20.53
C LEU C 32 8.83 -4.38 19.63
N ILE C 33 9.21 -5.20 18.66
CA ILE C 33 10.23 -4.82 17.69
C ILE C 33 9.74 -3.70 16.79
N LYS C 34 8.45 -3.73 16.48
CA LYS C 34 7.84 -2.72 15.63
C LYS C 34 7.86 -1.35 16.32
N ASP C 35 7.69 -1.35 17.64
CA ASP C 35 7.68 -0.12 18.41
C ASP C 35 9.07 0.51 18.51
N VAL C 36 10.09 -0.26 18.12
CA VAL C 36 11.47 0.22 18.20
C VAL C 36 11.95 0.75 16.85
N LEU C 37 11.47 0.13 15.77
CA LEU C 37 11.90 0.49 14.42
C LEU C 37 11.53 1.93 14.05
N PRO C 38 12.47 2.64 13.39
CA PRO C 38 12.30 4.04 13.00
C PRO C 38 11.33 4.23 11.83
N THR C 39 10.43 5.20 11.97
CA THR C 39 9.43 5.47 10.94
C THR C 39 9.90 6.53 9.96
N GLN C 40 10.91 7.31 10.35
CA GLN C 40 11.44 8.36 9.50
C GLN C 40 12.92 8.14 9.24
N VAL C 41 13.27 7.79 8.00
CA VAL C 41 14.67 7.55 7.64
C VAL C 41 15.05 8.25 6.34
N SER C 42 15.99 9.17 6.43
CA SER C 42 16.53 9.89 5.28
C SER C 42 15.45 10.57 4.43
N GLY C 43 14.50 11.21 5.10
CA GLY C 43 13.44 11.92 4.41
C GLY C 43 12.33 11.01 3.89
N TYR C 44 12.51 9.71 4.07
CA TYR C 44 11.52 8.73 3.65
C TYR C 44 10.67 8.25 4.83
N ASN C 45 9.39 7.99 4.56
CA ASN C 45 8.49 7.48 5.58
C ASN C 45 8.39 5.97 5.51
N ILE C 46 8.75 5.28 6.59
CA ILE C 46 8.82 3.83 6.59
C ILE C 46 7.57 3.18 7.18
N GLU C 47 6.90 2.37 6.35
CA GLU C 47 5.71 1.65 6.79
C GLU C 47 6.01 0.17 7.06
N TYR C 48 5.93 -0.23 8.32
CA TYR C 48 6.22 -1.61 8.70
C TYR C 48 4.94 -2.45 8.74
N THR C 49 4.87 -3.44 7.86
CA THR C 49 3.72 -4.33 7.79
C THR C 49 4.18 -5.78 7.88
N GLU C 50 3.35 -6.64 8.45
CA GLU C 50 3.65 -8.06 8.51
C GLU C 50 3.54 -8.67 7.10
N PHE C 51 4.60 -9.35 6.68
CA PHE C 51 4.62 -9.98 5.36
C PHE C 51 4.59 -11.49 5.48
N ASP C 52 3.47 -12.09 5.09
CA ASP C 52 3.28 -13.53 5.16
C ASP C 52 3.85 -14.22 3.93
N CYS C 53 5.10 -14.69 4.04
CA CYS C 53 5.76 -15.37 2.93
C CYS C 53 5.16 -16.75 2.71
N TYR C 54 4.35 -17.20 3.66
CA TYR C 54 3.70 -18.50 3.56
C TYR C 54 2.29 -18.36 2.96
N SER C 55 2.06 -17.22 2.32
CA SER C 55 0.84 -16.98 1.57
C SER C 55 1.21 -16.68 0.12
N ASP C 56 0.75 -17.51 -0.81
CA ASP C 56 1.06 -17.34 -2.22
C ASP C 56 0.54 -16.01 -2.76
N ALA C 57 -0.54 -15.51 -2.16
CA ALA C 57 -1.10 -14.22 -2.55
C ALA C 57 -0.14 -13.08 -2.22
N SER C 58 0.65 -13.27 -1.17
CA SER C 58 1.60 -12.26 -0.73
C SER C 58 2.89 -12.32 -1.55
N LEU C 59 3.29 -13.53 -1.93
CA LEU C 59 4.48 -13.71 -2.77
C LEU C 59 4.25 -13.11 -4.15
N GLN C 60 2.98 -12.99 -4.53
CA GLN C 60 2.58 -12.42 -5.82
C GLN C 60 2.80 -10.91 -5.86
N SER C 61 2.40 -10.23 -4.80
CA SER C 61 2.54 -8.77 -4.73
C SER C 61 3.55 -8.36 -3.67
N LEU C 62 4.80 -8.18 -4.08
CA LEU C 62 5.90 -7.89 -3.17
C LEU C 62 6.03 -6.40 -2.90
N PRO C 63 6.31 -6.03 -1.63
CA PRO C 63 6.53 -4.64 -1.21
C PRO C 63 7.92 -4.15 -1.63
N ASP C 64 8.36 -3.03 -1.06
CA ASP C 64 9.68 -2.50 -1.36
C ASP C 64 10.76 -3.45 -0.83
N VAL C 65 10.76 -3.65 0.48
CA VAL C 65 11.61 -4.68 1.09
C VAL C 65 10.75 -5.68 1.84
N PHE C 66 11.21 -6.91 1.94
CA PHE C 66 10.43 -7.98 2.57
C PHE C 66 11.30 -9.10 3.12
N SER C 67 10.87 -9.66 4.24
CA SER C 67 11.58 -10.77 4.86
C SER C 67 10.87 -12.08 4.55
N THR C 68 11.45 -12.88 3.66
CA THR C 68 10.86 -14.15 3.29
C THR C 68 11.72 -15.32 3.72
N ASP C 69 11.09 -16.48 3.90
CA ASP C 69 11.80 -17.72 4.13
C ASP C 69 12.62 -18.01 2.88
N SER C 70 13.84 -18.47 3.06
CA SER C 70 14.73 -18.76 1.93
C SER C 70 14.22 -19.93 1.11
N ILE C 71 13.29 -20.69 1.69
CA ILE C 71 12.72 -21.86 1.02
C ILE C 71 12.01 -21.50 -0.28
N PHE C 72 11.57 -20.24 -0.38
CA PHE C 72 10.86 -19.78 -1.57
C PHE C 72 11.66 -18.76 -2.35
N LEU C 73 12.93 -18.60 -1.98
CA LEU C 73 13.79 -17.62 -2.62
C LEU C 73 14.10 -17.89 -4.11
N PRO C 74 14.51 -19.12 -4.46
CA PRO C 74 14.75 -19.37 -5.88
C PRO C 74 13.49 -19.21 -6.73
N TYR C 75 12.34 -19.51 -6.13
CA TYR C 75 11.05 -19.35 -6.79
C TYR C 75 10.72 -17.87 -6.98
N LEU C 76 11.16 -17.05 -6.02
CA LEU C 76 10.95 -15.61 -6.09
C LEU C 76 11.83 -14.96 -7.15
N VAL C 77 13.05 -15.48 -7.31
CA VAL C 77 13.98 -14.97 -8.31
C VAL C 77 13.47 -15.25 -9.72
N SER C 78 12.90 -16.43 -9.92
CA SER C 78 12.41 -16.85 -11.23
C SER C 78 11.28 -15.96 -11.74
N LEU C 79 10.57 -15.32 -10.83
CA LEU C 79 9.48 -14.42 -11.19
C LEU C 79 9.96 -12.98 -11.22
N GLY C 80 11.28 -12.80 -11.35
CA GLY C 80 11.87 -11.47 -11.24
C GLY C 80 11.74 -10.99 -9.81
N GLY C 81 10.86 -10.02 -9.60
CA GLY C 81 10.49 -9.59 -8.26
C GLY C 81 11.59 -9.11 -7.35
N VAL C 82 12.58 -9.96 -7.09
CA VAL C 82 13.67 -9.64 -6.17
C VAL C 82 14.90 -9.11 -6.90
N LYS C 83 15.49 -8.05 -6.35
CA LYS C 83 16.68 -7.42 -6.94
C LYS C 83 17.98 -8.06 -6.44
N SER C 84 18.87 -8.38 -7.36
CA SER C 84 20.18 -8.93 -7.02
C SER C 84 21.05 -7.88 -6.35
N LEU C 85 21.83 -8.31 -5.36
CA LEU C 85 22.65 -7.39 -4.57
C LEU C 85 24.14 -7.70 -4.70
N ASP C 86 24.97 -6.71 -4.45
CA ASP C 86 26.41 -6.89 -4.47
C ASP C 86 26.87 -7.80 -3.33
N GLU C 87 27.90 -8.58 -3.60
CA GLU C 87 28.51 -9.44 -2.58
C GLU C 87 29.02 -8.60 -1.42
N SER C 88 29.61 -7.45 -1.75
CA SER C 88 30.20 -6.57 -0.74
C SER C 88 29.17 -5.74 0.02
N LEU C 89 28.09 -5.38 -0.67
CA LEU C 89 27.03 -4.56 -0.08
C LEU C 89 26.39 -5.25 1.13
N VAL C 90 26.19 -6.56 1.01
CA VAL C 90 25.58 -7.33 2.08
C VAL C 90 26.54 -7.48 3.26
N ARG C 91 27.81 -7.72 2.95
CA ARG C 91 28.82 -7.92 3.98
C ARG C 91 29.06 -6.64 4.79
N GLY C 92 28.87 -5.49 4.15
CA GLY C 92 29.02 -4.21 4.82
C GLY C 92 27.89 -3.94 5.79
N VAL C 93 26.86 -4.78 5.76
CA VAL C 93 25.71 -4.62 6.64
C VAL C 93 25.61 -5.76 7.65
N THR C 94 25.69 -7.00 7.15
CA THR C 94 25.53 -8.17 7.99
C THR C 94 26.81 -8.57 8.72
N GLY C 95 27.94 -8.42 8.02
CA GLY C 95 29.21 -8.87 8.56
C GLY C 95 29.49 -10.30 8.14
N ASP C 96 30.33 -10.99 8.90
CA ASP C 96 30.66 -12.38 8.61
C ASP C 96 29.42 -13.27 8.72
N LEU C 97 29.27 -14.15 7.74
CA LEU C 97 28.14 -15.08 7.70
C LEU C 97 28.65 -16.51 7.59
N HIS C 98 27.92 -17.44 8.20
CA HIS C 98 28.21 -18.86 8.03
C HIS C 98 27.99 -19.24 6.57
N SER C 99 28.71 -20.27 6.11
CA SER C 99 28.65 -20.68 4.71
C SER C 99 27.23 -21.07 4.29
N PHE C 100 26.51 -21.74 5.18
CA PHE C 100 25.15 -22.17 4.88
C PHE C 100 24.16 -21.01 4.91
N VAL C 101 24.46 -20.00 5.73
CA VAL C 101 23.63 -18.80 5.81
C VAL C 101 23.72 -17.99 4.53
N SER C 102 24.94 -17.80 4.04
CA SER C 102 25.16 -17.05 2.81
C SER C 102 24.64 -17.80 1.59
N SER C 103 24.75 -19.12 1.63
CA SER C 103 24.31 -19.97 0.52
C SER C 103 22.80 -19.96 0.37
N SER C 104 22.10 -19.80 1.50
CA SER C 104 20.64 -19.82 1.49
C SER C 104 20.08 -18.57 0.83
N ALA C 105 20.87 -17.51 0.80
CA ALA C 105 20.45 -16.25 0.20
C ALA C 105 21.02 -16.06 -1.20
N SER C 106 21.62 -17.12 -1.75
CA SER C 106 22.25 -17.05 -3.06
C SER C 106 21.54 -17.91 -4.09
N VAL C 107 21.20 -17.32 -5.23
CA VAL C 107 20.57 -18.04 -6.33
C VAL C 107 21.32 -17.78 -7.63
N ASN C 108 21.81 -18.85 -8.25
CA ASN C 108 22.53 -18.76 -9.51
C ASN C 108 23.75 -17.81 -9.47
N GLY C 109 24.55 -17.95 -8.42
CA GLY C 109 25.78 -17.18 -8.29
C GLY C 109 25.56 -15.70 -7.99
N SER C 110 24.39 -15.36 -7.47
CA SER C 110 24.08 -13.99 -7.13
C SER C 110 23.36 -13.89 -5.79
N VAL C 111 23.69 -12.86 -5.01
CA VAL C 111 23.05 -12.64 -3.72
C VAL C 111 21.72 -11.90 -3.92
N TYR C 112 20.68 -12.37 -3.25
CA TYR C 112 19.35 -11.79 -3.40
C TYR C 112 18.72 -11.34 -2.09
N GLY C 113 19.55 -11.02 -1.09
CA GLY C 113 19.03 -10.49 0.15
C GLY C 113 19.93 -10.57 1.36
N PHE C 114 19.53 -9.88 2.42
CA PHE C 114 20.27 -9.87 3.68
C PHE C 114 19.65 -10.87 4.65
N PRO C 115 20.42 -11.91 5.01
CA PRO C 115 19.96 -12.91 5.99
C PRO C 115 19.60 -12.26 7.31
N GLN C 116 18.39 -12.51 7.80
CA GLN C 116 17.92 -11.89 9.03
C GLN C 116 17.81 -12.87 10.20
N TYR C 117 17.05 -13.94 9.99
CA TYR C 117 16.81 -14.90 11.06
C TYR C 117 17.38 -16.29 10.76
N LEU C 118 17.58 -17.06 11.83
CA LEU C 118 17.99 -18.46 11.72
C LEU C 118 17.04 -19.30 12.55
N CYS C 119 16.81 -20.54 12.11
CA CYS C 119 15.91 -21.44 12.82
C CYS C 119 16.08 -22.89 12.41
N SER C 120 15.72 -23.79 13.32
CA SER C 120 15.78 -25.23 13.05
C SER C 120 14.95 -25.97 14.09
N ASN C 121 14.67 -27.25 13.83
CA ASN C 121 14.01 -28.08 14.81
C ASN C 121 15.05 -28.65 15.78
N PHE C 122 15.53 -27.79 16.67
CA PHE C 122 16.55 -28.17 17.63
C PHE C 122 16.02 -29.19 18.62
N LEU C 123 16.94 -29.90 19.28
CA LEU C 123 16.57 -30.85 20.33
C LEU C 123 16.85 -30.25 21.70
N LEU C 124 15.79 -30.01 22.46
CA LEU C 124 15.90 -29.50 23.82
C LEU C 124 15.88 -30.67 24.80
N SER C 125 17.04 -31.04 25.30
CA SER C 125 17.14 -32.17 26.22
C SER C 125 17.55 -31.74 27.64
N SER C 126 16.82 -32.26 28.62
CA SER C 126 17.10 -32.00 30.02
C SER C 126 18.44 -32.63 30.41
N PRO C 127 19.08 -32.11 31.47
CA PRO C 127 20.30 -32.73 32.02
C PRO C 127 20.06 -34.18 32.43
N ASN C 128 18.80 -34.54 32.64
CA ASN C 128 18.43 -35.92 32.93
C ASN C 128 18.39 -36.75 31.66
N ALA C 129 19.09 -36.27 30.62
CA ALA C 129 19.15 -36.98 29.35
C ALA C 129 19.83 -38.32 29.52
N THR C 130 19.01 -39.36 29.67
CA THR C 130 19.50 -40.72 29.75
C THR C 130 20.28 -41.07 28.48
N GLN C 131 19.76 -40.63 27.35
CA GLN C 131 20.38 -40.94 26.07
C GLN C 131 20.80 -39.69 25.29
N GLN C 132 21.78 -39.86 24.40
CA GLN C 132 22.22 -38.80 23.52
C GLN C 132 22.36 -39.36 22.11
N ALA C 133 22.19 -38.50 21.09
CA ALA C 133 22.24 -38.96 19.71
C ALA C 133 22.77 -37.90 18.76
N SER C 134 23.13 -38.34 17.56
CA SER C 134 23.64 -37.44 16.53
C SER C 134 22.56 -37.11 15.52
N SER C 135 21.46 -37.86 15.57
CA SER C 135 20.33 -37.64 14.67
C SER C 135 19.03 -38.06 15.34
N LEU C 136 17.91 -37.60 14.78
CA LEU C 136 16.60 -37.94 15.33
C LEU C 136 16.25 -39.41 15.08
N LEU C 137 16.84 -39.99 14.04
CA LEU C 137 16.70 -41.41 13.78
C LEU C 137 17.40 -42.21 14.86
N GLU C 138 18.63 -41.81 15.18
CA GLU C 138 19.41 -42.47 16.22
C GLU C 138 18.74 -42.33 17.59
N LEU C 139 18.19 -41.14 17.85
CA LEU C 139 17.50 -40.87 19.10
C LEU C 139 16.23 -41.70 19.21
N ALA C 140 15.56 -41.89 18.08
CA ALA C 140 14.32 -42.68 18.04
C ALA C 140 14.58 -44.13 18.42
N GLN C 141 15.60 -44.73 17.81
CA GLN C 141 15.96 -46.10 18.09
C GLN C 141 16.35 -46.29 19.56
N LYS C 142 17.17 -45.36 20.06
CA LYS C 142 17.71 -45.47 21.41
C LYS C 142 16.65 -45.23 22.50
N VAL C 143 15.66 -44.39 22.20
CA VAL C 143 14.69 -44.00 23.22
C VAL C 143 13.40 -44.82 23.16
N GLY C 144 13.10 -45.39 21.98
CA GLY C 144 11.97 -46.29 21.85
C GLY C 144 10.62 -45.65 21.55
N TYR C 145 9.58 -46.31 22.04
CA TYR C 145 8.19 -45.95 21.71
C TYR C 145 7.67 -44.71 22.43
N GLU C 146 7.38 -43.67 21.65
CA GLU C 146 6.75 -42.44 22.15
C GLU C 146 7.40 -41.87 23.40
N GLN C 147 8.61 -41.34 23.25
CA GLN C 147 9.35 -40.79 24.37
C GLN C 147 9.87 -39.39 24.04
N ILE C 148 9.57 -38.92 22.83
CA ILE C 148 10.04 -37.61 22.38
C ILE C 148 8.89 -36.67 22.07
N VAL C 149 8.90 -35.49 22.66
CA VAL C 149 7.91 -34.47 22.36
C VAL C 149 8.31 -33.69 21.12
N TYR C 150 7.49 -33.79 20.07
CA TYR C 150 7.77 -33.17 18.78
C TYR C 150 6.44 -32.78 18.16
N PRO C 151 5.86 -31.65 18.63
CA PRO C 151 4.50 -31.20 18.29
C PRO C 151 4.20 -31.15 16.80
N ASP C 152 5.12 -30.61 16.01
CA ASP C 152 4.91 -30.49 14.56
C ASP C 152 4.73 -31.85 13.88
N VAL C 153 5.47 -32.85 14.35
CA VAL C 153 5.35 -34.21 13.82
C VAL C 153 4.08 -34.88 14.34
N ALA C 154 3.77 -34.63 15.60
CA ALA C 154 2.57 -35.20 16.23
C ALA C 154 1.30 -34.55 15.71
N SER C 155 1.44 -33.45 14.97
CA SER C 155 0.28 -32.76 14.42
C SER C 155 0.22 -32.90 12.91
N SER C 156 1.25 -33.50 12.33
CA SER C 156 1.35 -33.69 10.89
C SER C 156 1.19 -32.40 10.11
N SER C 157 1.82 -31.33 10.60
CA SER C 157 1.75 -30.03 9.94
C SER C 157 2.37 -30.11 8.55
N SER C 158 1.87 -29.28 7.64
CA SER C 158 2.21 -29.38 6.22
C SER C 158 3.70 -29.23 5.90
N PHE C 159 4.34 -28.24 6.53
CA PHE C 159 5.74 -27.95 6.22
C PHE C 159 6.73 -28.97 6.79
N THR C 160 6.43 -29.51 7.97
CA THR C 160 7.30 -30.53 8.57
C THR C 160 7.17 -31.88 7.85
N VAL C 161 5.93 -32.26 7.52
CA VAL C 161 5.71 -33.49 6.77
C VAL C 161 6.41 -33.41 5.42
N PHE C 162 6.22 -32.28 4.73
CA PHE C 162 6.92 -32.04 3.48
C PHE C 162 8.42 -31.91 3.70
N GLY C 163 8.79 -31.28 4.81
CA GLY C 163 10.19 -31.01 5.12
C GLY C 163 11.00 -32.25 5.42
N LEU C 164 10.59 -33.01 6.43
CA LEU C 164 11.32 -34.18 6.87
C LEU C 164 11.47 -35.21 5.75
N TYR C 165 10.39 -35.43 5.01
CA TYR C 165 10.39 -36.37 3.90
C TYR C 165 11.45 -36.00 2.86
N GLN C 166 11.59 -34.70 2.61
CA GLN C 166 12.53 -34.22 1.62
C GLN C 166 13.96 -34.28 2.14
N GLN C 167 14.12 -34.09 3.45
CA GLN C 167 15.43 -34.15 4.08
C GLN C 167 16.00 -35.56 4.03
N LEU C 168 15.15 -36.54 4.36
CA LEU C 168 15.55 -37.94 4.37
C LEU C 168 15.91 -38.42 2.98
N LEU C 169 15.23 -37.88 1.97
CA LEU C 169 15.41 -38.32 0.60
C LEU C 169 16.60 -37.67 -0.09
N GLN C 170 16.61 -36.34 -0.12
CA GLN C 170 17.64 -35.60 -0.84
C GLN C 170 19.01 -35.66 -0.18
N SER C 171 20.05 -35.59 -1.00
CA SER C 171 21.42 -35.58 -0.51
C SER C 171 22.29 -34.71 -1.42
N SER C 172 22.79 -33.61 -0.86
CA SER C 172 23.60 -32.67 -1.63
C SER C 172 25.03 -32.57 -1.13
N SER C 173 25.90 -32.00 -1.94
CA SER C 173 27.29 -31.79 -1.57
C SER C 173 27.51 -30.36 -1.07
N SER C 174 26.57 -29.48 -1.42
CA SER C 174 26.62 -28.09 -0.98
C SER C 174 25.50 -27.80 0.01
N ALA C 175 25.50 -26.59 0.58
CA ALA C 175 24.53 -26.21 1.58
C ALA C 175 23.12 -26.13 1.02
N ALA C 176 22.99 -25.55 -0.16
CA ALA C 176 21.69 -25.36 -0.80
C ALA C 176 21.14 -26.66 -1.39
N VAL C 177 20.01 -27.11 -0.87
CA VAL C 177 19.33 -28.29 -1.40
C VAL C 177 18.09 -27.85 -2.17
N ASP C 178 18.29 -27.46 -3.43
CA ASP C 178 17.20 -26.94 -4.26
C ASP C 178 16.45 -28.06 -4.98
N ILE C 179 15.13 -28.08 -4.79
CA ILE C 179 14.29 -29.07 -5.45
C ILE C 179 13.25 -28.39 -6.34
N LYS C 180 12.80 -29.11 -7.35
CA LYS C 180 11.76 -28.60 -8.25
C LYS C 180 10.44 -29.36 -8.05
N ALA C 181 9.41 -28.92 -8.76
CA ALA C 181 8.07 -29.49 -8.60
C ALA C 181 8.00 -30.95 -9.05
N SER C 182 8.90 -31.35 -9.93
CA SER C 182 8.93 -32.72 -10.44
C SER C 182 9.48 -33.70 -9.41
N ASP C 183 10.14 -33.16 -8.38
CA ASP C 183 10.71 -33.99 -7.33
C ASP C 183 9.73 -34.19 -6.18
N LEU C 184 8.45 -34.00 -6.46
CA LEU C 184 7.42 -34.13 -5.43
C LEU C 184 6.46 -35.27 -5.74
N PRO C 185 6.11 -36.06 -4.71
CA PRO C 185 5.11 -37.12 -4.81
C PRO C 185 3.78 -36.58 -5.31
N GLN C 186 3.38 -37.01 -6.50
CA GLN C 186 2.19 -36.45 -7.15
C GLN C 186 0.92 -37.25 -6.83
N SER C 187 1.03 -38.58 -6.91
CA SER C 187 -0.13 -39.44 -6.78
C SER C 187 -0.16 -40.22 -5.47
N GLY C 188 0.94 -40.91 -5.18
CA GLY C 188 1.01 -41.78 -4.03
C GLY C 188 1.78 -43.03 -4.41
N ASP C 189 1.87 -43.26 -5.72
CA ASP C 189 2.67 -44.34 -6.26
C ASP C 189 4.10 -43.84 -6.42
N GLN C 190 4.25 -42.52 -6.44
CA GLN C 190 5.55 -41.88 -6.57
C GLN C 190 6.18 -41.65 -5.21
N VAL C 191 5.44 -41.98 -4.15
CA VAL C 191 5.94 -41.83 -2.79
C VAL C 191 6.96 -42.92 -2.47
N ASN C 192 8.15 -42.51 -2.05
CA ASN C 192 9.19 -43.44 -1.67
C ASN C 192 8.90 -44.06 -0.31
N LYS C 193 8.55 -45.34 -0.31
CA LYS C 193 8.15 -46.05 0.91
C LYS C 193 9.31 -46.24 1.90
N ASP C 194 10.53 -46.20 1.39
CA ASP C 194 11.71 -46.32 2.24
C ASP C 194 11.83 -45.11 3.16
N ILE C 195 11.51 -43.95 2.62
CA ILE C 195 11.58 -42.69 3.36
C ILE C 195 10.46 -42.60 4.40
N THR C 196 9.27 -43.05 4.02
CA THR C 196 8.12 -43.03 4.93
C THR C 196 8.35 -43.96 6.11
N GLN C 197 9.08 -45.05 5.87
CA GLN C 197 9.43 -45.98 6.93
C GLN C 197 10.36 -45.32 7.94
N LYS C 198 11.33 -44.57 7.42
CA LYS C 198 12.25 -43.82 8.27
C LYS C 198 11.49 -42.74 9.05
N TYR C 199 10.56 -42.08 8.38
CA TYR C 199 9.73 -41.05 9.01
C TYR C 199 8.89 -41.67 10.11
N ARG C 200 8.41 -42.90 9.89
CA ARG C 200 7.53 -43.58 10.82
C ARG C 200 8.21 -43.86 12.15
N THR C 201 9.51 -44.14 12.10
CA THR C 201 10.28 -44.44 13.30
C THR C 201 10.29 -43.25 14.25
N ILE C 202 10.44 -42.05 13.69
CA ILE C 202 10.41 -40.82 14.48
C ILE C 202 9.00 -40.56 14.99
N LEU C 203 8.01 -40.75 14.12
CA LEU C 203 6.61 -40.54 14.48
C LEU C 203 6.19 -41.48 15.62
N ASP C 204 6.62 -42.74 15.54
CA ASP C 204 6.31 -43.71 16.58
C ASP C 204 7.06 -43.42 17.86
N SER C 205 8.19 -42.71 17.74
CA SER C 205 8.98 -42.31 18.89
C SER C 205 8.48 -40.97 19.44
N THR C 206 7.45 -40.42 18.80
CA THR C 206 6.89 -39.14 19.21
C THR C 206 5.63 -39.31 20.06
N VAL C 207 5.61 -38.63 21.20
CA VAL C 207 4.44 -38.65 22.07
C VAL C 207 3.35 -37.76 21.46
N VAL C 208 2.10 -38.03 21.82
CA VAL C 208 0.98 -37.22 21.33
C VAL C 208 0.72 -36.07 22.31
N ALA C 209 1.45 -34.98 22.15
CA ALA C 209 1.29 -33.82 23.01
C ALA C 209 1.62 -32.53 22.25
N SER C 210 0.92 -31.46 22.60
CA SER C 210 1.14 -30.16 21.97
C SER C 210 2.33 -29.45 22.63
N GLN C 211 2.73 -28.32 22.04
CA GLN C 211 3.78 -27.51 22.64
C GLN C 211 3.31 -26.96 23.97
N ARG C 212 2.04 -26.61 24.05
CA ARG C 212 1.45 -26.03 25.24
C ARG C 212 1.48 -27.01 26.41
N GLU C 213 1.29 -28.29 26.12
CA GLU C 213 1.35 -29.33 27.14
C GLU C 213 2.77 -29.52 27.66
N TYR C 214 3.74 -29.40 26.76
CA TYR C 214 5.14 -29.52 27.14
C TYR C 214 5.62 -28.33 27.96
N ILE C 215 5.33 -27.13 27.49
CA ILE C 215 5.71 -25.91 28.19
C ILE C 215 5.11 -25.85 29.59
N ASN C 216 3.80 -26.12 29.69
CA ASN C 216 3.12 -26.14 30.98
C ASN C 216 3.68 -27.19 31.93
N SER C 217 4.17 -28.29 31.37
CA SER C 217 4.76 -29.35 32.18
C SER C 217 6.11 -28.92 32.74
N VAL C 218 6.87 -28.17 31.93
CA VAL C 218 8.17 -27.68 32.35
C VAL C 218 8.02 -26.57 33.40
N LYS C 219 7.01 -25.72 33.21
CA LYS C 219 6.74 -24.64 34.16
C LYS C 219 6.42 -25.16 35.55
N GLN C 220 5.87 -26.37 35.61
CA GLN C 220 5.43 -26.96 36.88
C GLN C 220 6.41 -27.99 37.42
N GLY C 221 7.62 -28.00 36.87
CA GLY C 221 8.67 -28.87 37.35
C GLY C 221 8.44 -30.35 37.08
N LYS C 222 7.46 -30.66 36.23
CA LYS C 222 7.15 -32.04 35.89
C LYS C 222 7.16 -32.24 34.37
N PRO C 223 8.35 -32.27 33.77
CA PRO C 223 8.46 -32.42 32.31
C PRO C 223 7.88 -33.76 31.85
N ILE C 224 6.94 -33.72 30.91
CA ILE C 224 6.33 -34.94 30.40
C ILE C 224 7.33 -35.77 29.59
N SER C 225 8.45 -35.14 29.24
CA SER C 225 9.53 -35.83 28.54
C SER C 225 10.86 -35.11 28.75
N ASN C 226 11.95 -35.85 28.57
CA ASN C 226 13.28 -35.26 28.68
C ASN C 226 13.85 -34.88 27.31
N TYR C 227 13.04 -35.07 26.28
CA TYR C 227 13.45 -34.75 24.92
C TYR C 227 12.38 -33.92 24.23
N TYR C 228 12.79 -32.78 23.66
CA TYR C 228 11.87 -31.90 22.96
C TYR C 228 12.47 -31.40 21.65
N VAL C 229 11.71 -31.53 20.57
CA VAL C 229 12.14 -31.03 19.27
C VAL C 229 11.20 -29.94 18.76
N GLY C 230 11.77 -28.82 18.34
CA GLY C 230 11.00 -27.72 17.81
C GLY C 230 11.85 -26.48 17.60
N TYR C 231 11.18 -25.37 17.26
CA TYR C 231 11.87 -24.11 17.07
C TYR C 231 12.39 -23.59 18.39
N SER C 232 13.44 -22.77 18.34
CA SER C 232 13.98 -22.16 19.55
C SER C 232 12.99 -21.13 20.09
N GLU C 233 12.23 -20.53 19.19
CA GLU C 233 11.22 -19.54 19.55
C GLU C 233 10.13 -20.13 20.43
N SER C 234 9.83 -21.40 20.21
CA SER C 234 8.80 -22.11 20.97
C SER C 234 9.23 -22.38 22.41
N MET C 235 10.52 -22.20 22.68
CA MET C 235 11.07 -22.47 24.00
C MET C 235 11.19 -21.20 24.83
N CYS C 236 10.73 -20.08 24.28
CA CYS C 236 10.96 -18.77 24.91
C CYS C 236 10.27 -18.61 26.26
N GLU C 237 9.15 -19.29 26.46
CA GLU C 237 8.42 -19.17 27.72
C GLU C 237 9.04 -19.97 28.86
N ILE C 238 10.12 -20.68 28.56
CA ILE C 238 10.86 -21.43 29.58
C ILE C 238 12.36 -21.17 29.48
N LYS C 239 12.73 -20.00 28.95
CA LYS C 239 14.13 -19.65 28.74
C LYS C 239 14.91 -19.53 30.05
N ASP C 240 14.18 -19.22 31.13
CA ASP C 240 14.81 -19.08 32.44
C ASP C 240 15.06 -20.44 33.08
N ILE C 241 14.12 -21.36 32.86
CA ILE C 241 14.27 -22.72 33.36
C ILE C 241 15.37 -23.45 32.59
N ILE C 242 15.46 -23.17 31.28
CA ILE C 242 16.52 -23.72 30.45
C ILE C 242 17.89 -23.30 30.98
N ARG C 243 17.98 -22.05 31.44
CA ARG C 243 19.24 -21.53 31.98
C ARG C 243 19.50 -22.06 33.38
N ASP C 244 18.51 -21.92 34.26
CA ASP C 244 18.68 -22.27 35.67
C ASP C 244 18.78 -23.77 35.92
N GLN C 245 18.11 -24.57 35.09
CA GLN C 245 18.18 -26.02 35.24
C GLN C 245 19.13 -26.63 34.19
N GLN C 246 19.73 -25.76 33.38
CA GLN C 246 20.77 -26.15 32.43
C GLN C 246 20.35 -27.17 31.37
N TYR C 247 19.19 -26.95 30.76
CA TYR C 247 18.77 -27.75 29.61
C TYR C 247 19.74 -27.53 28.46
N ASN C 248 19.90 -28.53 27.61
CA ASN C 248 20.82 -28.42 26.48
C ASN C 248 20.08 -28.37 25.14
N VAL C 249 20.60 -27.55 24.22
CA VAL C 249 20.05 -27.49 22.87
C VAL C 249 21.13 -27.81 21.83
N GLN C 250 20.79 -28.68 20.88
CA GLN C 250 21.76 -29.12 19.89
C GLN C 250 21.26 -29.02 18.46
N LEU C 251 22.15 -28.61 17.56
CA LEU C 251 21.88 -28.61 16.13
C LEU C 251 21.82 -30.06 15.66
N ILE C 252 20.61 -30.62 15.62
CA ILE C 252 20.45 -32.02 15.27
C ILE C 252 19.65 -32.21 13.99
N GLY C 253 20.13 -33.10 13.13
CA GLY C 253 19.44 -33.43 11.91
C GLY C 253 18.50 -34.60 12.11
N THR C 254 17.49 -34.70 11.24
CA THR C 254 16.56 -35.82 11.30
C THR C 254 17.30 -37.09 10.88
N SER C 255 18.26 -36.92 9.99
CA SER C 255 19.13 -38.01 9.57
C SER C 255 20.46 -37.44 9.07
N ASP C 256 21.54 -37.85 9.72
CA ASP C 256 22.89 -37.42 9.36
C ASP C 256 23.09 -35.90 9.42
N LYS C 257 22.79 -35.24 8.30
CA LYS C 257 23.04 -33.80 8.19
C LYS C 257 21.91 -32.94 8.75
N PRO C 258 22.25 -31.86 9.45
CA PRO C 258 21.28 -30.95 10.07
C PRO C 258 20.69 -29.95 9.08
N TYR C 259 19.39 -29.75 9.15
CA TYR C 259 18.71 -28.77 8.31
C TYR C 259 18.36 -27.51 9.09
N VAL C 260 18.41 -26.37 8.40
CA VAL C 260 18.18 -25.09 9.06
C VAL C 260 17.29 -24.17 8.21
N TYR C 261 16.49 -23.34 8.89
CA TYR C 261 15.68 -22.33 8.23
C TYR C 261 16.38 -20.98 8.32
N THR C 262 16.40 -20.23 7.23
CA THR C 262 16.93 -18.87 7.25
C THR C 262 15.92 -17.89 6.66
N ASP C 263 15.71 -16.78 7.34
CA ASP C 263 14.85 -15.72 6.82
C ASP C 263 15.71 -14.63 6.20
N VAL C 264 15.30 -14.17 5.03
CA VAL C 264 16.10 -13.23 4.25
C VAL C 264 15.33 -11.97 3.87
N LEU C 265 15.89 -10.81 4.25
CA LEU C 265 15.34 -9.53 3.83
C LEU C 265 15.79 -9.21 2.41
N ALA C 266 14.83 -9.15 1.50
CA ALA C 266 15.15 -8.92 0.09
C ALA C 266 14.59 -7.59 -0.41
N LEU C 267 15.23 -7.05 -1.45
CA LEU C 267 14.77 -5.80 -2.05
C LEU C 267 13.99 -6.08 -3.33
N ASN C 268 12.95 -5.31 -3.55
CA ASN C 268 12.17 -5.43 -4.78
C ASN C 268 13.01 -5.00 -5.99
N SER C 269 12.69 -5.54 -7.15
CA SER C 269 13.46 -5.24 -8.35
C SER C 269 13.06 -3.92 -8.99
N ASN C 270 12.01 -3.29 -8.47
CA ASN C 270 11.54 -2.02 -9.02
C ASN C 270 12.00 -0.80 -8.24
N LEU C 271 12.95 -1.01 -7.33
CA LEU C 271 13.46 0.08 -6.51
C LEU C 271 14.45 0.95 -7.26
N CYS C 272 14.25 2.27 -7.20
CA CYS C 272 15.19 3.22 -7.78
C CYS C 272 16.42 3.33 -6.89
N ASP C 273 17.39 4.15 -7.32
CA ASP C 273 18.65 4.27 -6.60
C ASP C 273 18.51 4.95 -5.25
N GLU C 274 17.58 5.90 -5.15
CA GLU C 274 17.38 6.64 -3.91
C GLU C 274 16.71 5.76 -2.84
N LYS C 275 15.67 5.05 -3.24
CA LYS C 275 14.96 4.16 -2.33
C LYS C 275 15.84 3.00 -1.86
N GLN C 276 16.70 2.52 -2.76
CA GLN C 276 17.58 1.40 -2.46
C GLN C 276 18.55 1.74 -1.32
N LYS C 277 19.06 2.96 -1.33
CA LYS C 277 19.94 3.42 -0.26
C LYS C 277 19.19 3.53 1.06
N VAL C 278 17.97 4.05 0.99
CA VAL C 278 17.11 4.17 2.17
C VAL C 278 16.75 2.79 2.70
N ALA C 279 16.49 1.87 1.79
CA ALA C 279 16.14 0.50 2.15
C ALA C 279 17.25 -0.17 2.96
N VAL C 280 18.49 -0.01 2.49
CA VAL C 280 19.65 -0.59 3.15
C VAL C 280 19.81 -0.07 4.58
N GLU C 281 19.56 1.22 4.77
CA GLU C 281 19.64 1.82 6.10
C GLU C 281 18.66 1.19 7.06
N VAL C 282 17.42 1.01 6.62
CA VAL C 282 16.37 0.40 7.44
C VAL C 282 16.73 -1.05 7.77
N ILE C 283 17.26 -1.75 6.79
CA ILE C 283 17.69 -3.14 6.98
C ILE C 283 18.90 -3.18 7.92
N LYS C 284 19.83 -2.26 7.72
CA LYS C 284 21.03 -2.19 8.55
C LYS C 284 20.67 -1.97 10.01
N ASN C 285 19.65 -1.16 10.24
CA ASN C 285 19.14 -0.95 11.59
C ASN C 285 18.51 -2.23 12.13
N LEU C 286 17.70 -2.88 11.31
CA LEU C 286 17.00 -4.10 11.71
C LEU C 286 17.95 -5.22 12.10
N LEU C 287 19.15 -5.20 11.54
CA LEU C 287 20.10 -6.29 11.75
C LEU C 287 21.17 -5.98 12.80
N THR C 288 21.43 -4.69 13.04
CA THR C 288 22.53 -4.31 13.92
C THR C 288 22.11 -3.54 15.18
N ASN C 289 20.88 -3.06 15.21
CA ASN C 289 20.37 -2.36 16.39
C ASN C 289 20.36 -3.30 17.59
N THR C 290 21.16 -2.99 18.58
CA THR C 290 21.34 -3.86 19.74
C THR C 290 20.04 -4.06 20.53
N LEU C 291 19.19 -3.05 20.53
CA LEU C 291 17.91 -3.15 21.24
C LEU C 291 16.98 -4.15 20.56
N VAL C 292 17.01 -4.16 19.22
CA VAL C 292 16.24 -5.12 18.45
C VAL C 292 16.75 -6.53 18.73
N LEU C 293 18.07 -6.69 18.73
CA LEU C 293 18.71 -7.98 19.00
C LEU C 293 18.39 -8.46 20.41
N ASP C 294 18.44 -7.53 21.38
CA ASP C 294 18.17 -7.87 22.76
C ASP C 294 16.72 -8.33 22.95
N LEU C 295 15.82 -7.76 22.16
CA LEU C 295 14.42 -8.17 22.20
C LEU C 295 14.26 -9.57 21.61
N LEU C 296 15.00 -9.84 20.54
CA LEU C 296 15.01 -11.16 19.92
C LEU C 296 15.44 -12.23 20.93
N GLY C 297 16.41 -11.87 21.78
CA GLY C 297 16.91 -12.77 22.79
C GLY C 297 15.84 -13.16 23.81
N LEU C 298 14.92 -12.25 24.07
CA LEU C 298 13.82 -12.52 25.00
C LEU C 298 12.89 -13.58 24.43
N GLY C 299 12.79 -13.62 23.10
CA GLY C 299 11.94 -14.59 22.43
C GLY C 299 12.72 -15.77 21.89
N LEU C 300 14.00 -15.84 22.26
CA LEU C 300 14.90 -16.92 21.81
C LEU C 300 14.93 -17.06 20.29
N THR C 301 14.79 -15.94 19.59
CA THR C 301 14.87 -15.91 18.14
C THR C 301 16.30 -15.69 17.70
N LEU C 302 16.74 -16.46 16.71
CA LEU C 302 18.15 -16.43 16.29
C LEU C 302 18.41 -15.47 15.14
N PRO C 303 19.39 -14.56 15.33
CA PRO C 303 19.90 -13.74 14.23
C PRO C 303 20.64 -14.63 13.23
N ALA C 304 20.68 -14.23 11.96
CA ALA C 304 21.32 -15.05 10.94
C ALA C 304 22.81 -14.75 10.79
N ASN C 305 23.23 -13.57 11.24
CA ASN C 305 24.62 -13.17 11.14
C ASN C 305 25.45 -13.53 12.36
N LYS C 306 26.75 -13.69 12.18
CA LYS C 306 27.65 -14.04 13.28
C LYS C 306 27.66 -12.97 14.38
N ASN C 307 27.66 -11.71 13.97
CA ASN C 307 27.64 -10.60 14.92
C ASN C 307 26.42 -10.62 15.84
N GLY C 308 25.26 -10.87 15.24
CA GLY C 308 24.02 -10.93 15.99
C GLY C 308 23.97 -12.10 16.94
N ILE C 309 24.48 -13.24 16.48
CA ILE C 309 24.55 -14.43 17.33
C ILE C 309 25.55 -14.24 18.46
N ALA C 310 26.71 -13.68 18.11
CA ALA C 310 27.76 -13.42 19.10
C ALA C 310 27.27 -12.45 20.17
N HIS C 311 26.48 -11.47 19.76
CA HIS C 311 25.94 -10.47 20.67
C HIS C 311 25.07 -11.12 21.75
N LEU C 312 24.28 -12.10 21.35
CA LEU C 312 23.35 -12.75 22.27
C LEU C 312 23.98 -13.94 22.98
N ALA C 313 25.11 -14.40 22.47
CA ALA C 313 25.83 -15.52 23.08
C ALA C 313 26.58 -15.10 24.34
N LYS C 314 26.97 -13.83 24.38
CA LYS C 314 27.75 -13.31 25.50
C LYS C 314 26.95 -13.19 26.80
N SER C 315 25.63 -13.31 26.69
CA SER C 315 24.76 -13.18 27.86
C SER C 315 23.80 -14.35 28.01
N SER C 316 23.88 -15.31 27.09
CA SER C 316 23.00 -16.46 27.12
C SER C 316 23.73 -17.74 26.71
N ASN C 317 23.76 -18.73 27.61
CA ASN C 317 24.39 -20.00 27.30
C ASN C 317 23.62 -20.75 26.22
N PHE C 318 22.32 -20.46 26.15
CA PHE C 318 21.46 -21.00 25.10
C PHE C 318 22.00 -20.64 23.72
N TYR C 319 22.22 -19.34 23.51
CA TYR C 319 22.77 -18.86 22.26
C TYR C 319 24.22 -19.30 22.07
N ALA C 320 24.93 -19.45 23.19
CA ALA C 320 26.32 -19.88 23.15
C ALA C 320 26.43 -21.31 22.61
N GLN C 321 25.55 -22.19 23.08
CA GLN C 321 25.52 -23.57 22.63
C GLN C 321 25.26 -23.66 21.13
N LEU C 322 24.28 -22.89 20.66
CA LEU C 322 23.90 -22.89 19.25
C LEU C 322 25.00 -22.31 18.36
N SER C 323 25.69 -21.29 18.87
CA SER C 323 26.77 -20.65 18.12
C SER C 323 27.91 -21.61 17.87
N GLN C 324 28.29 -22.37 18.90
CA GLN C 324 29.40 -23.30 18.81
C GLN C 324 29.11 -24.46 17.86
N GLN C 325 27.83 -24.82 17.75
CA GLN C 325 27.43 -25.91 16.87
C GLN C 325 27.25 -25.43 15.42
N PHE C 326 26.88 -24.16 15.28
CA PHE C 326 26.82 -23.54 13.95
C PHE C 326 28.22 -23.48 13.34
N ASP C 327 29.22 -23.30 14.21
CA ASP C 327 30.61 -23.25 13.78
C ASP C 327 31.15 -24.65 13.51
N ALA C 328 30.78 -25.59 14.37
CA ALA C 328 31.27 -26.96 14.27
C ALA C 328 30.67 -27.71 13.07
N LYS C 329 29.35 -27.65 12.95
CA LYS C 329 28.66 -28.36 11.88
C LYS C 329 28.36 -27.46 10.69
N GLU C 330 29.21 -26.45 10.48
CA GLU C 330 28.99 -25.45 9.44
C GLU C 330 28.88 -26.04 8.03
N SER C 331 29.79 -26.94 7.69
CA SER C 331 29.81 -27.54 6.36
C SER C 331 28.82 -28.68 6.22
N GLU C 332 28.09 -28.96 7.30
CA GLU C 332 27.13 -30.07 7.32
C GLU C 332 25.69 -29.57 7.20
N VAL C 333 25.47 -28.30 7.52
CA VAL C 333 24.13 -27.73 7.50
C VAL C 333 23.56 -27.64 6.09
N ARG C 334 22.32 -28.10 5.93
CA ARG C 334 21.62 -28.03 4.66
C ARG C 334 20.43 -27.07 4.76
N VAL C 335 20.02 -26.52 3.62
CA VAL C 335 18.85 -25.66 3.57
C VAL C 335 17.94 -26.07 2.41
N LEU C 336 16.71 -26.47 2.73
CA LEU C 336 15.75 -26.89 1.72
C LEU C 336 15.15 -25.68 1.01
N ARG C 337 15.17 -25.70 -0.32
CA ARG C 337 14.68 -24.59 -1.13
C ARG C 337 13.90 -25.06 -2.36
N CYS C 338 12.94 -24.24 -2.79
CA CYS C 338 12.08 -24.58 -3.91
C CYS C 338 12.42 -23.76 -5.14
N VAL C 339 12.61 -24.44 -6.28
CA VAL C 339 13.03 -23.76 -7.51
C VAL C 339 11.86 -23.13 -8.26
N ASP C 340 10.77 -23.88 -8.43
CA ASP C 340 9.64 -23.41 -9.23
C ASP C 340 8.28 -23.67 -8.61
N PHE C 341 8.21 -23.65 -7.28
CA PHE C 341 6.94 -23.82 -6.59
C PHE C 341 6.97 -23.17 -5.20
N ALA C 342 5.79 -23.07 -4.57
CA ALA C 342 5.68 -22.43 -3.27
C ALA C 342 4.69 -23.13 -2.35
N ASN C 343 3.87 -22.34 -1.67
CA ASN C 343 2.98 -22.85 -0.63
C ASN C 343 1.93 -23.85 -1.10
N LYS C 344 1.35 -23.61 -2.27
CA LYS C 344 0.31 -24.48 -2.80
C LYS C 344 0.83 -25.90 -3.01
N GLU C 345 1.99 -26.01 -3.68
CA GLU C 345 2.57 -27.32 -3.98
C GLU C 345 3.10 -28.01 -2.72
N VAL C 346 3.59 -27.21 -1.77
CA VAL C 346 4.07 -27.76 -0.50
C VAL C 346 2.92 -28.38 0.29
N LYS C 347 1.81 -27.64 0.39
CA LYS C 347 0.64 -28.14 1.09
C LYS C 347 0.04 -29.37 0.40
N ASN C 348 0.13 -29.39 -0.93
CA ASN C 348 -0.35 -30.55 -1.69
C ASN C 348 0.52 -31.79 -1.49
N CYS C 349 1.83 -31.59 -1.57
CA CYS C 349 2.80 -32.67 -1.37
C CYS C 349 2.66 -33.27 0.02
N ALA C 350 2.33 -32.42 0.99
CA ALA C 350 2.11 -32.86 2.36
C ALA C 350 0.87 -33.75 2.44
N GLY C 351 -0.15 -33.40 1.67
CA GLY C 351 -1.40 -34.14 1.66
C GLY C 351 -1.28 -35.51 1.03
N VAL C 352 -0.31 -35.67 0.13
CA VAL C 352 -0.08 -36.95 -0.53
C VAL C 352 0.69 -37.89 0.41
N LEU C 353 1.61 -37.33 1.18
CA LEU C 353 2.46 -38.12 2.07
C LEU C 353 1.73 -38.55 3.35
N ARG C 354 0.78 -37.73 3.80
CA ARG C 354 0.08 -37.96 5.06
C ARG C 354 -0.61 -39.33 5.23
N PRO C 355 -1.24 -39.87 4.16
CA PRO C 355 -1.81 -41.21 4.33
C PRO C 355 -0.76 -42.30 4.56
N PHE C 356 0.47 -42.08 4.09
CA PHE C 356 1.53 -43.07 4.25
C PHE C 356 2.27 -42.91 5.57
N LEU C 357 1.61 -42.30 6.55
CA LEU C 357 2.20 -42.08 7.86
C LEU C 357 1.32 -42.66 8.96
N PRO D 6 -3.77 9.80 -5.67
CA PRO D 6 -4.61 10.79 -4.98
C PRO D 6 -5.80 10.15 -4.28
N LYS D 7 -6.84 9.85 -5.04
CA LYS D 7 -8.02 9.19 -4.50
C LYS D 7 -8.15 7.77 -5.04
N THR D 8 -7.65 6.80 -4.28
CA THR D 8 -7.66 5.41 -4.70
C THR D 8 -8.40 4.50 -3.73
N LEU D 9 -9.11 3.51 -4.29
CA LEU D 9 -9.83 2.53 -3.48
C LEU D 9 -9.14 1.17 -3.59
N THR D 10 -8.78 0.60 -2.44
CA THR D 10 -8.13 -0.70 -2.43
C THR D 10 -9.14 -1.84 -2.29
N VAL D 11 -9.17 -2.72 -3.28
CA VAL D 11 -10.13 -3.83 -3.29
C VAL D 11 -9.44 -5.18 -3.17
N GLY D 12 -9.71 -5.86 -2.06
CA GLY D 12 -9.14 -7.17 -1.82
C GLY D 12 -10.07 -8.29 -2.24
N LEU D 13 -9.73 -8.95 -3.33
CA LEU D 13 -10.58 -10.01 -3.89
C LEU D 13 -10.25 -11.39 -3.31
N PHE D 14 -11.28 -12.21 -3.13
CA PHE D 14 -11.10 -13.60 -2.74
C PHE D 14 -10.35 -14.32 -3.85
N PRO D 15 -9.15 -14.82 -3.56
CA PRO D 15 -8.21 -15.32 -4.57
C PRO D 15 -8.34 -16.80 -4.88
N TYR D 16 -9.13 -17.54 -4.11
CA TYR D 16 -9.23 -18.98 -4.28
C TYR D 16 -10.33 -19.39 -5.27
N LEU D 17 -10.07 -19.09 -6.54
CA LEU D 17 -10.98 -19.42 -7.63
C LEU D 17 -10.35 -20.53 -8.49
N PRO D 18 -11.17 -21.25 -9.27
CA PRO D 18 -10.71 -22.38 -10.09
C PRO D 18 -9.51 -22.07 -10.98
N SER D 19 -8.83 -23.12 -11.43
CA SER D 19 -7.72 -22.99 -12.36
C SER D 19 -7.84 -24.02 -13.48
N TRP D 20 -7.42 -23.63 -14.68
CA TRP D 20 -7.39 -24.55 -15.81
C TRP D 20 -5.96 -24.91 -16.16
N ASN D 21 -5.61 -26.19 -16.00
CA ASN D 21 -4.25 -26.64 -16.27
C ASN D 21 -4.14 -27.39 -17.60
N GLU D 22 -3.43 -26.78 -18.56
CA GLU D 22 -3.14 -27.44 -19.81
C GLU D 22 -1.94 -28.35 -19.60
N ASN D 23 -0.78 -27.74 -19.43
CA ASN D 23 0.46 -28.41 -19.03
C ASN D 23 1.58 -27.39 -18.81
N GLY D 24 1.55 -26.74 -17.65
CA GLY D 24 2.45 -25.65 -17.36
C GLY D 24 1.82 -24.33 -17.75
N ASN D 25 0.76 -24.42 -18.56
CA ASN D 25 0.02 -23.24 -18.98
C ASN D 25 -1.23 -23.05 -18.11
N GLU D 26 -1.00 -22.77 -16.84
CA GLU D 26 -2.09 -22.61 -15.88
C GLU D 26 -2.92 -21.37 -16.17
N VAL D 27 -4.24 -21.52 -16.14
CA VAL D 27 -5.14 -20.40 -16.36
C VAL D 27 -6.01 -20.16 -15.13
N LYS D 28 -5.73 -19.08 -14.42
CA LYS D 28 -6.47 -18.74 -13.21
C LYS D 28 -7.70 -17.91 -13.54
N LEU D 29 -8.86 -18.33 -13.03
CA LEU D 29 -10.10 -17.60 -13.25
C LEU D 29 -10.04 -16.21 -12.61
N ILE D 30 -9.26 -16.10 -11.54
CA ILE D 30 -9.11 -14.84 -10.83
C ILE D 30 -8.45 -13.79 -11.72
N ASN D 31 -7.66 -14.24 -12.69
CA ASN D 31 -7.03 -13.33 -13.65
C ASN D 31 -7.99 -12.89 -14.74
N LEU D 32 -8.84 -13.82 -15.18
CA LEU D 32 -9.84 -13.51 -16.21
C LEU D 32 -10.84 -12.49 -15.69
N ILE D 33 -11.21 -12.62 -14.42
CA ILE D 33 -12.12 -11.68 -13.79
C ILE D 33 -11.45 -10.32 -13.56
N LYS D 34 -10.20 -10.34 -13.13
CA LYS D 34 -9.44 -9.11 -12.89
C LYS D 34 -9.29 -8.27 -14.15
N ASP D 35 -9.18 -8.93 -15.29
CA ASP D 35 -9.03 -8.24 -16.57
C ASP D 35 -10.37 -7.70 -17.07
N VAL D 36 -11.41 -7.88 -16.27
CA VAL D 36 -12.75 -7.44 -16.63
C VAL D 36 -13.20 -6.31 -15.71
N LEU D 37 -12.77 -6.37 -14.46
CA LEU D 37 -13.16 -5.38 -13.45
C LEU D 37 -12.64 -3.98 -13.77
N PRO D 38 -13.50 -2.97 -13.56
CA PRO D 38 -13.18 -1.57 -13.85
C PRO D 38 -12.18 -0.95 -12.88
N THR D 39 -11.11 -0.37 -13.41
CA THR D 39 -10.08 0.26 -12.59
C THR D 39 -10.41 1.73 -12.32
N GLN D 40 -11.26 2.30 -13.16
CA GLN D 40 -11.66 3.70 -13.02
C GLN D 40 -13.16 3.83 -12.79
N VAL D 41 -13.55 4.15 -11.55
CA VAL D 41 -14.96 4.30 -11.21
C VAL D 41 -15.21 5.55 -10.36
N SER D 42 -16.02 6.45 -10.89
CA SER D 42 -16.42 7.68 -10.19
C SER D 42 -15.23 8.53 -9.73
N GLY D 43 -14.26 8.72 -10.61
CA GLY D 43 -13.10 9.54 -10.31
C GLY D 43 -11.99 8.82 -9.55
N TYR D 44 -12.38 7.86 -8.72
CA TYR D 44 -11.42 7.10 -7.93
C TYR D 44 -10.68 6.06 -8.77
N ASN D 45 -9.42 5.82 -8.41
CA ASN D 45 -8.61 4.81 -9.06
C ASN D 45 -8.69 3.49 -8.29
N ILE D 46 -9.26 2.47 -8.91
CA ILE D 46 -9.53 1.21 -8.22
C ILE D 46 -8.39 0.20 -8.34
N GLU D 47 -7.81 -0.18 -7.21
CA GLU D 47 -6.75 -1.18 -7.18
C GLU D 47 -7.28 -2.54 -6.73
N TYR D 48 -7.20 -3.53 -7.61
CA TYR D 48 -7.63 -4.88 -7.28
C TYR D 48 -6.45 -5.76 -6.89
N THR D 49 -6.47 -6.24 -5.65
CA THR D 49 -5.41 -7.10 -5.14
C THR D 49 -6.02 -8.37 -4.56
N GLU D 50 -5.29 -9.47 -4.61
CA GLU D 50 -5.74 -10.72 -4.02
C GLU D 50 -5.61 -10.66 -2.49
N PHE D 51 -6.72 -10.87 -1.81
CA PHE D 51 -6.75 -10.81 -0.35
C PHE D 51 -6.87 -12.21 0.24
N ASP D 52 -5.76 -12.74 0.74
CA ASP D 52 -5.75 -14.06 1.35
C ASP D 52 -6.30 -14.00 2.77
N CYS D 53 -7.60 -14.23 2.90
CA CYS D 53 -8.27 -14.16 4.20
C CYS D 53 -7.89 -15.35 5.08
N TYR D 54 -7.21 -16.33 4.51
CA TYR D 54 -6.75 -17.48 5.26
C TYR D 54 -5.32 -17.26 5.76
N SER D 55 -4.97 -16.00 5.91
CA SER D 55 -3.69 -15.59 6.48
C SER D 55 -3.93 -14.56 7.57
N ASP D 56 -3.52 -14.88 8.78
CA ASP D 56 -3.73 -13.98 9.92
C ASP D 56 -3.00 -12.65 9.75
N ALA D 57 -1.90 -12.68 8.99
CA ALA D 57 -1.14 -11.47 8.72
C ALA D 57 -1.95 -10.51 7.87
N SER D 58 -2.77 -11.06 6.97
CA SER D 58 -3.59 -10.26 6.07
C SER D 58 -4.86 -9.77 6.76
N LEU D 59 -5.31 -10.50 7.77
CA LEU D 59 -6.49 -10.12 8.53
C LEU D 59 -6.20 -8.91 9.42
N GLN D 60 -4.94 -8.77 9.82
CA GLN D 60 -4.52 -7.65 10.66
C GLN D 60 -4.54 -6.32 9.90
N SER D 61 -4.16 -6.37 8.62
CA SER D 61 -4.13 -5.18 7.79
C SER D 61 -5.20 -5.23 6.68
N LEU D 62 -6.37 -4.69 6.98
CA LEU D 62 -7.50 -4.74 6.05
C LEU D 62 -7.51 -3.55 5.10
N PRO D 63 -7.76 -3.80 3.80
CA PRO D 63 -7.87 -2.76 2.77
C PRO D 63 -9.17 -1.98 2.90
N ASP D 64 -9.50 -1.19 1.88
CA ASP D 64 -10.76 -0.45 1.86
C ASP D 64 -11.94 -1.41 1.86
N VAL D 65 -12.03 -2.21 0.81
CA VAL D 65 -13.01 -3.29 0.75
C VAL D 65 -12.27 -4.61 0.58
N PHE D 66 -12.89 -5.70 1.03
CA PHE D 66 -12.25 -7.01 0.97
C PHE D 66 -13.25 -8.14 1.03
N SER D 67 -12.95 -9.23 0.33
CA SER D 67 -13.80 -10.41 0.35
C SER D 67 -13.22 -11.46 1.29
N THR D 68 -13.93 -11.75 2.37
CA THR D 68 -13.46 -12.71 3.37
C THR D 68 -14.45 -13.86 3.54
N ASP D 69 -13.90 -15.04 3.84
CA ASP D 69 -14.73 -16.17 4.22
C ASP D 69 -15.47 -15.79 5.49
N SER D 70 -16.77 -16.08 5.52
CA SER D 70 -17.61 -15.70 6.65
C SER D 70 -17.24 -16.45 7.92
N ILE D 71 -16.38 -17.46 7.79
CA ILE D 71 -15.94 -18.24 8.94
C ILE D 71 -15.12 -17.40 9.92
N PHE D 72 -14.54 -16.32 9.42
CA PHE D 72 -13.73 -15.43 10.25
C PHE D 72 -14.40 -14.10 10.49
N LEU D 73 -15.64 -13.96 10.01
CA LEU D 73 -16.37 -12.69 10.10
C LEU D 73 -16.67 -12.19 11.52
N PRO D 74 -17.18 -13.08 12.41
CA PRO D 74 -17.44 -12.58 13.77
C PRO D 74 -16.16 -12.20 14.51
N TYR D 75 -15.09 -12.95 14.27
CA TYR D 75 -13.79 -12.63 14.85
C TYR D 75 -13.24 -11.34 14.25
N LEU D 76 -13.48 -11.14 12.97
CA LEU D 76 -13.01 -9.95 12.28
C LEU D 76 -13.76 -8.72 12.77
N VAL D 77 -15.06 -8.87 13.02
CA VAL D 77 -15.90 -7.79 13.51
C VAL D 77 -15.50 -7.35 14.92
N SER D 78 -15.19 -8.34 15.77
CA SER D 78 -14.85 -8.07 17.16
C SER D 78 -13.59 -7.20 17.30
N LEU D 79 -12.71 -7.27 16.31
CA LEU D 79 -11.49 -6.47 16.31
C LEU D 79 -11.73 -5.10 15.68
N GLY D 80 -13.00 -4.77 15.46
CA GLY D 80 -13.34 -3.56 14.73
C GLY D 80 -12.94 -3.73 13.28
N GLY D 81 -12.61 -2.64 12.61
CA GLY D 81 -12.12 -2.70 11.25
C GLY D 81 -13.16 -3.05 10.21
N VAL D 82 -14.34 -3.47 10.65
CA VAL D 82 -15.42 -3.82 9.74
C VAL D 82 -16.63 -2.92 9.97
N LYS D 83 -16.97 -2.11 8.97
CA LYS D 83 -18.09 -1.18 9.07
C LYS D 83 -19.44 -1.89 8.93
N SER D 84 -20.33 -1.63 9.86
CA SER D 84 -21.69 -2.16 9.79
C SER D 84 -22.46 -1.51 8.66
N LEU D 85 -23.39 -2.25 8.06
CA LEU D 85 -24.11 -1.75 6.90
C LEU D 85 -25.62 -1.75 7.12
N ASP D 86 -26.31 -0.85 6.43
CA ASP D 86 -27.76 -0.80 6.49
C ASP D 86 -28.37 -2.03 5.82
N GLU D 87 -29.46 -2.53 6.39
CA GLU D 87 -30.13 -3.70 5.84
C GLU D 87 -30.65 -3.43 4.44
N SER D 88 -31.11 -2.20 4.20
CA SER D 88 -31.66 -1.82 2.91
C SER D 88 -30.57 -1.55 1.88
N LEU D 89 -29.41 -1.12 2.34
CA LEU D 89 -28.29 -0.82 1.45
C LEU D 89 -27.78 -2.06 0.75
N VAL D 90 -27.78 -3.19 1.46
CA VAL D 90 -27.28 -4.45 0.92
C VAL D 90 -28.27 -5.04 -0.08
N ARG D 91 -29.55 -5.08 0.30
CA ARG D 91 -30.58 -5.66 -0.55
C ARG D 91 -30.77 -4.87 -1.85
N GLY D 92 -30.37 -3.61 -1.83
CA GLY D 92 -30.46 -2.76 -3.01
C GLY D 92 -29.37 -3.09 -4.02
N VAL D 93 -28.46 -3.98 -3.64
CA VAL D 93 -27.34 -4.37 -4.49
C VAL D 93 -27.42 -5.84 -4.87
N THR D 94 -27.58 -6.70 -3.87
CA THR D 94 -27.56 -8.14 -4.07
C THR D 94 -28.93 -8.70 -4.45
N GLY D 95 -29.98 -8.03 -3.98
CA GLY D 95 -31.33 -8.53 -4.17
C GLY D 95 -31.66 -9.52 -3.07
N ASP D 96 -32.63 -10.39 -3.33
CA ASP D 96 -33.03 -11.40 -2.35
C ASP D 96 -31.91 -12.39 -2.09
N LEU D 97 -31.72 -12.75 -0.83
CA LEU D 97 -30.73 -13.73 -0.43
C LEU D 97 -31.41 -14.86 0.33
N HIS D 98 -30.84 -16.05 0.27
CA HIS D 98 -31.32 -17.16 1.08
C HIS D 98 -31.13 -16.82 2.55
N SER D 99 -31.85 -17.51 3.43
CA SER D 99 -31.77 -17.25 4.86
C SER D 99 -30.37 -17.53 5.41
N PHE D 100 -29.76 -18.63 4.97
CA PHE D 100 -28.45 -19.02 5.46
C PHE D 100 -27.34 -18.11 4.92
N VAL D 101 -27.58 -17.53 3.74
CA VAL D 101 -26.62 -16.62 3.14
C VAL D 101 -26.56 -15.31 3.90
N SER D 102 -27.73 -14.77 4.22
CA SER D 102 -27.84 -13.49 4.94
C SER D 102 -27.36 -13.61 6.38
N SER D 103 -27.60 -14.77 6.99
CA SER D 103 -27.19 -15.01 8.37
C SER D 103 -25.68 -15.08 8.49
N SER D 104 -25.01 -15.49 7.43
CA SER D 104 -23.56 -15.63 7.44
C SER D 104 -22.87 -14.27 7.44
N ALA D 105 -23.61 -13.24 7.05
CA ALA D 105 -23.05 -11.88 6.98
C ALA D 105 -23.52 -11.02 8.15
N SER D 106 -24.30 -11.61 9.05
CA SER D 106 -24.83 -10.89 10.19
C SER D 106 -24.16 -11.29 11.50
N VAL D 107 -23.63 -10.30 12.21
CA VAL D 107 -22.99 -10.53 13.50
C VAL D 107 -23.61 -9.63 14.57
N ASN D 108 -24.09 -10.24 15.65
CA ASN D 108 -24.73 -9.52 16.74
C ASN D 108 -25.92 -8.67 16.29
N GLY D 109 -26.70 -9.19 15.36
CA GLY D 109 -27.88 -8.50 14.86
C GLY D 109 -27.54 -7.32 13.97
N SER D 110 -26.43 -7.42 13.26
CA SER D 110 -25.99 -6.36 12.36
C SER D 110 -25.32 -6.93 11.12
N VAL D 111 -25.65 -6.37 9.95
CA VAL D 111 -25.07 -6.81 8.69
C VAL D 111 -23.69 -6.19 8.48
N TYR D 112 -22.70 -7.01 8.15
CA TYR D 112 -21.34 -6.55 8.01
C TYR D 112 -20.72 -6.80 6.63
N GLY D 113 -21.56 -6.86 5.59
CA GLY D 113 -21.04 -6.99 4.24
C GLY D 113 -21.99 -7.54 3.19
N PHE D 114 -21.53 -7.49 1.94
CA PHE D 114 -22.30 -7.99 0.80
C PHE D 114 -21.85 -9.39 0.44
N PRO D 115 -22.72 -10.39 0.63
CA PRO D 115 -22.42 -11.79 0.26
C PRO D 115 -22.07 -11.91 -1.21
N GLN D 116 -20.94 -12.56 -1.52
CA GLN D 116 -20.46 -12.67 -2.89
C GLN D 116 -20.48 -14.09 -3.42
N TYR D 117 -19.84 -15.01 -2.70
CA TYR D 117 -19.69 -16.38 -3.16
C TYR D 117 -20.41 -17.38 -2.26
N LEU D 118 -20.91 -18.46 -2.88
CA LEU D 118 -21.45 -19.60 -2.14
C LEU D 118 -20.59 -20.82 -2.44
N CYS D 119 -20.47 -21.71 -1.46
CA CYS D 119 -19.71 -22.93 -1.65
C CYS D 119 -20.09 -24.00 -0.64
N SER D 120 -19.81 -25.25 -0.99
CA SER D 120 -20.07 -26.38 -0.12
C SER D 120 -19.34 -27.60 -0.66
N ASN D 121 -19.20 -28.62 0.20
CA ASN D 121 -18.64 -29.89 -0.25
C ASN D 121 -19.73 -30.74 -0.87
N PHE D 122 -20.04 -30.46 -2.13
CA PHE D 122 -21.14 -31.11 -2.82
C PHE D 122 -20.81 -32.55 -3.19
N LEU D 123 -21.84 -33.39 -3.27
CA LEU D 123 -21.69 -34.75 -3.75
C LEU D 123 -21.93 -34.81 -5.25
N LEU D 124 -20.86 -35.01 -6.02
CA LEU D 124 -20.99 -35.16 -7.46
C LEU D 124 -21.29 -36.61 -7.76
N SER D 125 -22.52 -36.88 -8.20
CA SER D 125 -22.96 -38.25 -8.47
C SER D 125 -22.88 -38.58 -9.95
N SER D 126 -22.16 -39.66 -10.27
CA SER D 126 -22.06 -40.17 -11.64
C SER D 126 -23.42 -40.66 -12.11
N PRO D 127 -23.63 -40.71 -13.44
CA PRO D 127 -24.85 -41.34 -13.95
C PRO D 127 -24.90 -42.83 -13.62
N ASN D 128 -23.74 -43.41 -13.33
CA ASN D 128 -23.65 -44.81 -12.93
C ASN D 128 -23.73 -44.99 -11.42
N ALA D 129 -24.00 -43.90 -10.70
CA ALA D 129 -24.13 -43.97 -9.25
C ALA D 129 -25.28 -44.89 -8.86
N THR D 130 -24.95 -45.94 -8.13
CA THR D 130 -25.90 -47.00 -7.82
C THR D 130 -26.57 -46.80 -6.46
N GLN D 131 -25.92 -46.02 -5.60
CA GLN D 131 -26.41 -45.77 -4.25
C GLN D 131 -26.66 -44.28 -4.03
N GLN D 132 -27.59 -43.96 -3.15
CA GLN D 132 -27.86 -42.57 -2.78
C GLN D 132 -27.96 -42.42 -1.27
N ALA D 133 -27.85 -41.19 -0.78
CA ALA D 133 -27.92 -40.93 0.64
C ALA D 133 -28.26 -39.48 0.97
N SER D 134 -28.59 -39.22 2.23
CA SER D 134 -28.93 -37.88 2.69
C SER D 134 -27.78 -37.27 3.50
N SER D 135 -26.80 -38.09 3.84
CA SER D 135 -25.62 -37.63 4.56
C SER D 135 -24.40 -38.46 4.19
N LEU D 136 -23.21 -37.91 4.44
CA LEU D 136 -21.96 -38.60 4.14
C LEU D 136 -21.77 -39.83 5.04
N LEU D 137 -22.35 -39.79 6.22
CA LEU D 137 -22.33 -40.94 7.12
C LEU D 137 -23.20 -42.04 6.56
N GLU D 138 -24.43 -41.68 6.22
CA GLU D 138 -25.37 -42.61 5.59
C GLU D 138 -24.78 -43.19 4.31
N LEU D 139 -24.14 -42.34 3.52
CA LEU D 139 -23.50 -42.78 2.28
C LEU D 139 -22.38 -43.78 2.60
N ALA D 140 -21.46 -43.38 3.48
CA ALA D 140 -20.34 -44.21 3.90
C ALA D 140 -20.74 -45.64 4.26
N GLN D 141 -21.86 -45.78 4.96
CA GLN D 141 -22.37 -47.09 5.36
C GLN D 141 -22.86 -47.90 4.16
N LYS D 142 -23.10 -47.22 3.05
CA LYS D 142 -23.70 -47.86 1.88
C LYS D 142 -22.68 -48.31 0.82
N VAL D 143 -21.73 -47.45 0.46
CA VAL D 143 -20.76 -47.82 -0.58
C VAL D 143 -19.79 -48.92 -0.13
N GLY D 144 -19.15 -48.72 1.02
CA GLY D 144 -18.20 -49.69 1.54
C GLY D 144 -16.87 -49.08 1.94
N TYR D 145 -15.78 -49.78 1.64
CA TYR D 145 -14.44 -49.32 2.00
C TYR D 145 -13.68 -48.71 0.82
N GLU D 146 -13.35 -47.42 0.95
CA GLU D 146 -12.63 -46.68 -0.08
C GLU D 146 -13.33 -46.75 -1.44
N GLN D 147 -14.48 -46.10 -1.54
CA GLN D 147 -15.24 -46.08 -2.78
C GLN D 147 -15.55 -44.65 -3.19
N ILE D 148 -15.46 -43.73 -2.23
CA ILE D 148 -15.75 -42.33 -2.45
C ILE D 148 -14.47 -41.54 -2.74
N VAL D 149 -14.53 -40.58 -3.65
CA VAL D 149 -13.42 -39.65 -3.83
C VAL D 149 -13.69 -38.35 -3.06
N TYR D 150 -12.84 -38.08 -2.09
CA TYR D 150 -12.98 -36.90 -1.23
C TYR D 150 -11.57 -36.45 -0.86
N PRO D 151 -10.88 -35.77 -1.80
CA PRO D 151 -9.45 -35.42 -1.71
C PRO D 151 -9.06 -34.67 -0.43
N ASP D 152 -9.92 -33.77 0.05
CA ASP D 152 -9.60 -32.98 1.23
C ASP D 152 -9.67 -33.78 2.53
N VAL D 153 -10.24 -34.98 2.45
CA VAL D 153 -10.26 -35.88 3.60
C VAL D 153 -9.13 -36.88 3.48
N ALA D 154 -8.83 -37.28 2.25
CA ALA D 154 -7.74 -38.21 1.99
C ALA D 154 -6.38 -37.56 2.13
N SER D 155 -6.36 -36.23 2.30
CA SER D 155 -5.12 -35.50 2.47
C SER D 155 -5.05 -34.90 3.86
N SER D 156 -6.12 -35.06 4.63
CA SER D 156 -6.24 -34.49 5.96
C SER D 156 -5.98 -32.99 5.97
N SER D 157 -6.70 -32.27 5.11
CA SER D 157 -6.58 -30.82 5.03
C SER D 157 -6.97 -30.19 6.36
N SER D 158 -6.28 -29.11 6.72
CA SER D 158 -6.47 -28.46 8.01
C SER D 158 -7.90 -28.00 8.25
N PHE D 159 -8.47 -27.30 7.26
CA PHE D 159 -9.83 -26.78 7.39
C PHE D 159 -10.88 -27.88 7.29
N THR D 160 -10.54 -28.96 6.59
CA THR D 160 -11.45 -30.10 6.48
C THR D 160 -11.53 -30.87 7.79
N VAL D 161 -10.36 -31.20 8.34
CA VAL D 161 -10.29 -31.90 9.62
C VAL D 161 -10.98 -31.08 10.72
N PHE D 162 -10.69 -29.79 10.75
CA PHE D 162 -11.34 -28.88 11.69
C PHE D 162 -12.82 -28.74 11.39
N GLY D 163 -13.15 -28.66 10.11
CA GLY D 163 -14.52 -28.46 9.67
C GLY D 163 -15.45 -29.61 9.97
N LEU D 164 -15.12 -30.78 9.45
CA LEU D 164 -15.98 -31.96 9.59
C LEU D 164 -16.17 -32.34 11.06
N TYR D 165 -15.09 -32.21 11.84
CA TYR D 165 -15.16 -32.50 13.28
C TYR D 165 -16.16 -31.59 13.97
N GLN D 166 -16.13 -30.31 13.61
CA GLN D 166 -16.99 -29.33 14.25
C GLN D 166 -18.45 -29.47 13.80
N GLN D 167 -18.64 -29.89 12.56
CA GLN D 167 -19.98 -30.13 12.03
C GLN D 167 -20.64 -31.29 12.77
N LEU D 168 -19.87 -32.35 12.99
CA LEU D 168 -20.36 -33.54 13.68
C LEU D 168 -20.65 -33.25 15.15
N LEU D 169 -19.84 -32.38 15.74
CA LEU D 169 -19.93 -32.09 17.17
C LEU D 169 -21.02 -31.08 17.51
N GLN D 170 -21.07 -29.98 16.77
CA GLN D 170 -21.96 -28.87 17.09
C GLN D 170 -23.38 -29.09 16.59
N SER D 171 -24.32 -28.32 17.15
CA SER D 171 -25.73 -28.37 16.76
C SER D 171 -26.43 -27.10 17.19
N SER D 172 -27.03 -26.40 16.24
CA SER D 172 -27.69 -25.12 16.53
C SER D 172 -29.15 -25.11 16.08
N SER D 173 -29.85 -24.04 16.41
CA SER D 173 -31.25 -23.87 16.01
C SER D 173 -31.35 -22.94 14.81
N SER D 174 -30.34 -22.10 14.63
CA SER D 174 -30.30 -21.18 13.49
C SER D 174 -29.19 -21.56 12.52
N ALA D 175 -29.02 -20.74 11.49
CA ALA D 175 -28.03 -21.02 10.45
C ALA D 175 -26.60 -20.82 10.93
N ALA D 176 -26.39 -19.78 11.73
CA ALA D 176 -25.06 -19.44 12.21
C ALA D 176 -24.60 -20.34 13.35
N VAL D 177 -23.57 -21.14 13.08
CA VAL D 177 -22.96 -21.97 14.11
C VAL D 177 -21.68 -21.28 14.59
N ASP D 178 -21.84 -20.33 15.51
CA ASP D 178 -20.72 -19.55 16.03
C ASP D 178 -20.01 -20.26 17.17
N ILE D 179 -18.73 -20.58 16.96
CA ILE D 179 -17.93 -21.25 17.98
C ILE D 179 -16.77 -20.38 18.45
N LYS D 180 -16.38 -20.55 19.70
CA LYS D 180 -15.24 -19.82 20.26
C LYS D 180 -14.08 -20.76 20.55
N ALA D 181 -12.98 -20.20 21.04
CA ALA D 181 -11.77 -20.99 21.30
C ALA D 181 -11.98 -22.02 22.40
N SER D 182 -12.95 -21.77 23.28
CA SER D 182 -13.25 -22.68 24.37
C SER D 182 -13.79 -24.01 23.86
N ASP D 183 -14.43 -23.96 22.69
CA ASP D 183 -15.06 -25.14 22.11
C ASP D 183 -14.08 -25.96 21.27
N LEU D 184 -12.80 -25.61 21.34
CA LEU D 184 -11.78 -26.30 20.58
C LEU D 184 -10.92 -27.18 21.47
N PRO D 185 -10.65 -28.42 21.03
CA PRO D 185 -9.74 -29.33 21.72
C PRO D 185 -8.31 -28.78 21.75
N GLN D 186 -7.72 -28.67 22.94
CA GLN D 186 -6.40 -28.09 23.08
C GLN D 186 -5.30 -29.14 23.24
N SER D 187 -5.65 -30.28 23.83
CA SER D 187 -4.66 -31.30 24.16
C SER D 187 -4.83 -32.57 23.35
N GLY D 188 -5.73 -33.44 23.82
CA GLY D 188 -5.96 -34.73 23.20
C GLY D 188 -6.94 -35.51 24.06
N ASP D 189 -7.01 -35.11 25.33
CA ASP D 189 -7.99 -35.65 26.25
C ASP D 189 -9.29 -34.86 26.16
N GLN D 190 -9.31 -33.89 25.24
CA GLN D 190 -10.48 -33.07 25.01
C GLN D 190 -11.14 -33.48 23.70
N VAL D 191 -10.47 -34.36 22.97
CA VAL D 191 -10.97 -34.84 21.68
C VAL D 191 -12.09 -35.86 21.87
N ASN D 192 -13.29 -35.50 21.42
CA ASN D 192 -14.45 -36.38 21.50
C ASN D 192 -14.28 -37.58 20.56
N LYS D 193 -14.07 -38.75 21.13
CA LYS D 193 -13.82 -39.96 20.34
C LYS D 193 -15.08 -40.49 19.64
N ASP D 194 -16.24 -40.06 20.10
CA ASP D 194 -17.49 -40.43 19.43
C ASP D 194 -17.58 -39.70 18.09
N ILE D 195 -16.94 -38.53 18.04
CA ILE D 195 -16.95 -37.70 16.83
C ILE D 195 -15.88 -38.16 15.84
N THR D 196 -14.70 -38.49 16.35
CA THR D 196 -13.62 -38.99 15.50
C THR D 196 -13.95 -40.38 14.98
N GLN D 197 -14.86 -41.07 15.67
CA GLN D 197 -15.37 -42.35 15.22
C GLN D 197 -16.16 -42.17 13.93
N LYS D 198 -17.07 -41.19 13.96
CA LYS D 198 -17.91 -40.89 12.80
C LYS D 198 -17.07 -40.36 11.64
N TYR D 199 -16.02 -39.61 11.97
CA TYR D 199 -15.11 -39.09 10.96
C TYR D 199 -14.39 -40.23 10.26
N ARG D 200 -13.92 -41.19 11.06
CA ARG D 200 -13.12 -42.30 10.53
C ARG D 200 -13.91 -43.19 9.58
N THR D 201 -15.20 -43.38 9.87
CA THR D 201 -16.07 -44.16 9.01
C THR D 201 -16.13 -43.52 7.62
N ILE D 202 -16.18 -42.19 7.60
CA ILE D 202 -16.12 -41.44 6.35
C ILE D 202 -14.72 -41.57 5.73
N LEU D 203 -13.70 -41.47 6.57
CA LEU D 203 -12.31 -41.57 6.12
C LEU D 203 -12.00 -42.91 5.48
N ASP D 204 -12.59 -43.98 6.01
CA ASP D 204 -12.40 -45.31 5.45
C ASP D 204 -13.16 -45.48 4.15
N SER D 205 -14.21 -44.67 3.96
CA SER D 205 -15.03 -44.75 2.76
C SER D 205 -14.43 -44.01 1.58
N THR D 206 -13.50 -43.09 1.87
CA THR D 206 -12.87 -42.32 0.79
C THR D 206 -11.59 -42.95 0.27
N VAL D 207 -11.48 -43.01 -1.06
CA VAL D 207 -10.29 -43.52 -1.73
C VAL D 207 -9.13 -42.56 -1.54
N VAL D 208 -7.93 -43.09 -1.35
CA VAL D 208 -6.73 -42.25 -1.32
C VAL D 208 -6.41 -41.78 -2.72
N ALA D 209 -7.06 -40.69 -3.13
CA ALA D 209 -6.86 -40.14 -4.47
C ALA D 209 -7.08 -38.63 -4.48
N SER D 210 -6.21 -37.92 -5.19
CA SER D 210 -6.28 -36.46 -5.27
C SER D 210 -7.36 -36.03 -6.26
N GLN D 211 -7.64 -34.73 -6.28
CA GLN D 211 -8.62 -34.16 -7.21
C GLN D 211 -8.15 -34.31 -8.65
N ARG D 212 -6.84 -34.13 -8.85
CA ARG D 212 -6.24 -34.24 -10.18
C ARG D 212 -6.48 -35.62 -10.79
N GLU D 213 -6.38 -36.66 -9.96
CA GLU D 213 -6.55 -38.03 -10.43
C GLU D 213 -7.98 -38.33 -10.83
N TYR D 214 -8.93 -37.83 -10.04
CA TYR D 214 -10.34 -38.04 -10.35
C TYR D 214 -10.73 -37.37 -11.66
N ILE D 215 -10.33 -36.10 -11.80
CA ILE D 215 -10.64 -35.32 -13.00
C ILE D 215 -10.05 -35.96 -14.25
N ASN D 216 -8.79 -36.41 -14.16
CA ASN D 216 -8.14 -37.08 -15.28
C ASN D 216 -8.83 -38.40 -15.62
N SER D 217 -9.34 -39.09 -14.61
CA SER D 217 -10.04 -40.35 -14.83
C SER D 217 -11.39 -40.12 -15.50
N VAL D 218 -12.08 -39.05 -15.09
CA VAL D 218 -13.37 -38.70 -15.68
C VAL D 218 -13.21 -38.30 -17.14
N LYS D 219 -12.17 -37.52 -17.43
CA LYS D 219 -11.88 -37.09 -18.80
C LYS D 219 -11.56 -38.28 -19.70
N GLN D 220 -10.93 -39.30 -19.13
CA GLN D 220 -10.54 -40.48 -19.89
C GLN D 220 -11.67 -41.52 -19.99
N GLY D 221 -12.82 -41.19 -19.41
CA GLY D 221 -13.99 -42.05 -19.51
C GLY D 221 -13.97 -43.23 -18.56
N LYS D 222 -12.93 -43.29 -17.72
CA LYS D 222 -12.82 -44.35 -16.73
C LYS D 222 -12.65 -43.79 -15.31
N PRO D 223 -13.75 -43.28 -14.74
CA PRO D 223 -13.73 -42.66 -13.41
C PRO D 223 -13.24 -43.63 -12.33
N ILE D 224 -12.43 -43.15 -11.40
CA ILE D 224 -11.94 -43.98 -10.31
C ILE D 224 -13.05 -44.21 -9.29
N SER D 225 -14.11 -43.42 -9.39
CA SER D 225 -15.26 -43.57 -8.51
C SER D 225 -16.51 -42.93 -9.11
N ASN D 226 -17.67 -43.36 -8.64
CA ASN D 226 -18.93 -42.78 -9.08
C ASN D 226 -19.42 -41.72 -8.11
N TYR D 227 -18.63 -41.48 -7.07
CA TYR D 227 -18.99 -40.51 -6.05
C TYR D 227 -17.83 -39.56 -5.79
N TYR D 228 -18.07 -38.26 -5.98
CA TYR D 228 -17.06 -37.25 -5.74
C TYR D 228 -17.57 -36.21 -4.75
N VAL D 229 -16.72 -35.86 -3.79
CA VAL D 229 -17.06 -34.83 -2.81
C VAL D 229 -16.04 -33.71 -2.85
N GLY D 230 -16.52 -32.47 -2.94
CA GLY D 230 -15.65 -31.32 -2.97
C GLY D 230 -16.38 -30.05 -3.36
N TYR D 231 -15.62 -28.99 -3.60
CA TYR D 231 -16.19 -27.72 -4.01
C TYR D 231 -16.67 -27.81 -5.46
N SER D 232 -17.67 -27.01 -5.80
CA SER D 232 -18.20 -26.99 -7.17
C SER D 232 -17.12 -26.46 -8.12
N GLU D 233 -16.26 -25.61 -7.59
CA GLU D 233 -15.16 -25.02 -8.36
C GLU D 233 -14.21 -26.08 -8.90
N SER D 234 -14.05 -27.16 -8.13
CA SER D 234 -13.13 -28.23 -8.51
C SER D 234 -13.68 -29.10 -9.64
N MET D 235 -14.97 -28.93 -9.93
CA MET D 235 -15.63 -29.72 -10.97
C MET D 235 -15.65 -28.98 -12.31
N CYS D 236 -15.09 -27.78 -12.34
CA CYS D 236 -15.16 -26.93 -13.52
C CYS D 236 -14.45 -27.53 -14.73
N GLU D 237 -13.42 -28.34 -14.46
CA GLU D 237 -12.61 -28.91 -15.54
C GLU D 237 -13.36 -30.02 -16.28
N ILE D 238 -14.52 -30.41 -15.77
CA ILE D 238 -15.34 -31.44 -16.42
C ILE D 238 -16.80 -31.01 -16.54
N LYS D 239 -17.05 -29.71 -16.63
CA LYS D 239 -18.42 -29.20 -16.67
C LYS D 239 -19.19 -29.66 -17.91
N ASP D 240 -18.47 -29.98 -18.97
CA ASP D 240 -19.09 -30.48 -20.19
C ASP D 240 -19.56 -31.92 -20.00
N ILE D 241 -18.68 -32.74 -19.44
CA ILE D 241 -18.99 -34.14 -19.17
C ILE D 241 -20.12 -34.26 -18.14
N ILE D 242 -20.12 -33.37 -17.16
CA ILE D 242 -21.19 -33.31 -16.16
C ILE D 242 -22.54 -33.05 -16.84
N ARG D 243 -22.54 -32.12 -17.79
CA ARG D 243 -23.76 -31.75 -18.51
C ARG D 243 -24.20 -32.85 -19.46
N ASP D 244 -23.30 -33.27 -20.34
CA ASP D 244 -23.60 -34.24 -21.38
C ASP D 244 -23.99 -35.62 -20.83
N GLN D 245 -23.25 -36.09 -19.84
CA GLN D 245 -23.51 -37.42 -19.27
C GLN D 245 -24.45 -37.36 -18.07
N GLN D 246 -24.99 -36.18 -17.81
CA GLN D 246 -25.99 -35.97 -16.77
C GLN D 246 -25.54 -36.40 -15.36
N TYR D 247 -24.39 -35.91 -14.93
CA TYR D 247 -23.95 -36.10 -13.56
C TYR D 247 -24.88 -35.33 -12.61
N ASN D 248 -24.95 -35.78 -11.36
CA ASN D 248 -25.81 -35.12 -10.37
C ASN D 248 -25.02 -34.51 -9.22
N VAL D 249 -25.50 -33.37 -8.72
CA VAL D 249 -24.91 -32.73 -7.56
C VAL D 249 -25.97 -32.38 -6.53
N GLN D 250 -25.58 -32.39 -5.26
CA GLN D 250 -26.53 -32.13 -4.18
C GLN D 250 -25.84 -31.60 -2.93
N LEU D 251 -26.58 -30.80 -2.16
CA LEU D 251 -26.14 -30.41 -0.82
C LEU D 251 -26.22 -31.62 0.08
N ILE D 252 -25.08 -32.02 0.64
CA ILE D 252 -25.04 -33.16 1.52
C ILE D 252 -24.20 -32.88 2.76
N GLY D 253 -24.80 -33.08 3.93
CA GLY D 253 -24.09 -32.87 5.18
C GLY D 253 -23.29 -34.10 5.54
N THR D 254 -22.29 -33.92 6.39
CA THR D 254 -21.51 -35.04 6.91
C THR D 254 -22.43 -35.88 7.79
N SER D 255 -23.31 -35.20 8.51
CA SER D 255 -24.34 -35.85 9.30
C SER D 255 -25.53 -34.91 9.44
N ASP D 256 -26.68 -35.32 8.92
CA ASP D 256 -27.90 -34.52 8.96
C ASP D 256 -27.77 -33.20 8.21
N LYS D 257 -27.48 -32.13 8.94
CA LYS D 257 -27.45 -30.78 8.39
C LYS D 257 -26.30 -30.55 7.42
N PRO D 258 -26.60 -29.96 6.25
CA PRO D 258 -25.58 -29.60 5.24
C PRO D 258 -24.91 -28.27 5.57
N TYR D 259 -23.58 -28.23 5.42
CA TYR D 259 -22.82 -27.01 5.71
C TYR D 259 -22.37 -26.29 4.45
N VAL D 260 -22.20 -24.97 4.56
CA VAL D 260 -21.90 -24.13 3.41
C VAL D 260 -20.92 -23.01 3.74
N TYR D 261 -19.91 -22.83 2.89
CA TYR D 261 -19.01 -21.68 2.97
C TYR D 261 -19.60 -20.51 2.19
N THR D 262 -19.54 -19.31 2.77
CA THR D 262 -19.92 -18.11 2.05
C THR D 262 -18.81 -17.07 2.10
N ASP D 263 -18.64 -16.33 1.01
CA ASP D 263 -17.67 -15.24 0.97
C ASP D 263 -18.40 -13.91 0.97
N VAL D 264 -17.92 -12.97 1.79
CA VAL D 264 -18.62 -11.71 1.98
C VAL D 264 -17.70 -10.50 1.72
N LEU D 265 -18.12 -9.64 0.81
CA LEU D 265 -17.42 -8.38 0.56
C LEU D 265 -17.77 -7.37 1.65
N ALA D 266 -16.79 -6.99 2.44
CA ALA D 266 -17.01 -6.09 3.56
C ALA D 266 -16.26 -4.77 3.41
N LEU D 267 -16.82 -3.71 3.98
CA LEU D 267 -16.17 -2.40 3.95
C LEU D 267 -15.32 -2.21 5.21
N ASN D 268 -14.20 -1.51 5.07
CA ASN D 268 -13.38 -1.15 6.22
C ASN D 268 -14.12 -0.14 7.09
N SER D 269 -13.85 -0.18 8.39
CA SER D 269 -14.56 0.70 9.32
C SER D 269 -14.08 2.15 9.23
N ASN D 270 -12.92 2.36 8.63
CA ASN D 270 -12.33 3.70 8.57
C ASN D 270 -12.62 4.42 7.25
N LEU D 271 -13.56 3.89 6.46
CA LEU D 271 -13.92 4.50 5.20
C LEU D 271 -14.78 5.74 5.40
N CYS D 272 -14.43 6.83 4.72
CA CYS D 272 -15.19 8.06 4.79
C CYS D 272 -16.47 7.96 3.97
N ASP D 273 -17.21 9.05 3.87
CA ASP D 273 -18.50 9.06 3.18
C ASP D 273 -18.35 8.93 1.66
N GLU D 274 -17.39 9.64 1.09
CA GLU D 274 -17.18 9.61 -0.36
C GLU D 274 -16.63 8.27 -0.82
N LYS D 275 -15.67 7.73 -0.08
CA LYS D 275 -15.09 6.44 -0.40
C LYS D 275 -16.09 5.30 -0.23
N GLN D 276 -17.11 5.53 0.58
CA GLN D 276 -18.11 4.50 0.86
C GLN D 276 -19.03 4.28 -0.34
N LYS D 277 -19.47 5.37 -0.96
CA LYS D 277 -20.34 5.28 -2.13
C LYS D 277 -19.62 4.67 -3.32
N VAL D 278 -18.35 5.01 -3.48
CA VAL D 278 -17.53 4.46 -4.56
C VAL D 278 -17.33 2.96 -4.33
N ALA D 279 -17.17 2.59 -3.06
CA ALA D 279 -17.00 1.20 -2.67
C ALA D 279 -18.22 0.36 -3.06
N VAL D 280 -19.39 0.88 -2.74
CA VAL D 280 -20.64 0.19 -3.06
C VAL D 280 -20.81 0.00 -4.57
N GLU D 281 -20.36 1.00 -5.34
CA GLU D 281 -20.42 0.91 -6.80
C GLU D 281 -19.56 -0.24 -7.33
N VAL D 282 -18.34 -0.34 -6.82
CA VAL D 282 -17.42 -1.41 -7.22
C VAL D 282 -17.98 -2.77 -6.82
N ILE D 283 -18.58 -2.84 -5.63
CA ILE D 283 -19.19 -4.06 -5.14
C ILE D 283 -20.43 -4.42 -5.95
N LYS D 284 -21.23 -3.41 -6.30
CA LYS D 284 -22.42 -3.61 -7.10
C LYS D 284 -22.08 -4.18 -8.47
N ASN D 285 -20.98 -3.70 -9.03
CA ASN D 285 -20.49 -4.23 -10.31
C ASN D 285 -19.97 -5.64 -10.15
N LEU D 286 -19.33 -5.93 -9.02
CA LEU D 286 -18.76 -7.25 -8.77
C LEU D 286 -19.83 -8.33 -8.66
N LEU D 287 -21.05 -7.93 -8.28
CA LEU D 287 -22.10 -8.90 -8.00
C LEU D 287 -23.20 -8.93 -9.05
N THR D 288 -23.29 -7.89 -9.87
CA THR D 288 -24.38 -7.79 -10.84
C THR D 288 -23.95 -7.78 -12.31
N ASN D 289 -22.66 -7.53 -12.56
CA ASN D 289 -22.16 -7.54 -13.93
C ASN D 289 -22.29 -8.93 -14.53
N THR D 290 -23.01 -9.01 -15.65
CA THR D 290 -23.27 -10.30 -16.29
C THR D 290 -22.00 -10.96 -16.81
N LEU D 291 -21.08 -10.17 -17.35
CA LEU D 291 -19.82 -10.70 -17.85
C LEU D 291 -19.02 -11.34 -16.73
N VAL D 292 -19.07 -10.74 -15.54
CA VAL D 292 -18.43 -11.30 -14.37
C VAL D 292 -19.12 -12.59 -13.94
N LEU D 293 -20.45 -12.55 -13.88
CA LEU D 293 -21.24 -13.71 -13.49
C LEU D 293 -21.08 -14.86 -14.47
N ASP D 294 -20.96 -14.53 -15.75
CA ASP D 294 -20.79 -15.55 -16.78
C ASP D 294 -19.44 -16.24 -16.68
N LEU D 295 -18.43 -15.51 -16.21
CA LEU D 295 -17.11 -16.08 -16.00
C LEU D 295 -17.13 -17.02 -14.80
N LEU D 296 -17.91 -16.66 -13.78
CA LEU D 296 -18.08 -17.53 -12.61
C LEU D 296 -18.72 -18.85 -13.02
N GLY D 297 -19.58 -18.79 -14.02
CA GLY D 297 -20.25 -19.97 -14.53
C GLY D 297 -19.31 -20.94 -15.21
N LEU D 298 -18.32 -20.41 -15.92
CA LEU D 298 -17.33 -21.24 -16.59
C LEU D 298 -16.47 -21.98 -15.60
N GLY D 299 -16.25 -21.38 -14.44
CA GLY D 299 -15.47 -21.99 -13.38
C GLY D 299 -16.34 -22.71 -12.37
N LEU D 300 -17.64 -22.77 -12.65
CA LEU D 300 -18.62 -23.40 -11.77
C LEU D 300 -18.56 -22.84 -10.34
N THR D 301 -18.31 -21.54 -10.25
CA THR D 301 -18.28 -20.86 -8.95
C THR D 301 -19.65 -20.24 -8.68
N LEU D 302 -20.18 -20.46 -7.47
CA LEU D 302 -21.52 -20.03 -7.13
C LEU D 302 -21.57 -18.60 -6.59
N PRO D 303 -22.48 -17.78 -7.15
CA PRO D 303 -22.81 -16.47 -6.56
C PRO D 303 -23.63 -16.67 -5.29
N ALA D 304 -23.55 -15.72 -4.36
CA ALA D 304 -24.26 -15.85 -3.09
C ALA D 304 -25.70 -15.37 -3.19
N ASN D 305 -25.96 -14.46 -4.12
CA ASN D 305 -27.30 -13.90 -4.29
C ASN D 305 -28.18 -14.75 -5.20
N LYS D 306 -29.49 -14.70 -4.97
CA LYS D 306 -30.45 -15.46 -5.78
C LYS D 306 -30.41 -15.02 -7.24
N ASN D 307 -30.24 -13.72 -7.47
CA ASN D 307 -30.17 -13.20 -8.84
C ASN D 307 -28.97 -13.74 -9.60
N GLY D 308 -27.84 -13.90 -8.90
CA GLY D 308 -26.64 -14.44 -9.50
C GLY D 308 -26.78 -15.92 -9.82
N ILE D 309 -27.42 -16.65 -8.91
CA ILE D 309 -27.65 -18.08 -9.11
C ILE D 309 -28.67 -18.31 -10.23
N ALA D 310 -29.78 -17.56 -10.19
CA ALA D 310 -30.83 -17.69 -11.19
C ALA D 310 -30.31 -17.38 -12.59
N HIS D 311 -29.43 -16.39 -12.69
CA HIS D 311 -28.84 -16.01 -13.97
C HIS D 311 -28.07 -17.16 -14.61
N LEU D 312 -27.30 -17.87 -13.80
CA LEU D 312 -26.48 -18.98 -14.30
C LEU D 312 -27.28 -20.27 -14.41
N ALA D 313 -28.45 -20.30 -13.77
CA ALA D 313 -29.31 -21.48 -13.83
C ALA D 313 -30.10 -21.54 -15.12
N LYS D 314 -30.25 -20.38 -15.78
CA LYS D 314 -31.02 -20.30 -17.01
C LYS D 314 -30.35 -21.03 -18.18
N SER D 315 -29.04 -21.24 -18.07
CA SER D 315 -28.28 -21.86 -19.15
C SER D 315 -27.38 -23.00 -18.65
N SER D 316 -27.77 -23.61 -17.53
CA SER D 316 -26.98 -24.69 -16.94
C SER D 316 -27.80 -25.55 -16.00
N ASN D 317 -27.87 -26.84 -16.28
CA ASN D 317 -28.58 -27.77 -15.42
C ASN D 317 -27.83 -27.98 -14.10
N PHE D 318 -26.52 -27.80 -14.15
CA PHE D 318 -25.67 -27.90 -12.96
C PHE D 318 -26.07 -26.87 -11.93
N TYR D 319 -26.17 -25.62 -12.36
CA TYR D 319 -26.60 -24.54 -11.48
C TYR D 319 -28.07 -24.68 -11.10
N ALA D 320 -28.85 -25.30 -12.00
CA ALA D 320 -30.28 -25.51 -11.76
C ALA D 320 -30.49 -26.45 -10.58
N GLN D 321 -29.73 -27.54 -10.56
CA GLN D 321 -29.81 -28.52 -9.47
C GLN D 321 -29.43 -27.88 -8.14
N LEU D 322 -28.37 -27.08 -8.15
CA LEU D 322 -27.90 -26.42 -6.95
C LEU D 322 -28.89 -25.37 -6.46
N SER D 323 -29.53 -24.69 -7.40
CA SER D 323 -30.54 -23.69 -7.07
C SER D 323 -31.73 -24.35 -6.39
N GLN D 324 -32.15 -25.49 -6.93
CA GLN D 324 -33.26 -26.25 -6.35
C GLN D 324 -32.87 -26.79 -4.99
N GLN D 325 -31.59 -27.13 -4.84
CA GLN D 325 -31.08 -27.68 -3.59
C GLN D 325 -31.08 -26.64 -2.48
N PHE D 326 -30.68 -25.41 -2.82
CA PHE D 326 -30.64 -24.32 -1.85
C PHE D 326 -32.04 -23.94 -1.38
N ASP D 327 -33.01 -24.01 -2.29
CA ASP D 327 -34.39 -23.65 -1.97
C ASP D 327 -35.05 -24.65 -1.04
N ALA D 328 -34.86 -25.94 -1.31
CA ALA D 328 -35.49 -27.00 -0.54
C ALA D 328 -34.92 -27.12 0.88
N LYS D 329 -33.60 -27.09 0.97
CA LYS D 329 -32.91 -27.30 2.25
C LYS D 329 -32.51 -25.98 2.88
N GLU D 330 -33.22 -24.91 2.54
CA GLU D 330 -32.89 -23.56 3.00
C GLU D 330 -32.85 -23.43 4.52
N SER D 331 -33.76 -24.13 5.21
CA SER D 331 -33.84 -24.07 6.66
C SER D 331 -32.96 -25.12 7.32
N GLU D 332 -32.18 -25.84 6.51
CA GLU D 332 -31.34 -26.92 7.02
C GLU D 332 -29.85 -26.58 6.92
N VAL D 333 -29.53 -25.62 6.06
CA VAL D 333 -28.14 -25.24 5.82
C VAL D 333 -27.51 -24.55 7.02
N ARG D 334 -26.32 -25.01 7.41
CA ARG D 334 -25.58 -24.41 8.51
C ARG D 334 -24.33 -23.71 7.99
N VAL D 335 -23.87 -22.70 8.73
CA VAL D 335 -22.64 -22.00 8.38
C VAL D 335 -21.73 -21.86 9.61
N LEU D 336 -20.56 -22.47 9.54
CA LEU D 336 -19.62 -22.46 10.66
C LEU D 336 -18.85 -21.14 10.73
N ARG D 337 -18.89 -20.50 11.89
CA ARG D 337 -18.20 -19.23 12.09
C ARG D 337 -17.38 -19.25 13.38
N CYS D 338 -16.36 -18.40 13.44
CA CYS D 338 -15.50 -18.31 14.60
C CYS D 338 -15.72 -16.98 15.34
N VAL D 339 -15.89 -17.06 16.66
CA VAL D 339 -16.20 -15.89 17.45
C VAL D 339 -14.95 -15.09 17.84
N ASP D 340 -13.90 -15.78 18.25
CA ASP D 340 -12.69 -15.10 18.70
C ASP D 340 -11.38 -15.80 18.31
N PHE D 341 -11.36 -16.43 17.14
CA PHE D 341 -10.13 -17.05 16.65
C PHE D 341 -10.13 -17.14 15.12
N ALA D 342 -8.97 -17.49 14.56
CA ALA D 342 -8.83 -17.57 13.11
C ALA D 342 -7.88 -18.68 12.66
N ASN D 343 -7.05 -18.37 11.66
CA ASN D 343 -6.21 -19.37 11.00
C ASN D 343 -5.23 -20.12 11.90
N LYS D 344 -4.64 -19.41 12.86
CA LYS D 344 -3.69 -20.01 13.78
C LYS D 344 -4.35 -21.11 14.59
N GLU D 345 -5.48 -20.79 15.22
CA GLU D 345 -6.19 -21.73 16.07
C GLU D 345 -6.81 -22.88 15.27
N VAL D 346 -7.21 -22.59 14.04
CA VAL D 346 -7.79 -23.60 13.17
C VAL D 346 -6.75 -24.65 12.76
N LYS D 347 -5.59 -24.18 12.32
CA LYS D 347 -4.52 -25.09 11.93
C LYS D 347 -3.98 -25.87 13.12
N ASN D 348 -4.02 -25.28 14.31
CA ASN D 348 -3.60 -25.96 15.52
C ASN D 348 -4.61 -27.03 15.94
N CYS D 349 -5.89 -26.67 15.91
CA CYS D 349 -6.95 -27.61 16.28
C CYS D 349 -6.96 -28.82 15.35
N ALA D 350 -6.61 -28.60 14.09
CA ALA D 350 -6.53 -29.68 13.13
C ALA D 350 -5.42 -30.66 13.52
N GLY D 351 -4.27 -30.12 13.89
CA GLY D 351 -3.13 -30.93 14.29
C GLY D 351 -3.39 -31.76 15.53
N VAL D 352 -4.27 -31.28 16.39
CA VAL D 352 -4.66 -32.00 17.59
C VAL D 352 -5.52 -33.21 17.23
N LEU D 353 -6.38 -33.04 16.24
CA LEU D 353 -7.33 -34.06 15.83
C LEU D 353 -6.70 -35.17 14.98
N ARG D 354 -5.66 -34.82 14.23
CA ARG D 354 -5.04 -35.76 13.29
C ARG D 354 -4.60 -37.14 13.83
N PRO D 355 -4.01 -37.18 15.05
CA PRO D 355 -3.66 -38.50 15.57
C PRO D 355 -4.88 -39.34 15.97
N PHE D 356 -6.07 -38.75 15.90
CA PHE D 356 -7.30 -39.45 16.26
C PHE D 356 -8.11 -39.82 15.03
N LEU D 357 -7.46 -39.81 13.86
CA LEU D 357 -8.13 -40.10 12.61
C LEU D 357 -7.46 -41.27 11.90
N PRO E 6 15.78 -20.26 -32.60
CA PRO E 6 15.11 -19.82 -31.38
C PRO E 6 13.92 -20.72 -31.03
N LYS E 7 13.48 -21.53 -32.01
CA LYS E 7 12.33 -22.40 -31.84
C LYS E 7 11.09 -21.61 -31.40
N THR E 8 10.71 -20.64 -32.22
CA THR E 8 9.58 -19.76 -31.91
C THR E 8 8.53 -19.81 -33.01
N LEU E 9 7.26 -19.92 -32.63
CA LEU E 9 6.18 -19.93 -33.60
C LEU E 9 5.34 -18.66 -33.49
N THR E 10 5.30 -17.88 -34.57
CA THR E 10 4.51 -16.66 -34.60
C THR E 10 3.09 -16.94 -35.09
N VAL E 11 2.11 -16.66 -34.24
CA VAL E 11 0.71 -16.88 -34.59
C VAL E 11 -0.07 -15.57 -34.57
N GLY E 12 -0.59 -15.17 -35.72
CA GLY E 12 -1.36 -13.95 -35.84
C GLY E 12 -2.85 -14.20 -35.73
N LEU E 13 -3.44 -13.76 -34.63
CA LEU E 13 -4.87 -13.99 -34.38
C LEU E 13 -5.74 -12.93 -35.05
N PHE E 14 -7.00 -13.29 -35.29
CA PHE E 14 -7.98 -12.34 -35.81
C PHE E 14 -8.42 -11.41 -34.69
N PRO E 15 -8.15 -10.10 -34.84
CA PRO E 15 -8.28 -9.11 -33.76
C PRO E 15 -9.68 -8.53 -33.59
N TYR E 16 -10.52 -8.60 -34.62
CA TYR E 16 -11.81 -7.93 -34.57
C TYR E 16 -12.88 -8.76 -33.87
N LEU E 17 -12.74 -8.87 -32.55
CA LEU E 17 -13.69 -9.57 -31.70
C LEU E 17 -14.48 -8.56 -30.88
N PRO E 18 -15.62 -8.98 -30.30
CA PRO E 18 -16.47 -8.02 -29.59
C PRO E 18 -15.79 -7.38 -28.38
N SER E 19 -16.42 -6.33 -27.85
CA SER E 19 -15.88 -5.63 -26.69
C SER E 19 -17.00 -5.15 -25.77
N TRP E 20 -16.88 -5.48 -24.49
CA TRP E 20 -17.82 -4.98 -23.49
C TRP E 20 -17.28 -3.65 -22.95
N ASN E 21 -18.12 -2.62 -22.95
CA ASN E 21 -17.69 -1.30 -22.51
C ASN E 21 -18.72 -0.60 -21.62
N GLU E 22 -18.28 -0.22 -20.43
CA GLU E 22 -19.10 0.56 -19.52
C GLU E 22 -18.28 1.68 -18.89
N ASN E 23 -17.90 2.65 -19.72
CA ASN E 23 -17.10 3.81 -19.31
C ASN E 23 -15.67 3.47 -18.88
N GLY E 24 -14.71 4.05 -19.58
CA GLY E 24 -13.30 3.88 -19.26
C GLY E 24 -12.79 2.47 -19.46
N ASN E 25 -13.11 1.59 -18.52
CA ASN E 25 -12.66 0.21 -18.58
C ASN E 25 -13.31 -0.58 -19.71
N GLU E 26 -12.57 -0.76 -20.79
CA GLU E 26 -13.05 -1.53 -21.93
C GLU E 26 -12.44 -2.93 -21.94
N VAL E 27 -13.29 -3.94 -21.98
CA VAL E 27 -12.83 -5.32 -22.01
C VAL E 27 -12.87 -5.85 -23.44
N LYS E 28 -11.71 -6.32 -23.93
CA LYS E 28 -11.62 -6.88 -25.27
C LYS E 28 -11.55 -8.41 -25.20
N LEU E 29 -12.44 -9.06 -25.93
CA LEU E 29 -12.52 -10.53 -25.93
C LEU E 29 -11.22 -11.17 -26.40
N ILE E 30 -10.53 -10.50 -27.32
CA ILE E 30 -9.26 -10.99 -27.83
C ILE E 30 -8.21 -11.10 -26.72
N ASN E 31 -8.34 -10.26 -25.69
CA ASN E 31 -7.44 -10.33 -24.54
C ASN E 31 -7.76 -11.52 -23.65
N LEU E 32 -9.05 -11.77 -23.44
CA LEU E 32 -9.49 -12.89 -22.62
C LEU E 32 -9.07 -14.22 -23.24
N ILE E 33 -9.05 -14.28 -24.56
CA ILE E 33 -8.62 -15.48 -25.27
C ILE E 33 -7.11 -15.65 -25.20
N LYS E 34 -6.38 -14.55 -25.42
CA LYS E 34 -4.92 -14.58 -25.35
C LYS E 34 -4.41 -15.05 -23.99
N ASP E 35 -5.10 -14.64 -22.93
CA ASP E 35 -4.71 -15.01 -21.57
C ASP E 35 -5.01 -16.46 -21.25
N VAL E 36 -5.57 -17.18 -22.22
CA VAL E 36 -5.94 -18.58 -22.06
C VAL E 36 -5.08 -19.47 -22.94
N LEU E 37 -4.69 -18.95 -24.10
CA LEU E 37 -3.87 -19.71 -25.04
C LEU E 37 -2.50 -20.05 -24.47
N PRO E 38 -2.07 -21.31 -24.64
CA PRO E 38 -0.79 -21.80 -24.13
C PRO E 38 0.40 -21.19 -24.88
N THR E 39 1.41 -20.76 -24.14
CA THR E 39 2.58 -20.11 -24.74
C THR E 39 3.71 -21.10 -25.00
N GLN E 40 3.58 -22.30 -24.44
CA GLN E 40 4.61 -23.33 -24.60
C GLN E 40 4.01 -24.62 -25.15
N VAL E 41 4.25 -24.89 -26.43
CA VAL E 41 3.71 -26.09 -27.07
C VAL E 41 4.79 -26.86 -27.81
N SER E 42 5.00 -28.11 -27.39
CA SER E 42 5.96 -29.02 -28.02
C SER E 42 7.39 -28.47 -28.08
N GLY E 43 7.79 -27.75 -27.02
CA GLY E 43 9.12 -27.20 -26.95
C GLY E 43 9.25 -25.84 -27.62
N TYR E 44 8.26 -25.51 -28.45
CA TYR E 44 8.24 -24.23 -29.15
C TYR E 44 7.58 -23.14 -28.30
N ASN E 45 8.15 -21.94 -28.33
CA ASN E 45 7.55 -20.79 -27.67
C ASN E 45 6.60 -20.08 -28.61
N ILE E 46 5.32 -20.05 -28.27
CA ILE E 46 4.30 -19.49 -29.15
C ILE E 46 4.06 -18.01 -28.87
N GLU E 47 4.33 -17.18 -29.87
CA GLU E 47 4.11 -15.74 -29.76
C GLU E 47 2.79 -15.33 -30.41
N TYR E 48 1.76 -15.12 -29.60
CA TYR E 48 0.46 -14.70 -30.11
C TYR E 48 0.39 -13.19 -30.32
N THR E 49 0.12 -12.78 -31.56
CA THR E 49 0.00 -11.37 -31.90
C THR E 49 -1.26 -11.13 -32.71
N GLU E 50 -1.71 -9.88 -32.74
CA GLU E 50 -2.89 -9.52 -33.52
C GLU E 50 -2.53 -9.26 -34.98
N PHE E 51 -3.14 -10.02 -35.88
CA PHE E 51 -2.87 -9.91 -37.31
C PHE E 51 -4.01 -9.19 -38.03
N ASP E 52 -3.72 -8.01 -38.55
CA ASP E 52 -4.72 -7.20 -39.23
C ASP E 52 -4.79 -7.56 -40.71
N CYS E 53 -5.67 -8.50 -41.05
CA CYS E 53 -5.83 -8.94 -42.43
C CYS E 53 -6.44 -7.84 -43.29
N TYR E 54 -7.02 -6.83 -42.64
CA TYR E 54 -7.60 -5.71 -43.36
C TYR E 54 -6.59 -4.58 -43.55
N SER E 55 -5.32 -4.97 -43.60
CA SER E 55 -4.22 -4.04 -43.86
C SER E 55 -3.28 -4.67 -44.88
N ASP E 56 -3.10 -4.00 -46.02
CA ASP E 56 -2.24 -4.52 -47.07
C ASP E 56 -0.79 -4.63 -46.62
N ALA E 57 -0.39 -3.77 -45.68
CA ALA E 57 0.96 -3.81 -45.13
C ALA E 57 1.18 -5.10 -44.35
N SER E 58 0.14 -5.57 -43.66
CA SER E 58 0.23 -6.79 -42.88
C SER E 58 0.10 -8.02 -43.76
N LEU E 59 -0.57 -7.87 -44.90
CA LEU E 59 -0.77 -8.99 -45.83
C LEU E 59 0.49 -9.30 -46.63
N GLN E 60 1.43 -8.35 -46.64
CA GLN E 60 2.66 -8.50 -47.41
C GLN E 60 3.79 -9.09 -46.57
N SER E 61 3.55 -9.21 -45.27
CA SER E 61 4.51 -9.84 -44.36
C SER E 61 3.78 -10.79 -43.41
N LEU E 62 3.52 -12.00 -43.88
CA LEU E 62 2.74 -12.98 -43.13
C LEU E 62 3.58 -13.74 -42.12
N PRO E 63 3.04 -13.94 -40.91
CA PRO E 63 3.70 -14.74 -39.87
C PRO E 63 3.65 -16.22 -40.19
N ASP E 64 3.98 -17.07 -39.23
CA ASP E 64 3.92 -18.51 -39.42
C ASP E 64 2.47 -18.95 -39.57
N VAL E 65 1.66 -18.60 -38.57
CA VAL E 65 0.23 -18.89 -38.59
C VAL E 65 -0.56 -17.59 -38.50
N PHE E 66 -1.57 -17.45 -39.36
CA PHE E 66 -2.37 -16.23 -39.38
C PHE E 66 -3.83 -16.52 -39.67
N SER E 67 -4.72 -15.80 -38.98
CA SER E 67 -6.15 -15.94 -39.19
C SER E 67 -6.68 -14.78 -40.04
N THR E 68 -6.90 -15.04 -41.31
CA THR E 68 -7.36 -14.00 -42.24
C THR E 68 -8.80 -14.22 -42.66
N ASP E 69 -9.47 -13.12 -43.01
CA ASP E 69 -10.79 -13.20 -43.60
C ASP E 69 -10.63 -13.86 -44.97
N SER E 70 -11.54 -14.78 -45.29
CA SER E 70 -11.46 -15.51 -46.55
C SER E 70 -11.69 -14.61 -47.76
N ILE E 71 -12.14 -13.39 -47.50
CA ILE E 71 -12.43 -12.42 -48.55
C ILE E 71 -11.17 -12.06 -49.35
N PHE E 72 -10.00 -12.23 -48.74
CA PHE E 72 -8.74 -11.93 -49.39
C PHE E 72 -7.92 -13.18 -49.67
N LEU E 73 -8.48 -14.34 -49.30
CA LEU E 73 -7.77 -15.61 -49.44
C LEU E 73 -7.34 -15.97 -50.88
N PRO E 74 -8.24 -15.87 -51.88
CA PRO E 74 -7.78 -16.20 -53.24
C PRO E 74 -6.68 -15.26 -53.72
N TYR E 75 -6.73 -14.00 -53.29
CA TYR E 75 -5.68 -13.05 -53.60
C TYR E 75 -4.42 -13.37 -52.82
N LEU E 76 -4.61 -13.76 -51.56
CA LEU E 76 -3.49 -14.07 -50.67
C LEU E 76 -2.74 -15.31 -51.15
N VAL E 77 -3.47 -16.24 -51.76
CA VAL E 77 -2.87 -17.46 -52.29
C VAL E 77 -2.07 -17.18 -53.56
N SER E 78 -2.61 -16.32 -54.42
CA SER E 78 -1.98 -15.98 -55.70
C SER E 78 -0.57 -15.39 -55.52
N LEU E 79 -0.33 -14.78 -54.36
CA LEU E 79 0.97 -14.22 -54.05
C LEU E 79 1.88 -15.26 -53.42
N GLY E 80 1.45 -16.53 -53.46
CA GLY E 80 2.13 -17.58 -52.74
C GLY E 80 1.92 -17.37 -51.26
N GLY E 81 2.94 -17.66 -50.46
CA GLY E 81 2.88 -17.37 -49.03
C GLY E 81 1.93 -18.20 -48.21
N VAL E 82 0.87 -18.72 -48.84
CA VAL E 82 -0.10 -19.55 -48.15
C VAL E 82 0.10 -21.02 -48.50
N LYS E 83 0.45 -21.82 -47.49
CA LYS E 83 0.74 -23.23 -47.69
C LYS E 83 -0.53 -24.02 -47.99
N SER E 84 -0.45 -24.90 -48.99
CA SER E 84 -1.56 -25.78 -49.32
C SER E 84 -1.63 -26.92 -48.32
N LEU E 85 -2.84 -27.38 -48.03
CA LEU E 85 -3.04 -28.40 -47.01
C LEU E 85 -3.79 -29.61 -47.54
N ASP E 86 -3.70 -30.72 -46.80
CA ASP E 86 -4.43 -31.94 -47.15
C ASP E 86 -5.87 -31.85 -46.67
N GLU E 87 -6.79 -32.39 -47.45
CA GLU E 87 -8.20 -32.42 -47.09
C GLU E 87 -8.38 -33.23 -45.79
N SER E 88 -7.58 -34.29 -45.66
CA SER E 88 -7.65 -35.15 -44.48
C SER E 88 -7.06 -34.46 -43.25
N LEU E 89 -6.04 -33.64 -43.46
CA LEU E 89 -5.36 -32.96 -42.37
C LEU E 89 -6.27 -31.93 -41.69
N VAL E 90 -7.04 -31.21 -42.49
CA VAL E 90 -7.92 -30.16 -41.96
C VAL E 90 -9.12 -30.75 -41.23
N ARG E 91 -9.80 -31.69 -41.88
CA ARG E 91 -11.00 -32.29 -41.30
C ARG E 91 -10.70 -33.10 -40.05
N GLY E 92 -9.44 -33.51 -39.90
CA GLY E 92 -9.01 -34.22 -38.72
C GLY E 92 -8.99 -33.32 -37.50
N VAL E 93 -8.93 -32.02 -37.74
CA VAL E 93 -8.91 -31.04 -36.66
C VAL E 93 -10.28 -30.38 -36.49
N THR E 94 -10.82 -29.86 -37.58
CA THR E 94 -12.07 -29.11 -37.54
C THR E 94 -13.29 -30.01 -37.42
N GLY E 95 -13.23 -31.19 -38.03
CA GLY E 95 -14.37 -32.08 -38.08
C GLY E 95 -15.25 -31.76 -39.27
N ASP E 96 -16.56 -31.94 -39.12
CA ASP E 96 -17.49 -31.65 -40.20
C ASP E 96 -17.63 -30.14 -40.41
N LEU E 97 -17.68 -29.73 -41.67
CA LEU E 97 -17.85 -28.33 -42.02
C LEU E 97 -19.02 -28.16 -42.99
N HIS E 98 -19.73 -27.05 -42.86
CA HIS E 98 -20.76 -26.71 -43.85
C HIS E 98 -20.09 -26.48 -45.20
N SER E 99 -20.79 -26.81 -46.27
CA SER E 99 -20.25 -26.73 -47.62
C SER E 99 -19.71 -25.35 -47.97
N PHE E 100 -20.42 -24.31 -47.53
CA PHE E 100 -20.00 -22.94 -47.80
C PHE E 100 -18.76 -22.55 -47.00
N VAL E 101 -18.63 -23.11 -45.81
CA VAL E 101 -17.46 -22.86 -44.97
C VAL E 101 -16.22 -23.49 -45.57
N SER E 102 -16.36 -24.73 -46.05
CA SER E 102 -15.25 -25.45 -46.66
C SER E 102 -14.85 -24.81 -47.98
N SER E 103 -15.83 -24.31 -48.73
CA SER E 103 -15.58 -23.67 -50.02
C SER E 103 -14.89 -22.32 -49.87
N SER E 104 -15.08 -21.69 -48.71
CA SER E 104 -14.47 -20.38 -48.45
C SER E 104 -12.98 -20.51 -48.20
N ALA E 105 -12.55 -21.72 -47.86
CA ALA E 105 -11.14 -21.99 -47.59
C ALA E 105 -10.48 -22.69 -48.77
N SER E 106 -11.26 -22.99 -49.80
CA SER E 106 -10.75 -23.69 -50.98
C SER E 106 -10.52 -22.74 -52.15
N VAL E 107 -9.29 -22.74 -52.66
CA VAL E 107 -8.94 -21.91 -53.81
C VAL E 107 -8.27 -22.75 -54.88
N ASN E 108 -8.85 -22.74 -56.09
CA ASN E 108 -8.33 -23.51 -57.22
C ASN E 108 -8.22 -25.01 -56.96
N GLY E 109 -9.18 -25.54 -56.20
CA GLY E 109 -9.23 -26.98 -55.94
C GLY E 109 -8.38 -27.45 -54.78
N SER E 110 -7.72 -26.52 -54.10
CA SER E 110 -6.88 -26.86 -52.96
C SER E 110 -7.31 -26.13 -51.70
N VAL E 111 -7.17 -26.78 -50.55
CA VAL E 111 -7.50 -26.18 -49.27
C VAL E 111 -6.31 -25.39 -48.73
N TYR E 112 -6.55 -24.16 -48.31
CA TYR E 112 -5.49 -23.28 -47.85
C TYR E 112 -5.65 -22.79 -46.42
N GLY E 113 -6.29 -23.58 -45.57
CA GLY E 113 -6.40 -23.23 -44.17
C GLY E 113 -7.51 -23.88 -43.38
N PHE E 114 -7.48 -23.66 -42.06
CA PHE E 114 -8.48 -24.20 -41.14
C PHE E 114 -9.51 -23.12 -40.81
N PRO E 115 -10.78 -23.35 -41.18
CA PRO E 115 -11.87 -22.42 -40.87
C PRO E 115 -12.01 -22.19 -39.37
N GLN E 116 -11.94 -20.93 -38.94
CA GLN E 116 -12.00 -20.61 -37.51
C GLN E 116 -13.30 -19.92 -37.11
N TYR E 117 -13.62 -18.82 -37.76
CA TYR E 117 -14.79 -18.03 -37.38
C TYR E 117 -15.85 -17.97 -38.47
N LEU E 118 -17.10 -17.81 -38.05
CA LEU E 118 -18.21 -17.60 -38.95
C LEU E 118 -18.86 -16.26 -38.62
N CYS E 119 -19.36 -15.57 -39.63
CA CYS E 119 -20.03 -14.29 -39.41
C CYS E 119 -20.95 -13.90 -40.56
N SER E 120 -21.95 -13.10 -40.24
CA SER E 120 -22.90 -12.60 -41.23
C SER E 120 -23.65 -11.40 -40.66
N ASN E 121 -24.28 -10.63 -41.53
CA ASN E 121 -25.15 -9.56 -41.09
C ASN E 121 -26.55 -10.10 -40.79
N PHE E 122 -26.70 -10.67 -39.59
CA PHE E 122 -27.95 -11.31 -39.21
C PHE E 122 -29.03 -10.29 -38.90
N LEU E 123 -30.27 -10.75 -38.85
CA LEU E 123 -31.39 -9.90 -38.49
C LEU E 123 -31.91 -10.25 -37.11
N LEU E 124 -31.56 -9.42 -36.12
CA LEU E 124 -32.07 -9.62 -34.77
C LEU E 124 -33.44 -8.99 -34.65
N SER E 125 -34.46 -9.82 -34.45
CA SER E 125 -35.84 -9.34 -34.42
C SER E 125 -36.45 -9.43 -33.02
N SER E 126 -36.96 -8.30 -32.55
CA SER E 126 -37.69 -8.25 -31.29
C SER E 126 -38.95 -9.10 -31.38
N PRO E 127 -39.45 -9.59 -30.24
CA PRO E 127 -40.71 -10.34 -30.24
C PRO E 127 -41.87 -9.49 -30.75
N ASN E 128 -41.77 -8.18 -30.58
CA ASN E 128 -42.82 -7.26 -31.00
C ASN E 128 -42.74 -6.93 -32.48
N ALA E 129 -41.74 -7.47 -33.17
CA ALA E 129 -41.53 -7.20 -34.59
C ALA E 129 -42.73 -7.66 -35.42
N THR E 130 -43.49 -6.69 -35.92
CA THR E 130 -44.68 -6.97 -36.72
C THR E 130 -44.32 -7.59 -38.06
N GLN E 131 -43.26 -7.10 -38.68
CA GLN E 131 -42.90 -7.50 -40.02
C GLN E 131 -41.89 -8.64 -40.07
N GLN E 132 -42.04 -9.50 -41.07
CA GLN E 132 -41.13 -10.63 -41.28
C GLN E 132 -40.78 -10.73 -42.77
N ALA E 133 -39.52 -11.06 -43.06
CA ALA E 133 -39.06 -11.08 -44.44
C ALA E 133 -38.01 -12.16 -44.71
N SER E 134 -37.72 -12.37 -46.00
CA SER E 134 -36.73 -13.37 -46.41
C SER E 134 -35.53 -12.71 -47.07
N SER E 135 -35.57 -11.39 -47.15
CA SER E 135 -34.45 -10.62 -47.68
C SER E 135 -34.51 -9.19 -47.13
N LEU E 136 -33.39 -8.48 -47.20
CA LEU E 136 -33.35 -7.11 -46.68
C LEU E 136 -34.17 -6.16 -47.54
N LEU E 137 -34.21 -6.42 -48.85
CA LEU E 137 -35.04 -5.64 -49.76
C LEU E 137 -36.50 -5.77 -49.40
N GLU E 138 -36.94 -7.00 -49.16
CA GLU E 138 -38.31 -7.29 -48.77
C GLU E 138 -38.66 -6.59 -47.46
N LEU E 139 -37.74 -6.66 -46.49
CA LEU E 139 -37.95 -6.03 -45.20
C LEU E 139 -37.98 -4.51 -45.33
N ALA E 140 -37.15 -3.98 -46.23
CA ALA E 140 -37.06 -2.54 -46.44
C ALA E 140 -38.36 -1.98 -46.99
N GLN E 141 -38.93 -2.67 -47.98
CA GLN E 141 -40.22 -2.27 -48.55
C GLN E 141 -41.31 -2.34 -47.49
N LYS E 142 -41.34 -3.45 -46.78
CA LYS E 142 -42.38 -3.71 -45.78
C LYS E 142 -42.36 -2.74 -44.61
N VAL E 143 -41.17 -2.47 -44.07
CA VAL E 143 -41.06 -1.73 -42.82
C VAL E 143 -41.05 -0.21 -43.00
N GLY E 144 -40.51 0.27 -44.12
CA GLY E 144 -40.56 1.68 -44.44
C GLY E 144 -39.32 2.49 -44.13
N TYR E 145 -39.46 3.81 -44.24
CA TYR E 145 -38.37 4.75 -44.04
CA TYR E 145 -38.35 4.73 -44.03
C TYR E 145 -37.93 4.84 -42.57
N GLU E 146 -36.62 4.66 -42.34
CA GLU E 146 -36.03 4.78 -41.01
C GLU E 146 -36.69 3.92 -39.92
N GLN E 147 -36.65 2.61 -40.08
CA GLN E 147 -37.25 1.71 -39.11
C GLN E 147 -36.30 0.59 -38.70
N ILE E 148 -35.19 0.46 -39.41
CA ILE E 148 -34.22 -0.59 -39.15
C ILE E 148 -32.91 -0.01 -38.62
N VAL E 149 -32.35 -0.64 -37.59
CA VAL E 149 -31.02 -0.26 -37.12
C VAL E 149 -29.97 -1.13 -37.81
N TYR E 150 -29.28 -0.52 -38.77
CA TYR E 150 -28.22 -1.19 -39.51
C TYR E 150 -27.03 -0.25 -39.55
N PRO E 151 -26.28 -0.18 -38.44
CA PRO E 151 -25.21 0.79 -38.20
C PRO E 151 -24.18 0.92 -39.32
N ASP E 152 -23.71 -0.21 -39.85
CA ASP E 152 -22.70 -0.18 -40.91
C ASP E 152 -23.21 0.45 -42.20
N VAL E 153 -24.50 0.25 -42.48
CA VAL E 153 -25.12 0.88 -43.64
C VAL E 153 -25.37 2.36 -43.37
N ALA E 154 -25.81 2.65 -42.14
CA ALA E 154 -26.07 4.03 -41.73
C ALA E 154 -24.80 4.87 -41.76
N SER E 155 -23.67 4.23 -41.47
CA SER E 155 -22.39 4.93 -41.38
C SER E 155 -21.60 4.82 -42.69
N SER E 156 -22.16 4.09 -43.65
CA SER E 156 -21.52 3.85 -44.94
C SER E 156 -20.10 3.29 -44.80
N SER E 157 -19.98 2.23 -44.01
CA SER E 157 -18.70 1.55 -43.82
C SER E 157 -18.20 1.00 -45.15
N SER E 158 -16.89 1.14 -45.39
CA SER E 158 -16.28 0.80 -46.68
C SER E 158 -16.60 -0.62 -47.15
N PHE E 159 -16.35 -1.60 -46.28
CA PHE E 159 -16.61 -3.00 -46.62
C PHE E 159 -18.10 -3.29 -46.77
N THR E 160 -18.93 -2.51 -46.08
CA THR E 160 -20.37 -2.67 -46.16
C THR E 160 -20.91 -2.10 -47.47
N VAL E 161 -20.45 -0.90 -47.82
CA VAL E 161 -20.81 -0.27 -49.08
C VAL E 161 -20.33 -1.13 -50.25
N PHE E 162 -19.10 -1.61 -50.15
CA PHE E 162 -18.52 -2.48 -51.16
C PHE E 162 -19.21 -3.84 -51.19
N GLY E 163 -19.48 -4.37 -50.00
CA GLY E 163 -20.07 -5.69 -49.86
C GLY E 163 -21.47 -5.80 -50.41
N LEU E 164 -22.37 -4.96 -49.92
CA LEU E 164 -23.78 -5.01 -50.32
C LEU E 164 -23.96 -4.78 -51.82
N TYR E 165 -23.13 -3.92 -52.38
CA TYR E 165 -23.17 -3.63 -53.82
C TYR E 165 -22.86 -4.90 -54.62
N GLN E 166 -21.83 -5.61 -54.21
CA GLN E 166 -21.43 -6.83 -54.88
C GLN E 166 -22.44 -7.96 -54.67
N GLN E 167 -23.05 -8.01 -53.49
CA GLN E 167 -24.06 -9.01 -53.20
C GLN E 167 -25.28 -8.85 -54.08
N LEU E 168 -25.69 -7.60 -54.28
CA LEU E 168 -26.84 -7.29 -55.14
C LEU E 168 -26.50 -7.54 -56.60
N LEU E 169 -25.28 -7.19 -56.99
CA LEU E 169 -24.86 -7.28 -58.38
C LEU E 169 -24.52 -8.71 -58.79
N GLN E 170 -23.59 -9.33 -58.07
CA GLN E 170 -23.06 -10.63 -58.46
C GLN E 170 -24.04 -11.79 -58.20
N SER E 171 -23.92 -12.82 -59.03
CA SER E 171 -24.72 -14.04 -58.89
C SER E 171 -23.85 -15.24 -59.19
N SER E 172 -24.03 -16.32 -58.44
CA SER E 172 -23.21 -17.52 -58.62
C SER E 172 -23.98 -18.79 -58.28
N SER E 173 -23.54 -19.91 -58.85
CA SER E 173 -24.15 -21.20 -58.60
C SER E 173 -23.46 -21.91 -57.44
N SER E 174 -22.18 -21.60 -57.25
CA SER E 174 -21.41 -22.18 -56.15
C SER E 174 -21.34 -21.20 -54.98
N ALA E 175 -20.76 -21.65 -53.87
CA ALA E 175 -20.68 -20.84 -52.66
C ALA E 175 -19.72 -19.67 -52.81
N ALA E 176 -18.56 -19.93 -53.38
CA ALA E 176 -17.52 -18.90 -53.53
C ALA E 176 -17.84 -17.94 -54.67
N VAL E 177 -18.16 -16.70 -54.31
CA VAL E 177 -18.39 -15.66 -55.30
C VAL E 177 -17.11 -14.84 -55.50
N ASP E 178 -16.19 -15.39 -56.29
CA ASP E 178 -14.90 -14.75 -56.52
C ASP E 178 -14.98 -13.67 -57.60
N ILE E 179 -14.62 -12.44 -57.22
CA ILE E 179 -14.60 -11.33 -58.16
C ILE E 179 -13.18 -10.78 -58.28
N LYS E 180 -12.92 -10.05 -59.36
CA LYS E 180 -11.61 -9.45 -59.59
C LYS E 180 -11.68 -7.93 -59.72
N ALA E 181 -10.51 -7.28 -59.79
CA ALA E 181 -10.42 -5.82 -59.80
C ALA E 181 -11.23 -5.16 -60.93
N SER E 182 -11.32 -5.85 -62.06
CA SER E 182 -12.03 -5.32 -63.23
C SER E 182 -13.53 -5.27 -62.99
N ASP E 183 -14.00 -6.06 -62.03
CA ASP E 183 -15.42 -6.12 -61.71
C ASP E 183 -15.86 -4.96 -60.81
N LEU E 184 -14.89 -4.15 -60.38
CA LEU E 184 -15.19 -3.03 -59.51
C LEU E 184 -15.32 -1.72 -60.28
N PRO E 185 -16.38 -0.95 -59.98
CA PRO E 185 -16.58 0.39 -60.55
C PRO E 185 -15.37 1.28 -60.27
N GLN E 186 -14.85 1.93 -61.30
CA GLN E 186 -13.59 2.65 -61.20
C GLN E 186 -13.74 4.16 -61.26
N SER E 187 -14.77 4.64 -61.96
CA SER E 187 -14.91 6.06 -62.23
C SER E 187 -16.22 6.66 -61.69
N GLY E 188 -17.32 5.94 -61.91
CA GLY E 188 -18.63 6.43 -61.52
C GLY E 188 -19.64 6.25 -62.63
N ASP E 189 -19.16 6.28 -63.87
CA ASP E 189 -20.01 5.99 -65.02
C ASP E 189 -20.08 4.48 -65.23
N GLN E 190 -19.34 3.75 -64.40
CA GLN E 190 -19.32 2.29 -64.44
C GLN E 190 -20.19 1.74 -63.32
N VAL E 191 -20.65 2.62 -62.44
CA VAL E 191 -21.51 2.24 -61.32
C VAL E 191 -22.92 1.87 -61.77
N ASN E 192 -23.33 0.66 -61.45
CA ASN E 192 -24.69 0.21 -61.75
C ASN E 192 -25.72 1.00 -60.93
N LYS E 193 -26.60 1.71 -61.63
CA LYS E 193 -27.61 2.55 -60.97
C LYS E 193 -28.78 1.76 -60.42
N ASP E 194 -29.06 0.61 -61.04
CA ASP E 194 -30.14 -0.25 -60.60
C ASP E 194 -29.81 -0.87 -59.26
N ILE E 195 -28.58 -1.36 -59.15
CA ILE E 195 -28.06 -1.91 -57.90
C ILE E 195 -28.02 -0.81 -56.84
N THR E 196 -27.58 0.37 -57.24
CA THR E 196 -27.50 1.52 -56.35
C THR E 196 -28.87 1.89 -55.79
N GLN E 197 -29.90 1.76 -56.63
CA GLN E 197 -31.26 2.07 -56.23
C GLN E 197 -31.77 1.04 -55.23
N LYS E 198 -31.34 -0.20 -55.39
CA LYS E 198 -31.69 -1.28 -54.47
C LYS E 198 -31.08 -1.02 -53.10
N TYR E 199 -29.82 -0.58 -53.10
CA TYR E 199 -29.10 -0.24 -51.88
C TYR E 199 -29.83 0.87 -51.14
N ARG E 200 -30.28 1.86 -51.90
CA ARG E 200 -30.92 3.05 -51.35
C ARG E 200 -32.18 2.71 -50.56
N THR E 201 -32.92 1.70 -51.01
CA THR E 201 -34.12 1.25 -50.32
C THR E 201 -33.79 0.78 -48.91
N ILE E 202 -32.67 0.07 -48.79
CA ILE E 202 -32.21 -0.40 -47.49
C ILE E 202 -31.68 0.77 -46.66
N LEU E 203 -30.92 1.64 -47.30
CA LEU E 203 -30.37 2.82 -46.64
C LEU E 203 -31.46 3.74 -46.12
N ASP E 204 -32.54 3.87 -46.89
CA ASP E 204 -33.68 4.68 -46.48
C ASP E 204 -34.39 4.07 -45.27
N SER E 205 -34.40 2.75 -45.21
CA SER E 205 -35.05 2.04 -44.11
C SER E 205 -34.19 2.04 -42.85
N THR E 206 -32.94 2.49 -42.99
CA THR E 206 -32.00 2.47 -41.88
C THR E 206 -32.09 3.73 -41.02
N VAL E 207 -32.24 3.53 -39.72
CA VAL E 207 -32.28 4.65 -38.76
C VAL E 207 -30.87 5.16 -38.52
N VAL E 208 -30.70 6.48 -38.54
CA VAL E 208 -29.42 7.08 -38.19
C VAL E 208 -29.17 6.88 -36.70
N ALA E 209 -28.58 5.74 -36.36
CA ALA E 209 -28.32 5.39 -34.97
C ALA E 209 -27.14 4.44 -34.86
N SER E 210 -26.32 4.64 -33.82
CA SER E 210 -25.13 3.82 -33.62
C SER E 210 -25.50 2.52 -32.92
N GLN E 211 -24.55 1.58 -32.89
CA GLN E 211 -24.74 0.32 -32.18
C GLN E 211 -24.94 0.58 -30.69
N ARG E 212 -24.16 1.51 -30.15
CA ARG E 212 -24.24 1.86 -28.74
C ARG E 212 -25.62 2.42 -28.39
N GLU E 213 -26.18 3.23 -29.29
CA GLU E 213 -27.51 3.78 -29.09
C GLU E 213 -28.57 2.69 -29.06
N TYR E 214 -28.44 1.70 -29.95
CA TYR E 214 -29.38 0.59 -29.99
C TYR E 214 -29.26 -0.31 -28.78
N ILE E 215 -28.03 -0.68 -28.44
CA ILE E 215 -27.77 -1.55 -27.30
C ILE E 215 -28.27 -0.94 -25.98
N ASN E 216 -28.01 0.35 -25.80
CA ASN E 216 -28.48 1.06 -24.63
C ASN E 216 -30.00 1.10 -24.55
N SER E 217 -30.65 1.26 -25.70
CA SER E 217 -32.10 1.32 -25.76
C SER E 217 -32.73 -0.02 -25.36
N VAL E 218 -32.09 -1.11 -25.75
CA VAL E 218 -32.57 -2.44 -25.40
C VAL E 218 -32.37 -2.70 -23.91
N LYS E 219 -31.22 -2.27 -23.38
CA LYS E 219 -30.92 -2.40 -21.96
C LYS E 219 -31.94 -1.65 -21.11
N GLN E 220 -32.30 -0.45 -21.56
CA GLN E 220 -33.22 0.41 -20.82
C GLN E 220 -34.68 -0.01 -21.00
N GLY E 221 -34.90 -1.04 -21.81
CA GLY E 221 -36.24 -1.58 -22.02
C GLY E 221 -37.06 -0.80 -23.02
N LYS E 222 -36.44 0.18 -23.67
CA LYS E 222 -37.13 0.99 -24.67
C LYS E 222 -36.38 0.98 -26.01
N PRO E 223 -36.44 -0.15 -26.73
CA PRO E 223 -35.71 -0.32 -27.99
C PRO E 223 -36.12 0.72 -29.03
N ILE E 224 -35.14 1.38 -29.64
CA ILE E 224 -35.41 2.38 -30.66
C ILE E 224 -35.90 1.74 -31.95
N SER E 225 -35.80 0.42 -32.02
CA SER E 225 -36.29 -0.34 -33.17
C SER E 225 -36.46 -1.81 -32.80
N ASN E 226 -37.32 -2.50 -33.55
CA ASN E 226 -37.52 -3.93 -33.35
C ASN E 226 -36.73 -4.75 -34.36
N TYR E 227 -35.96 -4.06 -35.21
CA TYR E 227 -35.18 -4.71 -36.24
C TYR E 227 -33.73 -4.25 -36.19
N TYR E 228 -32.82 -5.18 -35.96
CA TYR E 228 -31.39 -4.86 -35.93
C TYR E 228 -30.63 -5.75 -36.91
N VAL E 229 -29.74 -5.15 -37.69
CA VAL E 229 -28.88 -5.90 -38.60
C VAL E 229 -27.42 -5.63 -38.31
N GLY E 230 -26.66 -6.70 -38.06
CA GLY E 230 -25.24 -6.58 -37.79
C GLY E 230 -24.60 -7.91 -37.45
N TYR E 231 -23.32 -7.86 -37.10
CA TYR E 231 -22.60 -9.07 -36.72
C TYR E 231 -23.18 -9.64 -35.43
N SER E 232 -23.03 -10.94 -35.24
CA SER E 232 -23.53 -11.58 -34.03
C SER E 232 -22.78 -11.10 -32.79
N GLU E 233 -21.52 -10.73 -32.98
CA GLU E 233 -20.69 -10.27 -31.87
C GLU E 233 -21.17 -8.93 -31.33
N SER E 234 -21.86 -8.17 -32.17
CA SER E 234 -22.35 -6.85 -31.79
C SER E 234 -23.61 -6.92 -30.95
N MET E 235 -24.04 -8.14 -30.62
CA MET E 235 -25.27 -8.35 -29.87
C MET E 235 -24.99 -8.94 -28.49
N CYS E 236 -23.70 -9.12 -28.17
CA CYS E 236 -23.31 -9.84 -26.96
C CYS E 236 -23.61 -9.10 -25.67
N GLU E 237 -23.74 -7.77 -25.74
CA GLU E 237 -24.05 -6.98 -24.56
C GLU E 237 -25.50 -7.16 -24.12
N ILE E 238 -26.33 -7.70 -25.01
CA ILE E 238 -27.73 -7.94 -24.72
C ILE E 238 -28.12 -9.41 -24.94
N LYS E 239 -27.13 -10.30 -24.85
CA LYS E 239 -27.36 -11.72 -25.10
C LYS E 239 -28.35 -12.34 -24.10
N ASP E 240 -28.43 -11.74 -22.91
CA ASP E 240 -29.35 -12.21 -21.89
C ASP E 240 -30.77 -11.72 -22.17
N ILE E 241 -30.88 -10.48 -22.63
CA ILE E 241 -32.17 -9.92 -23.00
C ILE E 241 -32.72 -10.62 -24.24
N ILE E 242 -31.81 -10.98 -25.15
CA ILE E 242 -32.18 -11.75 -26.32
C ILE E 242 -32.78 -13.10 -25.91
N ARG E 243 -32.19 -13.71 -24.89
CA ARG E 243 -32.65 -14.99 -24.38
C ARG E 243 -33.92 -14.86 -23.55
N ASP E 244 -33.86 -14.00 -22.53
CA ASP E 244 -34.95 -13.87 -21.57
C ASP E 244 -36.22 -13.28 -22.16
N GLN E 245 -36.08 -12.45 -23.19
CA GLN E 245 -37.24 -11.87 -23.85
C GLN E 245 -37.54 -12.57 -25.17
N GLN E 246 -36.74 -13.58 -25.50
CA GLN E 246 -36.94 -14.40 -26.69
C GLN E 246 -36.85 -13.62 -28.01
N TYR E 247 -35.75 -12.91 -28.20
CA TYR E 247 -35.47 -12.28 -29.48
C TYR E 247 -35.18 -13.35 -30.52
N ASN E 248 -35.35 -13.00 -31.80
CA ASN E 248 -35.05 -13.95 -32.87
C ASN E 248 -33.93 -13.44 -33.78
N VAL E 249 -33.10 -14.38 -34.25
CA VAL E 249 -31.99 -14.05 -35.13
C VAL E 249 -32.00 -14.99 -36.33
N GLN E 250 -31.78 -14.45 -37.52
CA GLN E 250 -31.83 -15.26 -38.73
C GLN E 250 -30.82 -14.85 -39.80
N LEU E 251 -30.37 -15.83 -40.56
CA LEU E 251 -29.55 -15.59 -41.74
C LEU E 251 -30.43 -14.92 -42.79
N ILE E 252 -30.08 -13.69 -43.16
CA ILE E 252 -30.86 -12.97 -44.16
C ILE E 252 -29.98 -12.31 -45.21
N GLY E 253 -30.32 -12.52 -46.47
CA GLY E 253 -29.57 -11.96 -47.57
C GLY E 253 -30.02 -10.55 -47.90
N THR E 254 -29.09 -9.75 -48.43
CA THR E 254 -29.41 -8.42 -48.92
C THR E 254 -30.48 -8.56 -49.99
N SER E 255 -30.27 -9.54 -50.87
CA SER E 255 -31.28 -9.92 -51.85
C SER E 255 -31.09 -11.39 -52.20
N ASP E 256 -32.16 -12.16 -52.05
CA ASP E 256 -32.14 -13.60 -52.36
C ASP E 256 -31.13 -14.37 -51.50
N LYS E 257 -29.90 -14.47 -51.99
CA LYS E 257 -28.87 -15.27 -51.34
C LYS E 257 -28.31 -14.60 -50.09
N PRO E 258 -28.14 -15.37 -49.00
CA PRO E 258 -27.53 -14.87 -47.77
C PRO E 258 -26.01 -15.04 -47.79
N TYR E 259 -25.29 -13.94 -47.56
CA TYR E 259 -23.84 -13.98 -47.59
C TYR E 259 -23.24 -14.19 -46.20
N VAL E 260 -22.05 -14.76 -46.16
CA VAL E 260 -21.41 -15.10 -44.90
C VAL E 260 -19.92 -14.74 -44.90
N TYR E 261 -19.41 -14.38 -43.73
CA TYR E 261 -17.98 -14.12 -43.55
C TYR E 261 -17.34 -15.30 -42.84
N THR E 262 -16.17 -15.72 -43.31
CA THR E 262 -15.41 -16.75 -42.60
C THR E 262 -13.97 -16.31 -42.36
N ASP E 263 -13.43 -16.70 -41.21
CA ASP E 263 -12.02 -16.43 -40.91
C ASP E 263 -11.24 -17.73 -40.93
N VAL E 264 -10.17 -17.74 -41.71
CA VAL E 264 -9.40 -18.96 -41.95
C VAL E 264 -8.01 -18.89 -41.32
N LEU E 265 -7.70 -19.87 -40.47
CA LEU E 265 -6.35 -20.04 -39.94
C LEU E 265 -5.46 -20.70 -40.98
N ALA E 266 -4.52 -19.94 -41.53
CA ALA E 266 -3.65 -20.46 -42.59
C ALA E 266 -2.21 -20.65 -42.13
N LEU E 267 -1.45 -21.40 -42.92
CA LEU E 267 -0.04 -21.64 -42.63
C LEU E 267 0.83 -21.00 -43.70
N ASN E 268 1.95 -20.42 -43.27
CA ASN E 268 2.89 -19.81 -44.21
C ASN E 268 3.53 -20.90 -45.08
N SER E 269 3.79 -20.55 -46.34
CA SER E 269 4.33 -21.52 -47.28
C SER E 269 5.78 -21.90 -46.99
N ASN E 270 6.44 -21.11 -46.13
CA ASN E 270 7.84 -21.36 -45.80
C ASN E 270 8.02 -22.16 -44.51
N LEU E 271 6.95 -22.78 -44.03
CA LEU E 271 7.02 -23.59 -42.82
C LEU E 271 7.67 -24.95 -43.07
N CYS E 272 8.61 -25.31 -42.20
CA CYS E 272 9.27 -26.60 -42.28
C CYS E 272 8.37 -27.71 -41.74
N ASP E 273 8.89 -28.93 -41.67
CA ASP E 273 8.10 -30.08 -41.23
C ASP E 273 7.84 -30.07 -39.73
N GLU E 274 8.81 -29.62 -38.94
CA GLU E 274 8.66 -29.62 -37.49
C GLU E 274 7.74 -28.51 -37.01
N LYS E 275 7.87 -27.33 -37.62
CA LYS E 275 7.01 -26.20 -37.28
C LYS E 275 5.57 -26.44 -37.71
N GLN E 276 5.39 -27.20 -38.78
CA GLN E 276 4.06 -27.49 -39.30
C GLN E 276 3.22 -28.30 -38.32
N LYS E 277 3.84 -29.31 -37.72
CA LYS E 277 3.17 -30.13 -36.71
C LYS E 277 2.77 -29.30 -35.50
N VAL E 278 3.66 -28.41 -35.08
CA VAL E 278 3.40 -27.53 -33.95
C VAL E 278 2.28 -26.55 -34.29
N ALA E 279 2.34 -26.01 -35.51
CA ALA E 279 1.32 -25.08 -35.98
C ALA E 279 -0.06 -25.71 -35.96
N VAL E 280 -0.19 -26.88 -36.56
CA VAL E 280 -1.45 -27.61 -36.58
C VAL E 280 -1.91 -27.95 -35.17
N GLU E 281 -0.96 -28.22 -34.28
CA GLU E 281 -1.26 -28.52 -32.88
C GLU E 281 -1.82 -27.28 -32.17
N VAL E 282 -1.19 -26.14 -32.41
CA VAL E 282 -1.64 -24.87 -31.85
C VAL E 282 -3.03 -24.53 -32.39
N ILE E 283 -3.20 -24.70 -33.69
CA ILE E 283 -4.48 -24.46 -34.35
C ILE E 283 -5.57 -25.35 -33.79
N LYS E 284 -5.23 -26.61 -33.55
CA LYS E 284 -6.19 -27.59 -33.03
C LYS E 284 -6.75 -27.15 -31.69
N ASN E 285 -5.89 -26.55 -30.86
CA ASN E 285 -6.33 -26.02 -29.58
C ASN E 285 -7.33 -24.87 -29.77
N LEU E 286 -6.95 -23.90 -30.61
CA LEU E 286 -7.79 -22.74 -30.89
C LEU E 286 -9.20 -23.11 -31.35
N LEU E 287 -9.32 -24.21 -32.09
CA LEU E 287 -10.60 -24.60 -32.68
C LEU E 287 -11.39 -25.61 -31.85
N THR E 288 -10.71 -26.31 -30.94
CA THR E 288 -11.37 -27.39 -30.20
C THR E 288 -11.40 -27.21 -28.68
N ASN E 289 -10.56 -26.32 -28.15
CA ASN E 289 -10.54 -26.07 -26.71
C ASN E 289 -11.88 -25.54 -26.23
N THR E 290 -12.51 -26.27 -25.32
CA THR E 290 -13.83 -25.92 -24.83
C THR E 290 -13.85 -24.56 -24.13
N LEU E 291 -12.77 -24.24 -23.43
CA LEU E 291 -12.67 -22.97 -22.72
C LEU E 291 -12.63 -21.79 -23.71
N VAL E 292 -11.88 -21.97 -24.79
CA VAL E 292 -11.84 -20.97 -25.85
C VAL E 292 -13.22 -20.81 -26.48
N LEU E 293 -13.87 -21.94 -26.73
CA LEU E 293 -15.21 -21.93 -27.30
C LEU E 293 -16.23 -21.30 -26.35
N ASP E 294 -16.08 -21.57 -25.06
CA ASP E 294 -16.95 -20.99 -24.05
C ASP E 294 -16.80 -19.48 -23.98
N LEU E 295 -15.59 -18.99 -24.24
CA LEU E 295 -15.33 -17.56 -24.24
C LEU E 295 -15.90 -16.91 -25.49
N LEU E 296 -15.80 -17.60 -26.61
CA LEU E 296 -16.39 -17.13 -27.86
C LEU E 296 -17.90 -17.00 -27.72
N GLY E 297 -18.49 -17.88 -26.93
CA GLY E 297 -19.92 -17.86 -26.69
C GLY E 297 -20.37 -16.67 -25.88
N LEU E 298 -19.50 -16.19 -24.99
CA LEU E 298 -19.80 -15.03 -24.17
C LEU E 298 -19.87 -13.76 -25.03
N GLY E 299 -19.14 -13.77 -26.14
CA GLY E 299 -19.13 -12.65 -27.05
C GLY E 299 -19.98 -12.89 -28.28
N LEU E 300 -20.79 -13.94 -28.24
CA LEU E 300 -21.65 -14.32 -29.36
C LEU E 300 -20.90 -14.46 -30.68
N THR E 301 -19.65 -14.91 -30.60
CA THR E 301 -18.84 -15.14 -31.78
C THR E 301 -19.09 -16.56 -32.29
N LEU E 302 -19.15 -16.71 -33.61
CA LEU E 302 -19.49 -18.00 -34.21
C LEU E 302 -18.27 -18.80 -34.64
N PRO E 303 -18.09 -20.00 -34.06
CA PRO E 303 -17.10 -20.94 -34.56
C PRO E 303 -17.48 -21.39 -35.96
N ALA E 304 -16.49 -21.66 -36.82
CA ALA E 304 -16.78 -22.02 -38.21
C ALA E 304 -17.14 -23.50 -38.37
N ASN E 305 -16.73 -24.33 -37.41
CA ASN E 305 -16.97 -25.77 -37.49
C ASN E 305 -18.28 -26.19 -36.84
N LYS E 306 -18.82 -27.32 -37.30
CA LYS E 306 -20.08 -27.83 -36.78
C LYS E 306 -19.97 -28.24 -35.30
N ASN E 307 -18.80 -28.77 -34.92
CA ASN E 307 -18.56 -29.16 -33.54
C ASN E 307 -18.63 -27.96 -32.59
N GLY E 308 -18.00 -26.86 -32.99
CA GLY E 308 -17.98 -25.65 -32.20
C GLY E 308 -19.37 -25.03 -32.07
N ILE E 309 -20.09 -24.99 -33.18
CA ILE E 309 -21.45 -24.48 -33.19
C ILE E 309 -22.35 -25.34 -32.30
N ALA E 310 -22.22 -26.65 -32.45
CA ALA E 310 -22.99 -27.59 -31.64
C ALA E 310 -22.70 -27.43 -30.16
N HIS E 311 -21.44 -27.17 -29.84
CA HIS E 311 -21.01 -27.02 -28.44
C HIS E 311 -21.72 -25.85 -27.77
N LEU E 312 -21.83 -24.73 -28.48
CA LEU E 312 -22.44 -23.53 -27.93
C LEU E 312 -23.96 -23.56 -28.08
N ALA E 313 -24.44 -24.43 -28.97
CA ALA E 313 -25.88 -24.58 -29.17
C ALA E 313 -26.53 -25.36 -28.04
N LYS E 314 -25.71 -26.12 -27.32
CA LYS E 314 -26.21 -26.97 -26.24
C LYS E 314 -26.76 -26.17 -25.08
N SER E 315 -26.31 -24.92 -24.94
CA SER E 315 -26.71 -24.10 -23.80
C SER E 315 -27.26 -22.74 -24.22
N SER E 316 -27.19 -22.44 -25.51
CA SER E 316 -27.68 -21.16 -26.01
C SER E 316 -28.69 -21.32 -27.14
N ASN E 317 -29.90 -20.82 -26.92
CA ASN E 317 -30.95 -20.88 -27.92
C ASN E 317 -30.62 -19.96 -29.10
N PHE E 318 -29.77 -18.97 -28.84
CA PHE E 318 -29.29 -18.06 -29.88
C PHE E 318 -28.47 -18.85 -30.91
N TYR E 319 -27.50 -19.62 -30.42
CA TYR E 319 -26.67 -20.45 -31.28
C TYR E 319 -27.50 -21.54 -31.96
N ALA E 320 -28.52 -22.02 -31.25
CA ALA E 320 -29.42 -23.05 -31.76
C ALA E 320 -30.13 -22.55 -33.02
N GLN E 321 -30.64 -21.32 -32.96
CA GLN E 321 -31.31 -20.72 -34.10
C GLN E 321 -30.38 -20.62 -35.30
N LEU E 322 -29.15 -20.14 -35.07
CA LEU E 322 -28.18 -19.97 -36.13
C LEU E 322 -27.76 -21.31 -36.72
N SER E 323 -27.70 -22.34 -35.88
CA SER E 323 -27.34 -23.68 -36.33
C SER E 323 -28.36 -24.22 -37.33
N GLN E 324 -29.64 -24.07 -37.00
CA GLN E 324 -30.71 -24.50 -37.89
C GLN E 324 -30.72 -23.68 -39.18
N GLN E 325 -30.37 -22.40 -39.07
CA GLN E 325 -30.32 -21.51 -40.21
C GLN E 325 -29.22 -21.96 -41.18
N PHE E 326 -28.04 -22.26 -40.64
CA PHE E 326 -26.91 -22.69 -41.44
C PHE E 326 -27.19 -24.01 -42.16
N ASP E 327 -27.91 -24.90 -41.49
CA ASP E 327 -28.27 -26.19 -42.06
C ASP E 327 -29.29 -26.05 -43.19
N ALA E 328 -30.38 -25.35 -42.89
CA ALA E 328 -31.50 -25.23 -43.83
C ALA E 328 -31.14 -24.45 -45.10
N LYS E 329 -30.23 -23.50 -44.98
CA LYS E 329 -29.87 -22.64 -46.10
C LYS E 329 -28.44 -22.90 -46.57
N GLU E 330 -27.93 -24.08 -46.29
CA GLU E 330 -26.55 -24.44 -46.61
C GLU E 330 -26.23 -24.30 -48.10
N SER E 331 -27.21 -24.60 -48.95
CA SER E 331 -27.02 -24.52 -50.39
C SER E 331 -27.15 -23.10 -50.92
N GLU E 332 -27.71 -22.21 -50.10
CA GLU E 332 -27.99 -20.84 -50.53
C GLU E 332 -26.89 -19.87 -50.13
N VAL E 333 -26.13 -20.21 -49.09
CA VAL E 333 -25.11 -19.32 -48.55
C VAL E 333 -24.01 -18.99 -49.57
N ARG E 334 -23.68 -17.71 -49.68
CA ARG E 334 -22.61 -17.26 -50.57
C ARG E 334 -21.48 -16.61 -49.77
N VAL E 335 -20.28 -16.65 -50.32
CA VAL E 335 -19.11 -16.04 -49.69
C VAL E 335 -18.34 -15.20 -50.69
N LEU E 336 -18.35 -13.88 -50.50
CA LEU E 336 -17.65 -12.97 -51.40
C LEU E 336 -16.15 -13.00 -51.14
N ARG E 337 -15.38 -13.25 -52.20
CA ARG E 337 -13.92 -13.28 -52.10
C ARG E 337 -13.28 -12.50 -53.24
N CYS E 338 -12.03 -12.07 -53.03
CA CYS E 338 -11.33 -11.26 -54.02
C CYS E 338 -10.16 -12.00 -54.65
N VAL E 339 -10.10 -11.98 -55.98
CA VAL E 339 -9.12 -12.76 -56.72
C VAL E 339 -7.76 -12.08 -56.85
N ASP E 340 -7.75 -10.81 -57.25
CA ASP E 340 -6.49 -10.13 -57.54
C ASP E 340 -6.38 -8.75 -56.89
N PHE E 341 -7.09 -8.54 -55.80
CA PHE E 341 -7.01 -7.27 -55.08
C PHE E 341 -7.32 -7.43 -53.60
N ALA E 342 -7.03 -6.39 -52.83
CA ALA E 342 -7.25 -6.41 -51.38
C ALA E 342 -7.90 -5.13 -50.86
N ASN E 343 -7.42 -4.66 -49.71
CA ASN E 343 -8.04 -3.55 -49.00
C ASN E 343 -8.08 -2.21 -49.73
N LYS E 344 -6.99 -1.87 -50.42
CA LYS E 344 -6.89 -0.59 -51.12
C LYS E 344 -8.00 -0.44 -52.16
N GLU E 345 -8.21 -1.50 -52.95
CA GLU E 345 -9.24 -1.48 -53.98
C GLU E 345 -10.64 -1.49 -53.40
N VAL E 346 -10.80 -2.17 -52.27
CA VAL E 346 -12.08 -2.23 -51.58
C VAL E 346 -12.51 -0.85 -51.09
N LYS E 347 -11.58 -0.13 -50.47
CA LYS E 347 -11.85 1.22 -50.00
C LYS E 347 -12.09 2.18 -51.16
N ASN E 348 -11.29 2.04 -52.21
CA ASN E 348 -11.43 2.87 -53.40
C ASN E 348 -12.76 2.64 -54.10
N CYS E 349 -13.22 1.39 -54.07
CA CYS E 349 -14.50 1.04 -54.67
C CYS E 349 -15.64 1.63 -53.86
N ALA E 350 -15.48 1.66 -52.54
CA ALA E 350 -16.49 2.23 -51.65
C ALA E 350 -16.57 3.74 -51.83
N GLY E 351 -15.42 4.35 -52.12
CA GLY E 351 -15.36 5.79 -52.32
C GLY E 351 -16.04 6.20 -53.61
N VAL E 352 -16.12 5.29 -54.56
CA VAL E 352 -16.77 5.55 -55.84
C VAL E 352 -18.29 5.43 -55.69
N LEU E 353 -18.71 4.46 -54.89
CA LEU E 353 -20.13 4.16 -54.70
C LEU E 353 -20.86 5.17 -53.81
N ARG E 354 -20.16 5.66 -52.78
CA ARG E 354 -20.76 6.54 -51.79
C ARG E 354 -21.49 7.80 -52.31
N PRO E 355 -20.94 8.48 -53.34
CA PRO E 355 -21.69 9.63 -53.87
C PRO E 355 -23.06 9.27 -54.44
N PHE E 356 -23.25 8.01 -54.81
CA PHE E 356 -24.51 7.56 -55.39
C PHE E 356 -25.46 7.01 -54.33
N LEU E 357 -24.99 6.97 -53.08
CA LEU E 357 -25.80 6.44 -52.00
C LEU E 357 -26.34 7.56 -51.11
N PRO F 6 21.54 -13.14 -35.50
CA PRO F 6 22.61 -12.28 -34.97
C PRO F 6 22.05 -10.97 -34.42
N LYS F 7 22.54 -9.85 -34.94
CA LYS F 7 22.08 -8.53 -34.52
C LYS F 7 21.36 -7.81 -35.66
N THR F 8 20.05 -7.72 -35.56
CA THR F 8 19.24 -7.09 -36.60
C THR F 8 18.49 -5.88 -36.08
N LEU F 9 18.11 -4.98 -36.99
CA LEU F 9 17.34 -3.79 -36.63
C LEU F 9 16.09 -3.68 -37.50
N THR F 10 14.93 -3.87 -36.88
CA THR F 10 13.66 -3.79 -37.60
C THR F 10 13.24 -2.34 -37.82
N VAL F 11 13.13 -1.94 -39.08
CA VAL F 11 12.74 -0.58 -39.42
C VAL F 11 11.39 -0.56 -40.14
N GLY F 12 10.40 0.10 -39.53
CA GLY F 12 9.07 0.19 -40.09
C GLY F 12 8.87 1.47 -40.89
N LEU F 13 8.73 1.32 -42.21
CA LEU F 13 8.60 2.48 -43.08
C LEU F 13 7.16 2.89 -43.32
N PHE F 14 6.94 4.19 -43.47
CA PHE F 14 5.64 4.72 -43.87
C PHE F 14 5.40 4.32 -45.33
N PRO F 15 4.38 3.48 -45.57
CA PRO F 15 4.17 2.85 -46.88
C PRO F 15 3.29 3.64 -47.84
N TYR F 16 2.56 4.62 -47.34
CA TYR F 16 1.61 5.36 -48.18
C TYR F 16 2.30 6.43 -49.03
N LEU F 17 2.99 5.98 -50.06
CA LEU F 17 3.75 6.84 -50.96
C LEU F 17 3.09 6.87 -52.34
N PRO F 18 3.52 7.80 -53.22
CA PRO F 18 3.00 7.88 -54.59
C PRO F 18 3.01 6.55 -55.33
N SER F 19 2.15 6.43 -56.34
CA SER F 19 2.09 5.23 -57.16
C SER F 19 1.77 5.58 -58.61
N TRP F 20 2.80 5.63 -59.44
CA TRP F 20 2.61 5.87 -60.88
C TRP F 20 1.82 4.74 -61.49
N ASN F 21 1.03 5.05 -62.52
CA ASN F 21 0.22 4.04 -63.17
C ASN F 21 -0.18 4.45 -64.59
N GLU F 22 0.41 3.79 -65.58
CA GLU F 22 0.04 4.02 -66.97
C GLU F 22 -0.69 2.81 -67.54
N ASN F 23 -1.92 2.61 -67.06
CA ASN F 23 -2.80 1.54 -67.52
C ASN F 23 -2.29 0.11 -67.25
N GLY F 24 -2.86 -0.51 -66.21
CA GLY F 24 -2.56 -1.90 -65.91
C GLY F 24 -1.45 -2.11 -64.89
N ASN F 25 -0.27 -1.58 -65.19
CA ASN F 25 0.91 -1.80 -64.35
C ASN F 25 1.10 -0.70 -63.32
N GLU F 26 1.30 -1.10 -62.07
CA GLU F 26 1.44 -0.15 -60.97
C GLU F 26 2.87 -0.09 -60.44
N VAL F 27 3.38 1.13 -60.29
CA VAL F 27 4.73 1.34 -59.77
C VAL F 27 4.68 2.10 -58.46
N LYS F 28 4.91 1.38 -57.35
CA LYS F 28 4.88 1.98 -56.02
C LYS F 28 6.22 2.61 -55.67
N LEU F 29 6.19 3.88 -55.30
CA LEU F 29 7.42 4.62 -54.97
C LEU F 29 8.14 4.02 -53.77
N ILE F 30 7.36 3.46 -52.84
CA ILE F 30 7.92 2.86 -51.63
C ILE F 30 8.85 1.70 -51.96
N ASN F 31 8.58 1.00 -53.05
CA ASN F 31 9.42 -0.10 -53.49
C ASN F 31 10.77 0.39 -54.04
N LEU F 32 10.76 1.53 -54.72
CA LEU F 32 11.98 2.11 -55.25
C LEU F 32 12.88 2.58 -54.10
N ILE F 33 12.26 3.17 -53.08
CA ILE F 33 13.00 3.66 -51.92
C ILE F 33 13.70 2.52 -51.19
N LYS F 34 13.01 1.40 -51.03
CA LYS F 34 13.55 0.25 -50.33
C LYS F 34 14.75 -0.36 -51.05
N ASP F 35 14.75 -0.26 -52.38
CA ASP F 35 15.85 -0.78 -53.19
C ASP F 35 17.09 0.11 -53.11
N VAL F 36 16.97 1.22 -52.39
CA VAL F 36 18.07 2.17 -52.22
C VAL F 36 18.64 2.09 -50.81
N LEU F 37 17.76 1.88 -49.83
CA LEU F 37 18.14 1.86 -48.43
C LEU F 37 19.15 0.74 -48.11
N PRO F 38 20.14 1.06 -47.26
CA PRO F 38 21.20 0.12 -46.88
C PRO F 38 20.71 -1.00 -45.94
N THR F 39 20.94 -2.24 -46.34
CA THR F 39 20.52 -3.39 -45.54
C THR F 39 21.59 -3.80 -44.54
N GLN F 40 22.80 -3.28 -44.71
CA GLN F 40 23.92 -3.61 -43.83
C GLN F 40 24.56 -2.34 -43.28
N VAL F 41 24.30 -2.06 -42.01
CA VAL F 41 24.84 -0.85 -41.37
C VAL F 41 25.44 -1.14 -39.99
N SER F 42 26.73 -0.83 -39.85
CA SER F 42 27.45 -0.97 -38.58
C SER F 42 27.36 -2.38 -37.97
N GLY F 43 27.42 -3.39 -38.81
CA GLY F 43 27.38 -4.77 -38.35
C GLY F 43 25.98 -5.28 -38.11
N TYR F 44 25.01 -4.37 -38.09
CA TYR F 44 23.62 -4.73 -37.91
C TYR F 44 22.92 -4.97 -39.25
N ASN F 45 22.17 -6.06 -39.33
CA ASN F 45 21.39 -6.37 -40.53
C ASN F 45 20.02 -5.70 -40.47
N ILE F 46 19.82 -4.69 -41.31
CA ILE F 46 18.60 -3.88 -41.25
C ILE F 46 17.44 -4.54 -42.00
N GLU F 47 16.31 -4.68 -41.33
CA GLU F 47 15.09 -5.20 -41.96
C GLU F 47 14.08 -4.08 -42.23
N TYR F 48 13.92 -3.73 -43.49
CA TYR F 48 12.94 -2.72 -43.87
C TYR F 48 11.59 -3.34 -44.19
N THR F 49 10.59 -3.02 -43.38
CA THR F 49 9.23 -3.50 -43.61
C THR F 49 8.24 -2.34 -43.58
N GLU F 50 7.12 -2.50 -44.28
CA GLU F 50 6.09 -1.47 -44.31
C GLU F 50 5.31 -1.43 -42.99
N PHE F 51 5.25 -0.26 -42.38
CA PHE F 51 4.57 -0.10 -41.10
C PHE F 51 3.27 0.67 -41.27
N ASP F 52 2.14 -0.01 -41.05
CA ASP F 52 0.83 0.61 -41.19
C ASP F 52 0.41 1.30 -39.90
N CYS F 53 0.72 2.60 -39.80
CA CYS F 53 0.34 3.38 -38.63
C CYS F 53 -1.17 3.55 -38.54
N TYR F 54 -1.85 3.31 -39.66
CA TYR F 54 -3.30 3.42 -39.71
C TYR F 54 -3.97 2.09 -39.40
N SER F 55 -3.22 1.22 -38.73
CA SER F 55 -3.74 -0.05 -38.25
C SER F 55 -3.50 -0.13 -36.75
N ASP F 56 -4.57 -0.26 -35.97
CA ASP F 56 -4.47 -0.31 -34.52
C ASP F 56 -3.69 -1.54 -34.05
N ALA F 57 -3.76 -2.62 -34.82
CA ALA F 57 -3.03 -3.84 -34.50
C ALA F 57 -1.53 -3.62 -34.63
N SER F 58 -1.14 -2.86 -35.65
CA SER F 58 0.28 -2.57 -35.89
C SER F 58 0.81 -1.59 -34.85
N LEU F 59 -0.05 -0.72 -34.34
CA LEU F 59 0.35 0.27 -33.35
C LEU F 59 0.58 -0.37 -31.98
N GLN F 60 0.11 -1.60 -31.81
CA GLN F 60 0.25 -2.31 -30.53
C GLN F 60 1.56 -3.10 -30.46
N SER F 61 2.13 -3.40 -31.62
CA SER F 61 3.41 -4.10 -31.68
C SER F 61 4.41 -3.31 -32.52
N LEU F 62 5.15 -2.43 -31.87
CA LEU F 62 6.07 -1.52 -32.56
C LEU F 62 7.43 -2.17 -32.82
N PRO F 63 7.99 -1.93 -34.02
CA PRO F 63 9.34 -2.38 -34.36
C PRO F 63 10.40 -1.56 -33.63
N ASP F 64 11.67 -1.80 -33.91
CA ASP F 64 12.74 -1.04 -33.31
C ASP F 64 12.69 0.41 -33.79
N VAL F 65 12.48 0.58 -35.08
CA VAL F 65 12.32 1.91 -35.68
C VAL F 65 11.06 1.94 -36.54
N PHE F 66 10.21 2.93 -36.32
CA PHE F 66 8.97 3.05 -37.08
C PHE F 66 8.63 4.48 -37.46
N SER F 67 8.03 4.64 -38.63
CA SER F 67 7.58 5.95 -39.09
C SER F 67 6.07 6.05 -39.02
N THR F 68 5.59 6.83 -38.05
CA THR F 68 4.16 6.99 -37.86
C THR F 68 3.68 8.40 -38.17
N ASP F 69 2.43 8.52 -38.57
CA ASP F 69 1.79 9.81 -38.73
C ASP F 69 1.67 10.41 -37.33
N SER F 70 2.05 11.68 -37.21
CA SER F 70 2.06 12.36 -35.92
C SER F 70 0.65 12.49 -35.32
N ILE F 71 -0.36 12.25 -36.14
CA ILE F 71 -1.76 12.31 -35.71
C ILE F 71 -2.04 11.37 -34.54
N PHE F 72 -1.25 10.30 -34.43
CA PHE F 72 -1.43 9.33 -33.37
C PHE F 72 -0.24 9.34 -32.41
N LEU F 73 0.66 10.30 -32.57
CA LEU F 73 1.87 10.37 -31.76
C LEU F 73 1.63 10.62 -30.26
N PRO F 74 0.78 11.60 -29.89
CA PRO F 74 0.54 11.78 -28.46
C PRO F 74 -0.10 10.55 -27.81
N TYR F 75 -0.95 9.85 -28.55
CA TYR F 75 -1.56 8.62 -28.07
C TYR F 75 -0.54 7.49 -28.01
N LEU F 76 0.32 7.42 -29.03
CA LEU F 76 1.33 6.38 -29.13
C LEU F 76 2.34 6.50 -28.00
N VAL F 77 2.59 7.72 -27.55
CA VAL F 77 3.51 7.98 -26.45
C VAL F 77 2.93 7.54 -25.11
N SER F 78 1.64 7.77 -24.92
CA SER F 78 0.96 7.48 -23.66
C SER F 78 0.96 5.99 -23.30
N LEU F 79 1.25 5.14 -24.28
CA LEU F 79 1.29 3.70 -24.05
C LEU F 79 2.72 3.21 -23.87
N GLY F 80 3.63 4.14 -23.57
CA GLY F 80 5.04 3.83 -23.47
C GLY F 80 5.65 3.81 -24.87
N GLY F 81 5.95 2.61 -25.35
CA GLY F 81 6.36 2.39 -26.74
C GLY F 81 7.44 3.29 -27.30
N VAL F 82 7.14 4.58 -27.42
CA VAL F 82 8.05 5.54 -28.03
C VAL F 82 9.07 6.08 -27.02
N LYS F 83 10.34 6.12 -27.43
CA LYS F 83 11.40 6.65 -26.58
C LYS F 83 11.58 8.16 -26.80
N SER F 84 11.63 8.90 -25.69
CA SER F 84 11.89 10.33 -25.74
C SER F 84 13.34 10.58 -26.18
N LEU F 85 13.55 11.63 -26.96
CA LEU F 85 14.86 11.92 -27.51
C LEU F 85 15.37 13.30 -27.09
N ASP F 86 16.68 13.49 -27.19
CA ASP F 86 17.29 14.78 -26.92
C ASP F 86 16.99 15.76 -28.05
N GLU F 87 16.80 17.02 -27.71
CA GLU F 87 16.57 18.06 -28.70
C GLU F 87 17.78 18.20 -29.61
N SER F 88 18.97 18.05 -29.02
CA SER F 88 20.23 18.18 -29.75
C SER F 88 20.47 17.03 -30.71
N LEU F 89 20.11 15.82 -30.29
CA LEU F 89 20.33 14.62 -31.10
C LEU F 89 19.54 14.67 -32.40
N VAL F 90 18.35 15.27 -32.34
CA VAL F 90 17.48 15.37 -33.51
C VAL F 90 17.95 16.44 -34.49
N ARG F 91 18.24 17.63 -33.97
CA ARG F 91 18.64 18.76 -34.80
C ARG F 91 20.01 18.55 -35.44
N GLY F 92 20.78 17.63 -34.88
CA GLY F 92 22.08 17.29 -35.42
C GLY F 92 21.98 16.30 -36.57
N VAL F 93 20.75 15.90 -36.88
CA VAL F 93 20.47 14.95 -37.96
C VAL F 93 19.57 15.59 -39.02
N THR F 94 18.48 16.17 -38.57
CA THR F 94 17.48 16.75 -39.47
C THR F 94 17.83 18.18 -39.85
N GLY F 95 18.53 18.87 -38.96
CA GLY F 95 18.87 20.27 -39.18
C GLY F 95 17.74 21.18 -38.76
N ASP F 96 17.65 22.34 -39.40
CA ASP F 96 16.59 23.29 -39.08
C ASP F 96 15.22 22.78 -39.49
N LEU F 97 14.27 22.89 -38.57
CA LEU F 97 12.89 22.48 -38.83
C LEU F 97 11.96 23.67 -38.68
N HIS F 98 10.86 23.67 -39.42
CA HIS F 98 9.83 24.69 -39.23
C HIS F 98 9.25 24.54 -37.82
N SER F 99 8.68 25.62 -37.30
CA SER F 99 8.16 25.62 -35.94
C SER F 99 7.04 24.60 -35.74
N PHE F 100 6.19 24.46 -36.75
CA PHE F 100 5.06 23.52 -36.67
C PHE F 100 5.50 22.07 -36.85
N VAL F 101 6.59 21.87 -37.59
CA VAL F 101 7.11 20.53 -37.82
C VAL F 101 7.67 19.93 -36.53
N SER F 102 8.46 20.72 -35.81
CA SER F 102 9.03 20.28 -34.54
C SER F 102 7.96 20.14 -33.47
N SER F 103 6.93 20.96 -33.56
CA SER F 103 5.82 20.91 -32.60
C SER F 103 4.99 19.64 -32.76
N SER F 104 4.93 19.13 -33.99
CA SER F 104 4.15 17.93 -34.29
C SER F 104 4.82 16.68 -33.73
N ALA F 105 6.13 16.76 -33.50
CA ALA F 105 6.88 15.61 -32.99
C ALA F 105 7.20 15.76 -31.50
N SER F 106 6.59 16.76 -30.87
CA SER F 106 6.83 17.02 -29.46
C SER F 106 5.57 16.77 -28.63
N VAL F 107 5.71 15.94 -27.58
CA VAL F 107 4.61 15.63 -26.69
C VAL F 107 4.99 15.88 -25.23
N ASN F 108 4.23 16.74 -24.57
CA ASN F 108 4.47 17.08 -23.16
C ASN F 108 5.87 17.64 -22.90
N GLY F 109 6.33 18.52 -23.79
CA GLY F 109 7.62 19.17 -23.62
C GLY F 109 8.81 18.27 -23.90
N SER F 110 8.56 17.13 -24.54
CA SER F 110 9.62 16.20 -24.88
C SER F 110 9.56 15.82 -26.36
N VAL F 111 10.73 15.67 -26.97
CA VAL F 111 10.81 15.28 -28.38
C VAL F 111 10.76 13.77 -28.51
N TYR F 112 9.97 13.27 -29.46
CA TYR F 112 9.75 11.83 -29.59
C TYR F 112 10.03 11.26 -30.98
N GLY F 113 10.86 11.94 -31.76
CA GLY F 113 11.24 11.39 -33.06
C GLY F 113 11.76 12.38 -34.09
N PHE F 114 12.31 11.84 -35.17
CA PHE F 114 12.84 12.63 -36.27
C PHE F 114 11.80 12.78 -37.37
N PRO F 115 11.34 14.02 -37.62
CA PRO F 115 10.36 14.28 -38.67
C PRO F 115 10.87 13.86 -40.05
N GLN F 116 10.10 13.03 -40.74
CA GLN F 116 10.51 12.50 -42.03
C GLN F 116 9.78 13.19 -43.20
N TYR F 117 8.48 12.94 -43.30
CA TYR F 117 7.69 13.49 -44.40
C TYR F 117 6.78 14.64 -43.96
N LEU F 118 6.47 15.50 -44.92
CA LEU F 118 5.51 16.57 -44.70
C LEU F 118 4.41 16.42 -45.76
N CYS F 119 3.19 16.81 -45.40
CA CYS F 119 2.07 16.69 -46.34
C CYS F 119 0.89 17.56 -45.92
N SER F 120 0.06 17.89 -46.90
CA SER F 120 -1.17 18.65 -46.65
C SER F 120 -2.08 18.56 -47.87
N ASN F 121 -3.35 18.92 -47.68
CA ASN F 121 -4.27 19.02 -48.81
C ASN F 121 -4.10 20.36 -49.51
N PHE F 122 -3.11 20.44 -50.40
CA PHE F 122 -2.79 21.67 -51.09
C PHE F 122 -3.83 22.02 -52.14
N LEU F 123 -3.87 23.29 -52.53
CA LEU F 123 -4.71 23.73 -53.63
C LEU F 123 -3.89 23.82 -54.90
N LEU F 124 -4.13 22.89 -55.82
CA LEU F 124 -3.44 22.89 -57.10
C LEU F 124 -4.32 23.57 -58.14
N SER F 125 -3.97 24.80 -58.48
CA SER F 125 -4.77 25.59 -59.41
C SER F 125 -4.03 25.87 -60.72
N SER F 126 -4.75 25.70 -61.82
CA SER F 126 -4.18 25.93 -63.16
C SER F 126 -3.92 27.41 -63.40
N PRO F 127 -3.20 27.75 -64.48
CA PRO F 127 -3.04 29.16 -64.85
C PRO F 127 -4.37 29.78 -65.24
N ASN F 128 -5.33 28.96 -65.67
CA ASN F 128 -6.65 29.44 -66.03
C ASN F 128 -7.59 29.52 -64.84
N ALA F 129 -7.07 29.32 -63.64
CA ALA F 129 -7.85 29.43 -62.42
C ALA F 129 -8.30 30.87 -62.20
N THR F 130 -9.61 31.08 -62.21
CA THR F 130 -10.17 32.43 -62.09
C THR F 130 -10.14 32.97 -60.66
N GLN F 131 -10.40 32.11 -59.68
CA GLN F 131 -10.54 32.57 -58.30
C GLN F 131 -9.35 32.24 -57.41
N GLN F 132 -9.13 33.09 -56.41
CA GLN F 132 -8.14 32.85 -55.36
C GLN F 132 -8.79 32.93 -54.00
N ALA F 133 -8.21 32.25 -53.01
CA ALA F 133 -8.77 32.24 -51.67
C ALA F 133 -7.72 31.86 -50.62
N SER F 134 -8.04 32.13 -49.35
CA SER F 134 -7.16 31.78 -48.25
C SER F 134 -7.70 30.58 -47.48
N SER F 135 -8.93 30.20 -47.79
CA SER F 135 -9.55 29.02 -47.19
C SER F 135 -10.49 28.33 -48.17
N LEU F 136 -10.70 27.03 -47.98
CA LEU F 136 -11.57 26.26 -48.85
C LEU F 136 -13.03 26.72 -48.72
N LEU F 137 -13.39 27.17 -47.53
CA LEU F 137 -14.72 27.75 -47.32
C LEU F 137 -14.92 28.96 -48.20
N GLU F 138 -13.89 29.80 -48.26
CA GLU F 138 -13.92 30.99 -49.10
C GLU F 138 -13.95 30.60 -50.58
N LEU F 139 -13.15 29.60 -50.94
CA LEU F 139 -13.08 29.14 -52.31
C LEU F 139 -14.41 28.51 -52.76
N ALA F 140 -15.10 27.89 -51.81
CA ALA F 140 -16.38 27.25 -52.11
C ALA F 140 -17.45 28.29 -52.44
N GLN F 141 -17.40 29.43 -51.77
CA GLN F 141 -18.37 30.50 -51.99
C GLN F 141 -18.10 31.24 -53.29
N LYS F 142 -16.82 31.36 -53.65
CA LYS F 142 -16.43 32.14 -54.81
C LYS F 142 -16.69 31.44 -56.15
N VAL F 143 -16.43 30.14 -56.21
CA VAL F 143 -16.49 29.43 -57.48
C VAL F 143 -17.89 28.89 -57.82
N GLY F 144 -18.54 28.25 -56.85
CA GLY F 144 -19.90 27.78 -57.07
C GLY F 144 -20.12 26.28 -56.92
N TYR F 145 -21.13 25.78 -57.59
CA TYR F 145 -21.56 24.39 -57.47
C TYR F 145 -20.79 23.44 -58.39
N GLU F 146 -20.16 22.44 -57.80
CA GLU F 146 -19.40 21.42 -58.54
C GLU F 146 -18.38 22.01 -59.50
N GLN F 147 -17.27 22.49 -58.95
CA GLN F 147 -16.22 23.12 -59.75
C GLN F 147 -14.82 22.74 -59.28
N ILE F 148 -14.74 22.13 -58.10
CA ILE F 148 -13.46 21.75 -57.53
C ILE F 148 -13.32 20.23 -57.49
N VAL F 149 -12.13 19.73 -57.85
CA VAL F 149 -11.84 18.31 -57.72
C VAL F 149 -11.18 18.03 -56.37
N TYR F 150 -11.93 17.39 -55.48
CA TYR F 150 -11.43 17.02 -54.16
C TYR F 150 -11.86 15.58 -53.90
N PRO F 151 -11.08 14.62 -54.42
CA PRO F 151 -11.38 13.18 -54.38
C PRO F 151 -11.76 12.64 -53.00
N ASP F 152 -10.95 12.95 -51.99
CA ASP F 152 -11.19 12.44 -50.64
C ASP F 152 -12.51 12.95 -50.04
N VAL F 153 -12.86 14.19 -50.35
CA VAL F 153 -14.12 14.76 -49.88
C VAL F 153 -15.31 14.16 -50.61
N ALA F 154 -15.16 14.01 -51.93
CA ALA F 154 -16.21 13.43 -52.76
C ALA F 154 -16.44 11.96 -52.42
N SER F 155 -15.37 11.25 -52.13
CA SER F 155 -15.45 9.83 -51.81
C SER F 155 -15.76 9.60 -50.34
N SER F 156 -15.78 10.68 -49.56
CA SER F 156 -16.08 10.62 -48.14
C SER F 156 -15.16 9.68 -47.38
N SER F 157 -13.86 9.82 -47.60
CA SER F 157 -12.87 9.00 -46.90
C SER F 157 -12.93 9.28 -45.40
N SER F 158 -12.64 8.27 -44.59
CA SER F 158 -12.77 8.36 -43.14
C SER F 158 -11.93 9.47 -42.52
N PHE F 159 -10.63 9.48 -42.83
CA PHE F 159 -9.73 10.46 -42.25
C PHE F 159 -10.03 11.89 -42.71
N THR F 160 -10.62 12.02 -43.88
CA THR F 160 -10.96 13.34 -44.41
C THR F 160 -12.24 13.85 -43.77
N VAL F 161 -13.23 12.97 -43.62
CA VAL F 161 -14.47 13.31 -42.93
C VAL F 161 -14.18 13.68 -41.49
N PHE F 162 -13.41 12.82 -40.82
CA PHE F 162 -12.98 13.09 -39.45
C PHE F 162 -12.09 14.33 -39.39
N GLY F 163 -11.16 14.43 -40.34
CA GLY F 163 -10.20 15.52 -40.36
C GLY F 163 -10.80 16.89 -40.56
N LEU F 164 -11.52 17.07 -41.66
CA LEU F 164 -12.08 18.37 -42.00
C LEU F 164 -13.10 18.86 -40.98
N TYR F 165 -13.90 17.94 -40.45
CA TYR F 165 -14.87 18.29 -39.41
C TYR F 165 -14.16 18.85 -38.19
N GLN F 166 -13.00 18.29 -37.88
CA GLN F 166 -12.25 18.70 -36.70
C GLN F 166 -11.49 20.01 -36.95
N GLN F 167 -11.08 20.23 -38.20
CA GLN F 167 -10.38 21.45 -38.57
C GLN F 167 -11.33 22.64 -38.57
N LEU F 168 -12.58 22.38 -38.95
CA LEU F 168 -13.61 23.42 -38.97
C LEU F 168 -14.08 23.79 -37.57
N LEU F 169 -13.86 22.87 -36.63
CA LEU F 169 -14.37 23.04 -35.27
C LEU F 169 -13.33 23.65 -34.32
N GLN F 170 -12.15 23.03 -34.26
CA GLN F 170 -11.12 23.43 -33.31
C GLN F 170 -10.41 24.73 -33.66
N SER F 171 -10.06 25.50 -32.63
CA SER F 171 -9.26 26.70 -32.80
C SER F 171 -8.13 26.70 -31.76
N SER F 172 -6.90 26.60 -32.23
CA SER F 172 -5.75 26.48 -31.35
C SER F 172 -4.81 27.68 -31.44
N SER F 173 -4.15 28.00 -30.33
CA SER F 173 -3.17 29.06 -30.29
C SER F 173 -1.78 28.50 -30.54
N SER F 174 -1.69 27.17 -30.54
CA SER F 174 -0.43 26.48 -30.81
C SER F 174 -0.53 25.72 -32.12
N ALA F 175 0.60 25.19 -32.59
CA ALA F 175 0.63 24.42 -33.82
C ALA F 175 -0.09 23.09 -33.66
N ALA F 176 0.15 22.44 -32.53
CA ALA F 176 -0.44 21.14 -32.25
C ALA F 176 -1.88 21.25 -31.75
N VAL F 177 -2.81 20.72 -32.53
CA VAL F 177 -4.21 20.66 -32.11
C VAL F 177 -4.52 19.28 -31.56
N ASP F 178 -4.24 19.09 -30.27
CA ASP F 178 -4.43 17.80 -29.63
C ASP F 178 -5.86 17.62 -29.12
N ILE F 179 -6.55 16.63 -29.66
CA ILE F 179 -7.93 16.35 -29.25
C ILE F 179 -8.02 15.00 -28.57
N LYS F 180 -9.05 14.83 -27.75
CA LYS F 180 -9.27 13.57 -27.05
C LYS F 180 -10.57 12.91 -27.51
N ALA F 181 -10.79 11.66 -27.08
CA ALA F 181 -11.94 10.89 -27.51
C ALA F 181 -13.27 11.53 -27.11
N SER F 182 -13.26 12.30 -26.03
CA SER F 182 -14.47 12.95 -25.54
C SER F 182 -14.91 14.09 -26.44
N ASP F 183 -13.98 14.60 -27.25
CA ASP F 183 -14.26 15.72 -28.14
C ASP F 183 -14.88 15.26 -29.45
N LEU F 184 -15.21 13.96 -29.53
CA LEU F 184 -15.74 13.39 -30.76
C LEU F 184 -17.24 13.11 -30.64
N PRO F 185 -17.99 13.38 -31.72
CA PRO F 185 -19.41 13.03 -31.81
C PRO F 185 -19.58 11.53 -31.64
N GLN F 186 -20.59 11.13 -30.85
CA GLN F 186 -20.72 9.73 -30.47
C GLN F 186 -22.04 9.12 -30.96
N SER F 187 -23.05 9.97 -31.17
CA SER F 187 -24.40 9.48 -31.44
C SER F 187 -25.07 10.17 -32.63
N GLY F 188 -24.75 11.44 -32.84
CA GLY F 188 -25.39 12.20 -33.89
C GLY F 188 -26.06 13.44 -33.34
N ASP F 189 -26.56 13.32 -32.11
CA ASP F 189 -27.15 14.46 -31.41
C ASP F 189 -26.04 15.34 -30.85
N GLN F 190 -24.80 14.87 -30.97
CA GLN F 190 -23.64 15.60 -30.50
C GLN F 190 -22.91 16.26 -31.67
N VAL F 191 -23.32 15.91 -32.89
CA VAL F 191 -22.72 16.47 -34.09
C VAL F 191 -23.08 17.94 -34.24
N ASN F 192 -22.06 18.78 -34.36
CA ASN F 192 -22.26 20.21 -34.56
C ASN F 192 -22.79 20.47 -35.97
N LYS F 193 -24.09 20.73 -36.09
CA LYS F 193 -24.72 20.95 -37.38
C LYS F 193 -24.20 22.18 -38.11
N ASP F 194 -23.66 23.14 -37.34
CA ASP F 194 -23.07 24.34 -37.93
C ASP F 194 -21.80 23.99 -38.69
N ILE F 195 -20.97 23.15 -38.08
CA ILE F 195 -19.75 22.66 -38.72
C ILE F 195 -20.13 21.81 -39.92
N THR F 196 -21.24 21.08 -39.79
CA THR F 196 -21.74 20.20 -40.83
C THR F 196 -22.08 20.96 -42.11
N GLN F 197 -22.82 22.06 -41.99
CA GLN F 197 -23.22 22.84 -43.16
C GLN F 197 -22.01 23.48 -43.82
N LYS F 198 -20.98 23.79 -43.03
CA LYS F 198 -19.74 24.33 -43.57
C LYS F 198 -19.07 23.27 -44.44
N TYR F 199 -19.11 22.02 -43.97
CA TYR F 199 -18.56 20.90 -44.71
C TYR F 199 -19.33 20.71 -46.01
N ARG F 200 -20.65 20.83 -45.93
CA ARG F 200 -21.51 20.62 -47.10
C ARG F 200 -21.31 21.67 -48.18
N THR F 201 -20.91 22.88 -47.78
CA THR F 201 -20.64 23.94 -48.75
C THR F 201 -19.46 23.57 -49.64
N ILE F 202 -18.40 23.05 -49.03
CA ILE F 202 -17.24 22.59 -49.78
C ILE F 202 -17.59 21.37 -50.62
N LEU F 203 -18.37 20.47 -50.03
CA LEU F 203 -18.81 19.27 -50.72
C LEU F 203 -19.64 19.61 -51.96
N ASP F 204 -20.51 20.61 -51.83
CA ASP F 204 -21.33 21.06 -52.96
C ASP F 204 -20.48 21.70 -54.05
N SER F 205 -19.34 22.23 -53.66
CA SER F 205 -18.42 22.85 -54.60
C SER F 205 -17.49 21.82 -55.22
N THR F 206 -17.66 20.56 -54.81
CA THR F 206 -16.79 19.48 -55.27
C THR F 206 -17.43 18.66 -56.39
N VAL F 207 -16.68 18.47 -57.48
CA VAL F 207 -17.14 17.65 -58.59
C VAL F 207 -17.00 16.17 -58.24
N VAL F 208 -18.04 15.39 -58.53
CA VAL F 208 -17.97 13.95 -58.33
C VAL F 208 -17.03 13.32 -59.34
N ALA F 209 -15.76 13.23 -58.97
CA ALA F 209 -14.73 12.71 -59.86
C ALA F 209 -13.58 12.10 -59.08
N SER F 210 -13.00 11.03 -59.63
CA SER F 210 -11.88 10.35 -58.99
C SER F 210 -10.58 11.09 -59.29
N GLN F 211 -9.55 10.76 -58.52
CA GLN F 211 -8.24 11.37 -58.71
C GLN F 211 -7.66 10.99 -60.07
N ARG F 212 -7.97 9.77 -60.52
CA ARG F 212 -7.50 9.30 -61.82
C ARG F 212 -8.17 10.02 -62.98
N GLU F 213 -9.47 10.28 -62.84
CA GLU F 213 -10.22 11.02 -63.86
C GLU F 213 -9.65 12.42 -64.07
N TYR F 214 -9.19 13.03 -62.98
CA TYR F 214 -8.62 14.37 -63.06
C TYR F 214 -7.25 14.35 -63.72
N ILE F 215 -6.37 13.46 -63.25
CA ILE F 215 -5.01 13.35 -63.78
C ILE F 215 -5.03 13.05 -65.27
N ASN F 216 -5.90 12.15 -65.69
CA ASN F 216 -6.06 11.83 -67.10
C ASN F 216 -6.52 13.03 -67.92
N SER F 217 -7.43 13.81 -67.34
CA SER F 217 -7.96 15.00 -68.01
C SER F 217 -6.88 16.06 -68.22
N VAL F 218 -5.97 16.16 -67.26
CA VAL F 218 -4.86 17.11 -67.35
C VAL F 218 -3.88 16.67 -68.43
N LYS F 219 -3.64 15.36 -68.52
CA LYS F 219 -2.73 14.81 -69.52
C LYS F 219 -3.24 15.03 -70.94
N GLN F 220 -4.56 15.02 -71.10
CA GLN F 220 -5.18 15.12 -72.42
C GLN F 220 -5.46 16.56 -72.82
N GLY F 221 -4.93 17.51 -72.04
CA GLY F 221 -5.12 18.91 -72.34
C GLY F 221 -6.56 19.35 -72.26
N LYS F 222 -7.34 18.66 -71.42
CA LYS F 222 -8.76 18.97 -71.27
C LYS F 222 -9.18 18.76 -69.82
N PRO F 223 -8.71 19.62 -68.91
CA PRO F 223 -8.95 19.45 -67.47
C PRO F 223 -10.44 19.52 -67.14
N ILE F 224 -10.90 18.63 -66.27
CA ILE F 224 -12.30 18.63 -65.85
C ILE F 224 -12.56 19.74 -64.84
N SER F 225 -11.48 20.35 -64.35
CA SER F 225 -11.58 21.47 -63.42
C SER F 225 -10.27 22.26 -63.36
N ASN F 226 -10.36 23.52 -62.93
CA ASN F 226 -9.16 24.34 -62.77
C ASN F 226 -8.66 24.32 -61.32
N TYR F 227 -9.43 23.68 -60.45
CA TYR F 227 -9.07 23.61 -59.04
C TYR F 227 -8.97 22.17 -58.56
N TYR F 228 -7.80 21.81 -58.03
CA TYR F 228 -7.59 20.48 -57.48
C TYR F 228 -7.10 20.55 -56.04
N VAL F 229 -7.71 19.73 -55.17
CA VAL F 229 -7.27 19.65 -53.79
C VAL F 229 -6.85 18.22 -53.45
N GLY F 230 -5.66 18.06 -52.89
CA GLY F 230 -5.16 16.76 -52.51
C GLY F 230 -3.71 16.81 -52.04
N TYR F 231 -3.16 15.64 -51.74
CA TYR F 231 -1.77 15.55 -51.33
C TYR F 231 -0.86 15.94 -52.49
N SER F 232 0.34 16.42 -52.17
CA SER F 232 1.31 16.78 -53.20
C SER F 232 1.76 15.53 -53.95
N GLU F 233 1.73 14.40 -53.26
CA GLU F 233 2.13 13.12 -53.84
C GLU F 233 1.18 12.68 -54.94
N SER F 234 -0.09 13.07 -54.82
CA SER F 234 -1.11 12.66 -55.77
C SER F 234 -1.05 13.45 -57.08
N MET F 235 -0.07 14.35 -57.18
CA MET F 235 0.10 15.16 -58.38
C MET F 235 1.35 14.77 -59.14
N CYS F 236 1.99 13.68 -58.71
CA CYS F 236 3.29 13.29 -59.24
C CYS F 236 3.25 12.84 -60.70
N GLU F 237 2.07 12.41 -61.15
CA GLU F 237 1.93 11.92 -62.52
C GLU F 237 1.92 13.05 -63.54
N ILE F 238 1.75 14.28 -63.07
CA ILE F 238 1.74 15.44 -63.95
C ILE F 238 2.73 16.50 -63.49
N LYS F 239 3.80 16.08 -62.84
CA LYS F 239 4.78 17.00 -62.28
C LYS F 239 5.46 17.86 -63.35
N ASP F 240 5.45 17.37 -64.59
CA ASP F 240 6.03 18.12 -65.70
C ASP F 240 5.04 19.13 -66.26
N ILE F 241 3.77 18.71 -66.40
CA ILE F 241 2.72 19.60 -66.87
C ILE F 241 2.52 20.76 -65.90
N ILE F 242 2.64 20.45 -64.61
CA ILE F 242 2.58 21.48 -63.57
C ILE F 242 3.71 22.49 -63.76
N ARG F 243 4.91 21.97 -64.04
CA ARG F 243 6.08 22.81 -64.24
C ARG F 243 6.02 23.57 -65.58
N ASP F 244 5.73 22.85 -66.65
CA ASP F 244 5.71 23.43 -67.99
C ASP F 244 4.61 24.48 -68.17
N GLN F 245 3.39 24.12 -67.80
CA GLN F 245 2.26 25.03 -67.97
C GLN F 245 2.17 26.05 -66.83
N GLN F 246 3.01 25.87 -65.82
CA GLN F 246 3.05 26.77 -64.65
C GLN F 246 1.77 26.75 -63.81
N TYR F 247 1.49 25.60 -63.20
CA TYR F 247 0.40 25.49 -62.23
C TYR F 247 0.86 26.05 -60.89
N ASN F 248 -0.09 26.45 -60.06
CA ASN F 248 0.23 26.98 -58.74
C ASN F 248 -0.23 26.07 -57.61
N VAL F 249 0.61 25.94 -56.59
CA VAL F 249 0.25 25.21 -55.38
C VAL F 249 0.33 26.12 -54.17
N GLN F 250 -0.55 25.89 -53.19
CA GLN F 250 -0.56 26.70 -51.98
C GLN F 250 -1.15 25.97 -50.79
N LEU F 251 -0.65 26.29 -49.60
CA LEU F 251 -1.26 25.83 -48.37
C LEU F 251 -2.60 26.52 -48.22
N ILE F 252 -3.67 25.73 -48.19
CA ILE F 252 -5.00 26.30 -47.99
C ILE F 252 -5.74 25.56 -46.87
N GLY F 253 -6.25 26.33 -45.92
CA GLY F 253 -6.97 25.76 -44.80
C GLY F 253 -8.41 25.46 -45.17
N THR F 254 -9.02 24.52 -44.45
CA THR F 254 -10.43 24.22 -44.63
C THR F 254 -11.21 25.45 -44.18
N SER F 255 -10.69 26.12 -43.15
CA SER F 255 -11.22 27.38 -42.68
C SER F 255 -10.12 28.15 -41.97
N ASP F 256 -9.67 29.23 -42.58
CA ASP F 256 -8.59 30.06 -42.05
C ASP F 256 -7.29 29.31 -41.86
N LYS F 257 -7.16 28.61 -40.73
CA LYS F 257 -5.92 27.92 -40.39
C LYS F 257 -5.65 26.71 -41.28
N PRO F 258 -4.48 26.69 -41.94
CA PRO F 258 -4.06 25.56 -42.78
C PRO F 258 -3.47 24.42 -41.96
N TYR F 259 -3.92 23.19 -42.25
CA TYR F 259 -3.46 22.02 -41.53
C TYR F 259 -2.50 21.19 -42.38
N VAL F 260 -1.54 20.55 -41.72
CA VAL F 260 -0.61 19.65 -42.40
C VAL F 260 -0.49 18.31 -41.67
N TYR F 261 0.04 17.32 -42.37
CA TYR F 261 0.37 16.04 -41.77
C TYR F 261 1.90 15.92 -41.70
N THR F 262 2.40 15.23 -40.70
CA THR F 262 3.83 14.93 -40.62
C THR F 262 4.07 13.48 -40.23
N ASP F 263 5.02 12.85 -40.92
CA ASP F 263 5.43 11.49 -40.58
C ASP F 263 6.72 11.54 -39.78
N VAL F 264 6.68 10.97 -38.58
CA VAL F 264 7.81 11.08 -37.66
C VAL F 264 8.46 9.73 -37.38
N LEU F 265 9.75 9.62 -37.71
CA LEU F 265 10.53 8.44 -37.41
C LEU F 265 10.83 8.38 -35.91
N ALA F 266 10.17 7.46 -35.21
CA ALA F 266 10.34 7.34 -33.77
C ALA F 266 11.13 6.09 -33.39
N LEU F 267 11.59 6.04 -32.15
CA LEU F 267 12.35 4.90 -31.65
C LEU F 267 11.56 4.14 -30.58
N ASN F 268 11.70 2.82 -30.58
CA ASN F 268 11.07 2.00 -29.56
C ASN F 268 11.73 2.25 -28.20
N SER F 269 10.92 2.32 -27.15
CA SER F 269 11.43 2.63 -25.82
C SER F 269 12.28 1.51 -25.25
N ASN F 270 12.16 0.31 -25.82
CA ASN F 270 12.91 -0.84 -25.32
C ASN F 270 14.28 -1.02 -25.99
N LEU F 271 14.62 -0.08 -26.87
CA LEU F 271 15.91 -0.13 -27.58
C LEU F 271 17.09 -0.04 -26.61
N CYS F 272 18.12 -0.82 -26.87
CA CYS F 272 19.33 -0.79 -26.05
C CYS F 272 20.16 0.44 -26.41
N ASP F 273 21.43 0.43 -26.02
CA ASP F 273 22.30 1.56 -26.28
C ASP F 273 23.07 1.40 -27.58
N GLU F 274 23.29 0.15 -27.99
CA GLU F 274 24.00 -0.12 -29.23
C GLU F 274 23.07 0.03 -30.43
N LYS F 275 21.86 -0.50 -30.31
CA LYS F 275 20.84 -0.33 -31.35
C LYS F 275 20.45 1.14 -31.49
N GLN F 276 20.56 1.87 -30.41
CA GLN F 276 20.23 3.30 -30.37
C GLN F 276 21.07 4.08 -31.38
N LYS F 277 22.30 3.64 -31.58
CA LYS F 277 23.21 4.30 -32.51
C LYS F 277 22.92 3.94 -33.96
N VAL F 278 22.71 2.66 -34.22
CA VAL F 278 22.43 2.20 -35.58
C VAL F 278 21.09 2.74 -36.06
N ALA F 279 20.17 2.92 -35.13
CA ALA F 279 18.86 3.49 -35.43
C ALA F 279 19.01 4.89 -35.98
N VAL F 280 19.71 5.75 -35.24
CA VAL F 280 19.97 7.11 -35.66
C VAL F 280 20.79 7.12 -36.94
N GLU F 281 21.70 6.16 -37.06
CA GLU F 281 22.56 6.04 -38.24
C GLU F 281 21.76 5.72 -39.48
N VAL F 282 20.72 4.90 -39.32
CA VAL F 282 19.83 4.54 -40.43
C VAL F 282 18.86 5.68 -40.72
N ILE F 283 18.31 6.27 -39.66
CA ILE F 283 17.40 7.40 -39.79
C ILE F 283 18.09 8.58 -40.47
N LYS F 284 19.35 8.81 -40.12
CA LYS F 284 20.13 9.89 -40.71
C LYS F 284 20.25 9.73 -42.22
N ASN F 285 20.39 8.48 -42.67
CA ASN F 285 20.47 8.20 -44.09
C ASN F 285 19.11 8.32 -44.78
N LEU F 286 18.05 7.97 -44.05
CA LEU F 286 16.69 8.05 -44.58
C LEU F 286 16.26 9.49 -44.84
N LEU F 287 16.97 10.44 -44.23
CA LEU F 287 16.59 11.84 -44.31
C LEU F 287 17.58 12.70 -45.10
N THR F 288 18.81 12.21 -45.25
CA THR F 288 19.86 13.01 -45.87
C THR F 288 20.40 12.46 -47.19
N ASN F 289 20.16 11.18 -47.45
CA ASN F 289 20.61 10.57 -48.71
C ASN F 289 19.97 11.25 -49.90
N THR F 290 20.81 11.83 -50.76
CA THR F 290 20.35 12.61 -51.90
C THR F 290 19.55 11.75 -52.89
N LEU F 291 19.92 10.48 -53.01
CA LEU F 291 19.22 9.57 -53.91
C LEU F 291 17.79 9.32 -53.42
N VAL F 292 17.63 9.23 -52.11
CA VAL F 292 16.31 9.08 -51.52
C VAL F 292 15.50 10.35 -51.74
N LEU F 293 16.12 11.48 -51.46
CA LEU F 293 15.46 12.78 -51.63
C LEU F 293 15.04 13.02 -53.08
N ASP F 294 15.89 12.62 -54.00
CA ASP F 294 15.60 12.77 -55.43
C ASP F 294 14.43 11.90 -55.88
N LEU F 295 14.34 10.70 -55.30
CA LEU F 295 13.23 9.80 -55.60
C LEU F 295 11.93 10.35 -55.02
N LEU F 296 12.03 11.01 -53.87
CA LEU F 296 10.87 11.68 -53.27
C LEU F 296 10.45 12.84 -54.17
N GLY F 297 11.42 13.47 -54.81
CA GLY F 297 11.17 14.57 -55.73
C GLY F 297 10.37 14.14 -56.94
N LEU F 298 10.65 12.92 -57.42
CA LEU F 298 9.93 12.38 -58.57
C LEU F 298 8.48 12.10 -58.20
N GLY F 299 8.25 11.74 -56.95
CA GLY F 299 6.91 11.46 -56.47
C GLY F 299 6.26 12.68 -55.83
N LEU F 300 6.93 13.82 -55.91
CA LEU F 300 6.45 15.06 -55.31
C LEU F 300 6.13 14.89 -53.83
N THR F 301 6.94 14.08 -53.15
CA THR F 301 6.77 13.84 -51.72
C THR F 301 7.68 14.78 -50.93
N LEU F 302 7.11 15.46 -49.95
CA LEU F 302 7.82 16.50 -49.22
C LEU F 302 8.60 15.96 -48.03
N PRO F 303 9.91 16.25 -47.99
CA PRO F 303 10.69 16.01 -46.78
C PRO F 303 10.22 16.96 -45.68
N ALA F 304 10.45 16.61 -44.41
CA ALA F 304 9.97 17.42 -43.31
C ALA F 304 10.93 18.54 -42.93
N ASN F 305 12.23 18.28 -43.06
CA ASN F 305 13.24 19.26 -42.67
C ASN F 305 13.47 20.33 -43.74
N LYS F 306 13.96 21.49 -43.30
CA LYS F 306 14.22 22.60 -44.22
C LYS F 306 15.32 22.27 -45.23
N ASN F 307 16.29 21.47 -44.80
CA ASN F 307 17.39 21.05 -45.67
C ASN F 307 16.92 20.20 -46.83
N GLY F 308 16.01 19.26 -46.54
CA GLY F 308 15.47 18.38 -47.56
C GLY F 308 14.61 19.11 -48.56
N ILE F 309 13.83 20.07 -48.07
CA ILE F 309 12.96 20.87 -48.93
C ILE F 309 13.82 21.75 -49.84
N ALA F 310 14.85 22.34 -49.26
CA ALA F 310 15.77 23.20 -50.00
C ALA F 310 16.48 22.43 -51.12
N HIS F 311 16.85 21.19 -50.83
CA HIS F 311 17.54 20.34 -51.79
C HIS F 311 16.70 20.11 -53.05
N LEU F 312 15.41 19.92 -52.87
CA LEU F 312 14.51 19.67 -53.99
C LEU F 312 14.00 20.96 -54.61
N ALA F 313 14.14 22.06 -53.88
CA ALA F 313 13.70 23.37 -54.38
C ALA F 313 14.71 23.96 -55.36
N LYS F 314 15.96 23.50 -55.26
CA LYS F 314 17.02 24.00 -56.12
C LYS F 314 16.90 23.50 -57.55
N SER F 315 15.98 22.55 -57.78
CA SER F 315 15.80 21.97 -59.10
C SER F 315 14.32 21.91 -59.51
N SER F 316 13.44 22.29 -58.60
CA SER F 316 12.00 22.24 -58.88
C SER F 316 11.27 23.50 -58.39
N ASN F 317 10.42 24.04 -59.25
CA ASN F 317 9.62 25.21 -58.90
C ASN F 317 8.44 24.83 -58.02
N PHE F 318 8.04 23.56 -58.12
CA PHE F 318 6.96 23.02 -57.31
C PHE F 318 7.34 23.10 -55.82
N TYR F 319 8.51 22.58 -55.50
CA TYR F 319 9.01 22.61 -54.13
C TYR F 319 9.36 24.03 -53.70
N ALA F 320 9.63 24.89 -54.67
CA ALA F 320 9.96 26.28 -54.40
C ALA F 320 8.76 27.04 -53.86
N GLN F 321 7.60 26.84 -54.49
CA GLN F 321 6.37 27.49 -54.05
C GLN F 321 5.96 27.01 -52.65
N LEU F 322 6.14 25.73 -52.40
CA LEU F 322 5.79 25.16 -51.10
C LEU F 322 6.74 25.64 -50.01
N SER F 323 8.02 25.76 -50.36
CA SER F 323 9.02 26.25 -49.42
C SER F 323 8.72 27.70 -49.05
N GLN F 324 8.26 28.47 -50.03
CA GLN F 324 7.85 29.84 -49.79
C GLN F 324 6.57 29.87 -48.97
N GLN F 325 5.68 28.93 -49.26
CA GLN F 325 4.39 28.85 -48.58
C GLN F 325 4.57 28.48 -47.11
N PHE F 326 5.53 27.61 -46.84
CA PHE F 326 5.78 27.15 -45.48
C PHE F 326 6.37 28.25 -44.60
N ASP F 327 7.29 29.03 -45.16
CA ASP F 327 7.95 30.10 -44.40
C ASP F 327 7.02 31.29 -44.19
N ALA F 328 6.06 31.46 -45.09
CA ALA F 328 5.16 32.61 -45.04
C ALA F 328 3.97 32.39 -44.12
N LYS F 329 3.60 31.13 -43.91
CA LYS F 329 2.43 30.81 -43.10
C LYS F 329 2.81 29.91 -41.92
N GLU F 330 4.09 29.95 -41.56
CA GLU F 330 4.65 29.06 -40.53
C GLU F 330 3.92 29.12 -39.19
N SER F 331 3.47 30.31 -38.81
CA SER F 331 2.80 30.50 -37.52
C SER F 331 1.30 30.22 -37.61
N GLU F 332 0.81 29.95 -38.81
CA GLU F 332 -0.61 29.71 -39.02
C GLU F 332 -0.91 28.22 -39.20
N VAL F 333 0.14 27.44 -39.44
CA VAL F 333 0.00 26.01 -39.68
C VAL F 333 -0.44 25.25 -38.43
N ARG F 334 -1.45 24.41 -38.59
CA ARG F 334 -1.95 23.57 -37.50
C ARG F 334 -1.68 22.11 -37.78
N VAL F 335 -1.60 21.30 -36.72
CA VAL F 335 -1.42 19.86 -36.85
C VAL F 335 -2.37 19.11 -35.91
N LEU F 336 -3.30 18.38 -36.49
CA LEU F 336 -4.28 17.63 -35.70
C LEU F 336 -3.67 16.36 -35.12
N ARG F 337 -3.80 16.20 -33.80
CA ARG F 337 -3.25 15.05 -33.11
C ARG F 337 -4.26 14.44 -32.15
N CYS F 338 -4.04 13.17 -31.80
CA CYS F 338 -4.95 12.45 -30.92
C CYS F 338 -4.28 12.07 -29.61
N VAL F 339 -4.93 12.43 -28.50
CA VAL F 339 -4.34 12.24 -27.18
C VAL F 339 -4.53 10.81 -26.64
N ASP F 340 -5.74 10.27 -26.78
CA ASP F 340 -6.05 8.98 -26.18
C ASP F 340 -6.87 8.07 -27.09
N PHE F 341 -6.70 8.19 -28.39
CA PHE F 341 -7.37 7.30 -29.34
C PHE F 341 -6.63 7.19 -30.67
N ALA F 342 -7.13 6.35 -31.56
CA ALA F 342 -6.50 6.14 -32.86
C ALA F 342 -7.49 5.76 -33.96
N ASN F 343 -7.16 4.73 -34.72
CA ASN F 343 -7.88 4.38 -35.93
C ASN F 343 -9.33 3.94 -35.74
N LYS F 344 -9.60 3.19 -34.67
CA LYS F 344 -10.96 2.72 -34.40
C LYS F 344 -11.90 3.89 -34.19
N GLU F 345 -11.46 4.86 -33.39
CA GLU F 345 -12.29 6.01 -33.06
C GLU F 345 -12.42 6.98 -34.24
N VAL F 346 -11.37 7.07 -35.05
CA VAL F 346 -11.41 7.93 -36.23
C VAL F 346 -12.44 7.41 -37.23
N LYS F 347 -12.43 6.10 -37.46
CA LYS F 347 -13.39 5.49 -38.36
C LYS F 347 -14.80 5.52 -37.77
N ASN F 348 -14.90 5.33 -36.46
CA ASN F 348 -16.19 5.44 -35.76
C ASN F 348 -16.78 6.84 -35.90
N CYS F 349 -15.96 7.85 -35.62
CA CYS F 349 -16.38 9.24 -35.69
C CYS F 349 -16.79 9.61 -37.11
N ALA F 350 -16.03 9.12 -38.09
CA ALA F 350 -16.33 9.36 -39.49
C ALA F 350 -17.65 8.73 -39.89
N GLY F 351 -17.97 7.60 -39.25
CA GLY F 351 -19.22 6.91 -39.52
C GLY F 351 -20.42 7.63 -38.94
N VAL F 352 -20.17 8.40 -37.88
CA VAL F 352 -21.22 9.20 -37.25
C VAL F 352 -21.52 10.44 -38.07
N LEU F 353 -20.47 11.04 -38.62
CA LEU F 353 -20.58 12.30 -39.36
C LEU F 353 -21.18 12.14 -40.76
N ARG F 354 -20.83 11.05 -41.42
CA ARG F 354 -21.25 10.83 -42.81
C ARG F 354 -22.74 10.98 -43.14
N PRO F 355 -23.65 10.50 -42.26
CA PRO F 355 -25.07 10.71 -42.56
C PRO F 355 -25.48 12.18 -42.65
N PHE F 356 -24.70 13.07 -42.04
CA PHE F 356 -25.01 14.49 -42.06
C PHE F 356 -24.27 15.22 -43.17
N LEU F 357 -23.58 14.47 -44.02
CA LEU F 357 -22.82 15.06 -45.12
C LEU F 357 -23.47 14.77 -46.46
#